data_3BCH
# 
_entry.id   3BCH 
# 
_audit_conform.dict_name       mmcif_pdbx.dic 
_audit_conform.dict_version    5.387 
_audit_conform.dict_location   http://mmcif.pdb.org/dictionaries/ascii/mmcif_pdbx.dic 
# 
loop_
_database_2.database_id 
_database_2.database_code 
_database_2.pdbx_database_accession 
_database_2.pdbx_DOI 
PDB   3BCH         pdb_00003bch 10.2210/pdb3bch/pdb 
RCSB  RCSB045350   ?            ?                   
WWPDB D_1000045350 ?            ?                   
# 
loop_
_pdbx_audit_revision_history.ordinal 
_pdbx_audit_revision_history.data_content_type 
_pdbx_audit_revision_history.major_revision 
_pdbx_audit_revision_history.minor_revision 
_pdbx_audit_revision_history.revision_date 
1 'Structure model' 1 0 2007-12-04 
2 'Structure model' 1 1 2011-07-13 
3 'Structure model' 1 2 2024-02-21 
# 
_pdbx_audit_revision_details.ordinal             1 
_pdbx_audit_revision_details.revision_ordinal    1 
_pdbx_audit_revision_details.data_content_type   'Structure model' 
_pdbx_audit_revision_details.provider            repository 
_pdbx_audit_revision_details.type                'Initial release' 
_pdbx_audit_revision_details.description         ? 
_pdbx_audit_revision_details.details             ? 
# 
loop_
_pdbx_audit_revision_group.ordinal 
_pdbx_audit_revision_group.revision_ordinal 
_pdbx_audit_revision_group.data_content_type 
_pdbx_audit_revision_group.group 
1 2 'Structure model' 'Version format compliance' 
2 3 'Structure model' 'Data collection'           
3 3 'Structure model' 'Database references'       
# 
loop_
_pdbx_audit_revision_category.ordinal 
_pdbx_audit_revision_category.revision_ordinal 
_pdbx_audit_revision_category.data_content_type 
_pdbx_audit_revision_category.category 
1 3 'Structure model' chem_comp_atom     
2 3 'Structure model' chem_comp_bond     
3 3 'Structure model' database_2         
4 3 'Structure model' struct_ref_seq_dif 
# 
loop_
_pdbx_audit_revision_item.ordinal 
_pdbx_audit_revision_item.revision_ordinal 
_pdbx_audit_revision_item.data_content_type 
_pdbx_audit_revision_item.item 
1 3 'Structure model' '_database_2.pdbx_DOI'                
2 3 'Structure model' '_database_2.pdbx_database_accession' 
3 3 'Structure model' '_struct_ref_seq_dif.details'         
# 
_pdbx_database_status.status_code                     REL 
_pdbx_database_status.entry_id                        3BCH 
_pdbx_database_status.recvd_initial_deposition_date   2007-11-12 
_pdbx_database_status.deposit_site                    RCSB 
_pdbx_database_status.process_site                    RCSB 
_pdbx_database_status.status_code_sf                  REL 
_pdbx_database_status.status_code_mr                  ? 
_pdbx_database_status.SG_entry                        ? 
_pdbx_database_status.pdb_format_compatible           Y 
_pdbx_database_status.status_code_cs                  ? 
_pdbx_database_status.status_code_nmr_data            ? 
_pdbx_database_status.methods_development_category    ? 
# 
loop_
_audit_author.name 
_audit_author.pdbx_ordinal 
'Jamieson, K.V.' 1 
'Wu, J.'         2 
'Hubbard, S.R.'  3 
'Meruelo, D.'    4 
# 
_citation.id                        primary 
_citation.title                     'Crystal structure of the human laminin receptor precursor.' 
_citation.journal_abbrev            J.Biol.Chem. 
_citation.journal_volume            283 
_citation.page_first                3002 
_citation.page_last                 3005 
_citation.year                      2008 
_citation.journal_id_ASTM           JBCHA3 
_citation.country                   US 
_citation.journal_id_ISSN           0021-9258 
_citation.journal_id_CSD            0071 
_citation.book_publisher            ? 
_citation.pdbx_database_id_PubMed   18063583 
_citation.pdbx_database_id_DOI      10.1074/jbc.C700206200 
# 
loop_
_citation_author.citation_id 
_citation_author.name 
_citation_author.ordinal 
_citation_author.identifier_ORCID 
primary 'Jamieson, K.V.' 1 ? 
primary 'Wu, J.'         2 ? 
primary 'Hubbard, S.R.'  3 ? 
primary 'Meruelo, D.'    4 ? 
# 
loop_
_entity.id 
_entity.type 
_entity.src_method 
_entity.pdbx_description 
_entity.formula_weight 
_entity.pdbx_number_of_molecules 
_entity.pdbx_ec 
_entity.pdbx_mutation 
_entity.pdbx_fragment 
_entity.details 
1 polymer man '40S ribosomal protein SA' 28205.045 1   ? ? 'laminin receptor precursor (UNP residues 2-220)' ? 
2 water   nat water                      18.015    147 ? ? ?                                                 ? 
# 
_entity_name_com.entity_id   1 
_entity_name_com.name        
;p40, 34/67 kDa laminin receptor, Colon carcinoma laminin-binding protein, NEM/1CHD4, Multidrug resistance- associated protein MGr1-Ag
;
# 
_entity_poly.entity_id                      1 
_entity_poly.type                           'polypeptide(L)' 
_entity_poly.nstd_linkage                   no 
_entity_poly.nstd_monomer                   no 
_entity_poly.pdbx_seq_one_letter_code       
;MGSSHHHHHHSSGLVPRGSGTENLYFQGHMASGSSGALDVLQMKEEDVLKFLAAGTHLGGTNLDFQMEQYIYKRKSDGIY
IINLKRTWEKLLLAARAIVAIENPADVSVISSRNTGQRAVLKFAAATGATPIAGRFTPGTFTNQIQAAFREPRLLVVTDP
RADHQPLTEASYVNLPTIALCNTDSPLRYVDIAIPCNNKGAHSVGLMWWMLAREVLRMRGTISREHPWEVMPDLYFYRDP
EEIEKEEQAAAEK
;
_entity_poly.pdbx_seq_one_letter_code_can   
;MGSSHHHHHHSSGLVPRGSGTENLYFQGHMASGSSGALDVLQMKEEDVLKFLAAGTHLGGTNLDFQMEQYIYKRKSDGIY
IINLKRTWEKLLLAARAIVAIENPADVSVISSRNTGQRAVLKFAAATGATPIAGRFTPGTFTNQIQAAFREPRLLVVTDP
RADHQPLTEASYVNLPTIALCNTDSPLRYVDIAIPCNNKGAHSVGLMWWMLAREVLRMRGTISREHPWEVMPDLYFYRDP
EEIEKEEQAAAEK
;
_entity_poly.pdbx_strand_id                 A 
_entity_poly.pdbx_target_identifier         ? 
# 
_pdbx_entity_nonpoly.entity_id   2 
_pdbx_entity_nonpoly.name        water 
_pdbx_entity_nonpoly.comp_id     HOH 
# 
loop_
_entity_poly_seq.entity_id 
_entity_poly_seq.num 
_entity_poly_seq.mon_id 
_entity_poly_seq.hetero 
1 1   MET n 
1 2   GLY n 
1 3   SER n 
1 4   SER n 
1 5   HIS n 
1 6   HIS n 
1 7   HIS n 
1 8   HIS n 
1 9   HIS n 
1 10  HIS n 
1 11  SER n 
1 12  SER n 
1 13  GLY n 
1 14  LEU n 
1 15  VAL n 
1 16  PRO n 
1 17  ARG n 
1 18  GLY n 
1 19  SER n 
1 20  GLY n 
1 21  THR n 
1 22  GLU n 
1 23  ASN n 
1 24  LEU n 
1 25  TYR n 
1 26  PHE n 
1 27  GLN n 
1 28  GLY n 
1 29  HIS n 
1 30  MET n 
1 31  ALA n 
1 32  SER n 
1 33  GLY n 
1 34  SER n 
1 35  SER n 
1 36  GLY n 
1 37  ALA n 
1 38  LEU n 
1 39  ASP n 
1 40  VAL n 
1 41  LEU n 
1 42  GLN n 
1 43  MET n 
1 44  LYS n 
1 45  GLU n 
1 46  GLU n 
1 47  ASP n 
1 48  VAL n 
1 49  LEU n 
1 50  LYS n 
1 51  PHE n 
1 52  LEU n 
1 53  ALA n 
1 54  ALA n 
1 55  GLY n 
1 56  THR n 
1 57  HIS n 
1 58  LEU n 
1 59  GLY n 
1 60  GLY n 
1 61  THR n 
1 62  ASN n 
1 63  LEU n 
1 64  ASP n 
1 65  PHE n 
1 66  GLN n 
1 67  MET n 
1 68  GLU n 
1 69  GLN n 
1 70  TYR n 
1 71  ILE n 
1 72  TYR n 
1 73  LYS n 
1 74  ARG n 
1 75  LYS n 
1 76  SER n 
1 77  ASP n 
1 78  GLY n 
1 79  ILE n 
1 80  TYR n 
1 81  ILE n 
1 82  ILE n 
1 83  ASN n 
1 84  LEU n 
1 85  LYS n 
1 86  ARG n 
1 87  THR n 
1 88  TRP n 
1 89  GLU n 
1 90  LYS n 
1 91  LEU n 
1 92  LEU n 
1 93  LEU n 
1 94  ALA n 
1 95  ALA n 
1 96  ARG n 
1 97  ALA n 
1 98  ILE n 
1 99  VAL n 
1 100 ALA n 
1 101 ILE n 
1 102 GLU n 
1 103 ASN n 
1 104 PRO n 
1 105 ALA n 
1 106 ASP n 
1 107 VAL n 
1 108 SER n 
1 109 VAL n 
1 110 ILE n 
1 111 SER n 
1 112 SER n 
1 113 ARG n 
1 114 ASN n 
1 115 THR n 
1 116 GLY n 
1 117 GLN n 
1 118 ARG n 
1 119 ALA n 
1 120 VAL n 
1 121 LEU n 
1 122 LYS n 
1 123 PHE n 
1 124 ALA n 
1 125 ALA n 
1 126 ALA n 
1 127 THR n 
1 128 GLY n 
1 129 ALA n 
1 130 THR n 
1 131 PRO n 
1 132 ILE n 
1 133 ALA n 
1 134 GLY n 
1 135 ARG n 
1 136 PHE n 
1 137 THR n 
1 138 PRO n 
1 139 GLY n 
1 140 THR n 
1 141 PHE n 
1 142 THR n 
1 143 ASN n 
1 144 GLN n 
1 145 ILE n 
1 146 GLN n 
1 147 ALA n 
1 148 ALA n 
1 149 PHE n 
1 150 ARG n 
1 151 GLU n 
1 152 PRO n 
1 153 ARG n 
1 154 LEU n 
1 155 LEU n 
1 156 VAL n 
1 157 VAL n 
1 158 THR n 
1 159 ASP n 
1 160 PRO n 
1 161 ARG n 
1 162 ALA n 
1 163 ASP n 
1 164 HIS n 
1 165 GLN n 
1 166 PRO n 
1 167 LEU n 
1 168 THR n 
1 169 GLU n 
1 170 ALA n 
1 171 SER n 
1 172 TYR n 
1 173 VAL n 
1 174 ASN n 
1 175 LEU n 
1 176 PRO n 
1 177 THR n 
1 178 ILE n 
1 179 ALA n 
1 180 LEU n 
1 181 CYS n 
1 182 ASN n 
1 183 THR n 
1 184 ASP n 
1 185 SER n 
1 186 PRO n 
1 187 LEU n 
1 188 ARG n 
1 189 TYR n 
1 190 VAL n 
1 191 ASP n 
1 192 ILE n 
1 193 ALA n 
1 194 ILE n 
1 195 PRO n 
1 196 CYS n 
1 197 ASN n 
1 198 ASN n 
1 199 LYS n 
1 200 GLY n 
1 201 ALA n 
1 202 HIS n 
1 203 SER n 
1 204 VAL n 
1 205 GLY n 
1 206 LEU n 
1 207 MET n 
1 208 TRP n 
1 209 TRP n 
1 210 MET n 
1 211 LEU n 
1 212 ALA n 
1 213 ARG n 
1 214 GLU n 
1 215 VAL n 
1 216 LEU n 
1 217 ARG n 
1 218 MET n 
1 219 ARG n 
1 220 GLY n 
1 221 THR n 
1 222 ILE n 
1 223 SER n 
1 224 ARG n 
1 225 GLU n 
1 226 HIS n 
1 227 PRO n 
1 228 TRP n 
1 229 GLU n 
1 230 VAL n 
1 231 MET n 
1 232 PRO n 
1 233 ASP n 
1 234 LEU n 
1 235 TYR n 
1 236 PHE n 
1 237 TYR n 
1 238 ARG n 
1 239 ASP n 
1 240 PRO n 
1 241 GLU n 
1 242 GLU n 
1 243 ILE n 
1 244 GLU n 
1 245 LYS n 
1 246 GLU n 
1 247 GLU n 
1 248 GLN n 
1 249 ALA n 
1 250 ALA n 
1 251 ALA n 
1 252 GLU n 
1 253 LYS n 
# 
_entity_src_gen.entity_id                          1 
_entity_src_gen.pdbx_src_id                        1 
_entity_src_gen.pdbx_alt_source_flag               sample 
_entity_src_gen.pdbx_seq_type                      ? 
_entity_src_gen.pdbx_beg_seq_num                   ? 
_entity_src_gen.pdbx_end_seq_num                   ? 
_entity_src_gen.gene_src_common_name               human 
_entity_src_gen.gene_src_genus                     Homo 
_entity_src_gen.pdbx_gene_src_gene                 'RPSA, LAMBR, LAMR1' 
_entity_src_gen.gene_src_species                   ? 
_entity_src_gen.gene_src_strain                    ? 
_entity_src_gen.gene_src_tissue                    ? 
_entity_src_gen.gene_src_tissue_fraction           ? 
_entity_src_gen.gene_src_details                   ? 
_entity_src_gen.pdbx_gene_src_fragment             ? 
_entity_src_gen.pdbx_gene_src_scientific_name      'Homo sapiens' 
_entity_src_gen.pdbx_gene_src_ncbi_taxonomy_id     9606 
_entity_src_gen.pdbx_gene_src_variant              ? 
_entity_src_gen.pdbx_gene_src_cell_line            ? 
_entity_src_gen.pdbx_gene_src_atcc                 ? 
_entity_src_gen.pdbx_gene_src_organ                ? 
_entity_src_gen.pdbx_gene_src_organelle            ? 
_entity_src_gen.pdbx_gene_src_cell                 ? 
_entity_src_gen.pdbx_gene_src_cellular_location    ? 
_entity_src_gen.host_org_common_name               ? 
_entity_src_gen.pdbx_host_org_scientific_name      'Escherichia coli' 
_entity_src_gen.pdbx_host_org_ncbi_taxonomy_id     562 
_entity_src_gen.host_org_genus                     Escherichia 
_entity_src_gen.pdbx_host_org_gene                 ? 
_entity_src_gen.pdbx_host_org_organ                ? 
_entity_src_gen.host_org_species                   ? 
_entity_src_gen.pdbx_host_org_tissue               ? 
_entity_src_gen.pdbx_host_org_tissue_fraction      ? 
_entity_src_gen.pdbx_host_org_strain               ? 
_entity_src_gen.pdbx_host_org_variant              ? 
_entity_src_gen.pdbx_host_org_cell_line            ? 
_entity_src_gen.pdbx_host_org_atcc                 ? 
_entity_src_gen.pdbx_host_org_culture_collection   ? 
_entity_src_gen.pdbx_host_org_cell                 ? 
_entity_src_gen.pdbx_host_org_organelle            ? 
_entity_src_gen.pdbx_host_org_cellular_location    ? 
_entity_src_gen.pdbx_host_org_vector_type          ? 
_entity_src_gen.pdbx_host_org_vector               ? 
_entity_src_gen.host_org_details                   ? 
_entity_src_gen.expression_system_id               ? 
_entity_src_gen.plasmid_name                       ? 
_entity_src_gen.plasmid_details                    ? 
_entity_src_gen.pdbx_description                   ? 
# 
loop_
_chem_comp.id 
_chem_comp.type 
_chem_comp.mon_nstd_flag 
_chem_comp.name 
_chem_comp.pdbx_synonyms 
_chem_comp.formula 
_chem_comp.formula_weight 
ALA 'L-peptide linking' y ALANINE         ? 'C3 H7 N O2'     89.093  
ARG 'L-peptide linking' y ARGININE        ? 'C6 H15 N4 O2 1' 175.209 
ASN 'L-peptide linking' y ASPARAGINE      ? 'C4 H8 N2 O3'    132.118 
ASP 'L-peptide linking' y 'ASPARTIC ACID' ? 'C4 H7 N O4'     133.103 
CYS 'L-peptide linking' y CYSTEINE        ? 'C3 H7 N O2 S'   121.158 
GLN 'L-peptide linking' y GLUTAMINE       ? 'C5 H10 N2 O3'   146.144 
GLU 'L-peptide linking' y 'GLUTAMIC ACID' ? 'C5 H9 N O4'     147.129 
GLY 'peptide linking'   y GLYCINE         ? 'C2 H5 N O2'     75.067  
HIS 'L-peptide linking' y HISTIDINE       ? 'C6 H10 N3 O2 1' 156.162 
HOH non-polymer         . WATER           ? 'H2 O'           18.015  
ILE 'L-peptide linking' y ISOLEUCINE      ? 'C6 H13 N O2'    131.173 
LEU 'L-peptide linking' y LEUCINE         ? 'C6 H13 N O2'    131.173 
LYS 'L-peptide linking' y LYSINE          ? 'C6 H15 N2 O2 1' 147.195 
MET 'L-peptide linking' y METHIONINE      ? 'C5 H11 N O2 S'  149.211 
PHE 'L-peptide linking' y PHENYLALANINE   ? 'C9 H11 N O2'    165.189 
PRO 'L-peptide linking' y PROLINE         ? 'C5 H9 N O2'     115.130 
SER 'L-peptide linking' y SERINE          ? 'C3 H7 N O3'     105.093 
THR 'L-peptide linking' y THREONINE       ? 'C4 H9 N O3'     119.119 
TRP 'L-peptide linking' y TRYPTOPHAN      ? 'C11 H12 N2 O2'  204.225 
TYR 'L-peptide linking' y TYROSINE        ? 'C9 H11 N O3'    181.189 
VAL 'L-peptide linking' y VALINE          ? 'C5 H11 N O2'    117.146 
# 
loop_
_pdbx_poly_seq_scheme.asym_id 
_pdbx_poly_seq_scheme.entity_id 
_pdbx_poly_seq_scheme.seq_id 
_pdbx_poly_seq_scheme.mon_id 
_pdbx_poly_seq_scheme.ndb_seq_num 
_pdbx_poly_seq_scheme.pdb_seq_num 
_pdbx_poly_seq_scheme.auth_seq_num 
_pdbx_poly_seq_scheme.pdb_mon_id 
_pdbx_poly_seq_scheme.auth_mon_id 
_pdbx_poly_seq_scheme.pdb_strand_id 
_pdbx_poly_seq_scheme.pdb_ins_code 
_pdbx_poly_seq_scheme.hetero 
A 1 1   MET 1   -32 ?   ?   ?   A . n 
A 1 2   GLY 2   -31 ?   ?   ?   A . n 
A 1 3   SER 3   -30 ?   ?   ?   A . n 
A 1 4   SER 4   -29 ?   ?   ?   A . n 
A 1 5   HIS 5   -28 ?   ?   ?   A . n 
A 1 6   HIS 6   -27 ?   ?   ?   A . n 
A 1 7   HIS 7   -26 ?   ?   ?   A . n 
A 1 8   HIS 8   -25 ?   ?   ?   A . n 
A 1 9   HIS 9   -24 ?   ?   ?   A . n 
A 1 10  HIS 10  -23 ?   ?   ?   A . n 
A 1 11  SER 11  -22 ?   ?   ?   A . n 
A 1 12  SER 12  -21 ?   ?   ?   A . n 
A 1 13  GLY 13  -20 ?   ?   ?   A . n 
A 1 14  LEU 14  -19 ?   ?   ?   A . n 
A 1 15  VAL 15  -18 ?   ?   ?   A . n 
A 1 16  PRO 16  -17 ?   ?   ?   A . n 
A 1 17  ARG 17  -16 ?   ?   ?   A . n 
A 1 18  GLY 18  -15 ?   ?   ?   A . n 
A 1 19  SER 19  -14 ?   ?   ?   A . n 
A 1 20  GLY 20  -13 ?   ?   ?   A . n 
A 1 21  THR 21  -12 ?   ?   ?   A . n 
A 1 22  GLU 22  -11 ?   ?   ?   A . n 
A 1 23  ASN 23  -10 ?   ?   ?   A . n 
A 1 24  LEU 24  -9  ?   ?   ?   A . n 
A 1 25  TYR 25  -8  ?   ?   ?   A . n 
A 1 26  PHE 26  -7  ?   ?   ?   A . n 
A 1 27  GLN 27  -6  ?   ?   ?   A . n 
A 1 28  GLY 28  -5  ?   ?   ?   A . n 
A 1 29  HIS 29  -4  ?   ?   ?   A . n 
A 1 30  MET 30  -3  ?   ?   ?   A . n 
A 1 31  ALA 31  -2  ?   ?   ?   A . n 
A 1 32  SER 32  -1  ?   ?   ?   A . n 
A 1 33  GLY 33  0   ?   ?   ?   A . n 
A 1 34  SER 34  1   ?   ?   ?   A . n 
A 1 35  SER 35  2   ?   ?   ?   A . n 
A 1 36  GLY 36  3   ?   ?   ?   A . n 
A 1 37  ALA 37  4   ?   ?   ?   A . n 
A 1 38  LEU 38  5   ?   ?   ?   A . n 
A 1 39  ASP 39  6   ?   ?   ?   A . n 
A 1 40  VAL 40  7   ?   ?   ?   A . n 
A 1 41  LEU 41  8   ?   ?   ?   A . n 
A 1 42  GLN 42  9   9   GLN GLN A . n 
A 1 43  MET 43  10  10  MET MET A . n 
A 1 44  LYS 44  11  11  LYS LYS A . n 
A 1 45  GLU 45  12  12  GLU GLU A . n 
A 1 46  GLU 46  13  13  GLU GLU A . n 
A 1 47  ASP 47  14  14  ASP ASP A . n 
A 1 48  VAL 48  15  15  VAL VAL A . n 
A 1 49  LEU 49  16  16  LEU LEU A . n 
A 1 50  LYS 50  17  17  LYS LYS A . n 
A 1 51  PHE 51  18  18  PHE PHE A . n 
A 1 52  LEU 52  19  19  LEU LEU A . n 
A 1 53  ALA 53  20  20  ALA ALA A . n 
A 1 54  ALA 54  21  21  ALA ALA A . n 
A 1 55  GLY 55  22  22  GLY GLY A . n 
A 1 56  THR 56  23  23  THR THR A . n 
A 1 57  HIS 57  24  24  HIS HIS A . n 
A 1 58  LEU 58  25  25  LEU LEU A . n 
A 1 59  GLY 59  26  26  GLY GLY A . n 
A 1 60  GLY 60  27  27  GLY GLY A . n 
A 1 61  THR 61  28  28  THR THR A . n 
A 1 62  ASN 62  29  29  ASN ASN A . n 
A 1 63  LEU 63  30  30  LEU LEU A . n 
A 1 64  ASP 64  31  31  ASP ASP A . n 
A 1 65  PHE 65  32  32  PHE PHE A . n 
A 1 66  GLN 66  33  33  GLN GLN A . n 
A 1 67  MET 67  34  34  MET MET A . n 
A 1 68  GLU 68  35  35  GLU GLU A . n 
A 1 69  GLN 69  36  36  GLN GLN A . n 
A 1 70  TYR 70  37  37  TYR TYR A . n 
A 1 71  ILE 71  38  38  ILE ILE A . n 
A 1 72  TYR 72  39  39  TYR TYR A . n 
A 1 73  LYS 73  40  40  LYS LYS A . n 
A 1 74  ARG 74  41  41  ARG ARG A . n 
A 1 75  LYS 75  42  42  LYS LYS A . n 
A 1 76  SER 76  43  43  SER SER A . n 
A 1 77  ASP 77  44  44  ASP ASP A . n 
A 1 78  GLY 78  45  45  GLY GLY A . n 
A 1 79  ILE 79  46  46  ILE ILE A . n 
A 1 80  TYR 80  47  47  TYR TYR A . n 
A 1 81  ILE 81  48  48  ILE ILE A . n 
A 1 82  ILE 82  49  49  ILE ILE A . n 
A 1 83  ASN 83  50  50  ASN ASN A . n 
A 1 84  LEU 84  51  51  LEU LEU A . n 
A 1 85  LYS 85  52  52  LYS LYS A . n 
A 1 86  ARG 86  53  53  ARG ARG A . n 
A 1 87  THR 87  54  54  THR THR A . n 
A 1 88  TRP 88  55  55  TRP TRP A . n 
A 1 89  GLU 89  56  56  GLU GLU A . n 
A 1 90  LYS 90  57  57  LYS LYS A . n 
A 1 91  LEU 91  58  58  LEU LEU A . n 
A 1 92  LEU 92  59  59  LEU LEU A . n 
A 1 93  LEU 93  60  60  LEU LEU A . n 
A 1 94  ALA 94  61  61  ALA ALA A . n 
A 1 95  ALA 95  62  62  ALA ALA A . n 
A 1 96  ARG 96  63  63  ARG ARG A . n 
A 1 97  ALA 97  64  64  ALA ALA A . n 
A 1 98  ILE 98  65  65  ILE ILE A . n 
A 1 99  VAL 99  66  66  VAL VAL A . n 
A 1 100 ALA 100 67  67  ALA ALA A . n 
A 1 101 ILE 101 68  68  ILE ILE A . n 
A 1 102 GLU 102 69  69  GLU GLU A . n 
A 1 103 ASN 103 70  70  ASN ASN A . n 
A 1 104 PRO 104 71  71  PRO PRO A . n 
A 1 105 ALA 105 72  72  ALA ALA A . n 
A 1 106 ASP 106 73  73  ASP ASP A . n 
A 1 107 VAL 107 74  74  VAL VAL A . n 
A 1 108 SER 108 75  75  SER SER A . n 
A 1 109 VAL 109 76  76  VAL VAL A . n 
A 1 110 ILE 110 77  77  ILE ILE A . n 
A 1 111 SER 111 78  78  SER SER A . n 
A 1 112 SER 112 79  79  SER SER A . n 
A 1 113 ARG 113 80  80  ARG ARG A . n 
A 1 114 ASN 114 81  81  ASN ASN A . n 
A 1 115 THR 115 82  82  THR THR A . n 
A 1 116 GLY 116 83  83  GLY GLY A . n 
A 1 117 GLN 117 84  84  GLN GLN A . n 
A 1 118 ARG 118 85  85  ARG ARG A . n 
A 1 119 ALA 119 86  86  ALA ALA A . n 
A 1 120 VAL 120 87  87  VAL VAL A . n 
A 1 121 LEU 121 88  88  LEU LEU A . n 
A 1 122 LYS 122 89  89  LYS LYS A . n 
A 1 123 PHE 123 90  90  PHE PHE A . n 
A 1 124 ALA 124 91  91  ALA ALA A . n 
A 1 125 ALA 125 92  92  ALA ALA A . n 
A 1 126 ALA 126 93  93  ALA ALA A . n 
A 1 127 THR 127 94  94  THR THR A . n 
A 1 128 GLY 128 95  95  GLY GLY A . n 
A 1 129 ALA 129 96  96  ALA ALA A . n 
A 1 130 THR 130 97  97  THR THR A . n 
A 1 131 PRO 131 98  98  PRO PRO A . n 
A 1 132 ILE 132 99  99  ILE ILE A . n 
A 1 133 ALA 133 100 100 ALA ALA A . n 
A 1 134 GLY 134 101 101 GLY GLY A . n 
A 1 135 ARG 135 102 102 ARG ARG A . n 
A 1 136 PHE 136 103 103 PHE PHE A . n 
A 1 137 THR 137 104 104 THR THR A . n 
A 1 138 PRO 138 105 105 PRO PRO A . n 
A 1 139 GLY 139 106 106 GLY GLY A . n 
A 1 140 THR 140 107 107 THR THR A . n 
A 1 141 PHE 141 108 108 PHE PHE A . n 
A 1 142 THR 142 109 109 THR THR A . n 
A 1 143 ASN 143 110 110 ASN ASN A . n 
A 1 144 GLN 144 111 111 GLN GLN A . n 
A 1 145 ILE 145 112 112 ILE ILE A . n 
A 1 146 GLN 146 113 113 GLN GLN A . n 
A 1 147 ALA 147 114 114 ALA ALA A . n 
A 1 148 ALA 148 115 115 ALA ALA A . n 
A 1 149 PHE 149 116 116 PHE PHE A . n 
A 1 150 ARG 150 117 117 ARG ARG A . n 
A 1 151 GLU 151 118 118 GLU GLU A . n 
A 1 152 PRO 152 119 119 PRO PRO A . n 
A 1 153 ARG 153 120 120 ARG ARG A . n 
A 1 154 LEU 154 121 121 LEU LEU A . n 
A 1 155 LEU 155 122 122 LEU LEU A . n 
A 1 156 VAL 156 123 123 VAL VAL A . n 
A 1 157 VAL 157 124 124 VAL VAL A . n 
A 1 158 THR 158 125 125 THR THR A . n 
A 1 159 ASP 159 126 126 ASP ASP A . n 
A 1 160 PRO 160 127 127 PRO PRO A . n 
A 1 161 ARG 161 128 128 ARG ARG A . n 
A 1 162 ALA 162 129 129 ALA ALA A . n 
A 1 163 ASP 163 130 130 ASP ASP A . n 
A 1 164 HIS 164 131 131 HIS HIS A . n 
A 1 165 GLN 165 132 132 GLN GLN A . n 
A 1 166 PRO 166 133 133 PRO PRO A . n 
A 1 167 LEU 167 134 134 LEU LEU A . n 
A 1 168 THR 168 135 135 THR THR A . n 
A 1 169 GLU 169 136 136 GLU GLU A . n 
A 1 170 ALA 170 137 137 ALA ALA A . n 
A 1 171 SER 171 138 138 SER SER A . n 
A 1 172 TYR 172 139 139 TYR TYR A . n 
A 1 173 VAL 173 140 140 VAL VAL A . n 
A 1 174 ASN 174 141 141 ASN ASN A . n 
A 1 175 LEU 175 142 142 LEU LEU A . n 
A 1 176 PRO 176 143 143 PRO PRO A . n 
A 1 177 THR 177 144 144 THR THR A . n 
A 1 178 ILE 178 145 145 ILE ILE A . n 
A 1 179 ALA 179 146 146 ALA ALA A . n 
A 1 180 LEU 180 147 147 LEU LEU A . n 
A 1 181 CYS 181 148 148 CYS CYS A . n 
A 1 182 ASN 182 149 149 ASN ASN A . n 
A 1 183 THR 183 150 150 THR THR A . n 
A 1 184 ASP 184 151 151 ASP ASP A . n 
A 1 185 SER 185 152 152 SER SER A . n 
A 1 186 PRO 186 153 153 PRO PRO A . n 
A 1 187 LEU 187 154 154 LEU LEU A . n 
A 1 188 ARG 188 155 155 ARG ARG A . n 
A 1 189 TYR 189 156 156 TYR TYR A . n 
A 1 190 VAL 190 157 157 VAL VAL A . n 
A 1 191 ASP 191 158 158 ASP ASP A . n 
A 1 192 ILE 192 159 159 ILE ILE A . n 
A 1 193 ALA 193 160 160 ALA ALA A . n 
A 1 194 ILE 194 161 161 ILE ILE A . n 
A 1 195 PRO 195 162 162 PRO PRO A . n 
A 1 196 CYS 196 163 163 CYS CYS A . n 
A 1 197 ASN 197 164 164 ASN ASN A . n 
A 1 198 ASN 198 165 165 ASN ASN A . n 
A 1 199 LYS 199 166 166 LYS LYS A . n 
A 1 200 GLY 200 167 167 GLY GLY A . n 
A 1 201 ALA 201 168 168 ALA ALA A . n 
A 1 202 HIS 202 169 169 HIS HIS A . n 
A 1 203 SER 203 170 170 SER SER A . n 
A 1 204 VAL 204 171 171 VAL VAL A . n 
A 1 205 GLY 205 172 172 GLY GLY A . n 
A 1 206 LEU 206 173 173 LEU LEU A . n 
A 1 207 MET 207 174 174 MET MET A . n 
A 1 208 TRP 208 175 175 TRP TRP A . n 
A 1 209 TRP 209 176 176 TRP TRP A . n 
A 1 210 MET 210 177 177 MET MET A . n 
A 1 211 LEU 211 178 178 LEU LEU A . n 
A 1 212 ALA 212 179 179 ALA ALA A . n 
A 1 213 ARG 213 180 180 ARG ARG A . n 
A 1 214 GLU 214 181 181 GLU GLU A . n 
A 1 215 VAL 215 182 182 VAL VAL A . n 
A 1 216 LEU 216 183 183 LEU LEU A . n 
A 1 217 ARG 217 184 184 ARG ARG A . n 
A 1 218 MET 218 185 185 MET MET A . n 
A 1 219 ARG 219 186 186 ARG ARG A . n 
A 1 220 GLY 220 187 187 GLY GLY A . n 
A 1 221 THR 221 188 188 THR THR A . n 
A 1 222 ILE 222 189 189 ILE ILE A . n 
A 1 223 SER 223 190 190 SER SER A . n 
A 1 224 ARG 224 191 191 ARG ARG A . n 
A 1 225 GLU 225 192 192 GLU GLU A . n 
A 1 226 HIS 226 193 193 HIS HIS A . n 
A 1 227 PRO 227 194 194 PRO PRO A . n 
A 1 228 TRP 228 195 195 TRP TRP A . n 
A 1 229 GLU 229 196 196 GLU GLU A . n 
A 1 230 VAL 230 197 197 VAL VAL A . n 
A 1 231 MET 231 198 198 MET MET A . n 
A 1 232 PRO 232 199 199 PRO PRO A . n 
A 1 233 ASP 233 200 200 ASP ASP A . n 
A 1 234 LEU 234 201 201 LEU LEU A . n 
A 1 235 TYR 235 202 202 TYR TYR A . n 
A 1 236 PHE 236 203 203 PHE PHE A . n 
A 1 237 TYR 237 204 204 TYR TYR A . n 
A 1 238 ARG 238 205 205 ARG ARG A . n 
A 1 239 ASP 239 206 ?   ?   ?   A . n 
A 1 240 PRO 240 207 ?   ?   ?   A . n 
A 1 241 GLU 241 208 ?   ?   ?   A . n 
A 1 242 GLU 242 209 ?   ?   ?   A . n 
A 1 243 ILE 243 210 ?   ?   ?   A . n 
A 1 244 GLU 244 211 ?   ?   ?   A . n 
A 1 245 LYS 245 212 ?   ?   ?   A . n 
A 1 246 GLU 246 213 ?   ?   ?   A . n 
A 1 247 GLU 247 214 ?   ?   ?   A . n 
A 1 248 GLN 248 215 ?   ?   ?   A . n 
A 1 249 ALA 249 216 ?   ?   ?   A . n 
A 1 250 ALA 250 217 ?   ?   ?   A . n 
A 1 251 ALA 251 218 ?   ?   ?   A . n 
A 1 252 GLU 252 219 ?   ?   ?   A . n 
A 1 253 LYS 253 220 ?   ?   ?   A . n 
# 
loop_
_pdbx_nonpoly_scheme.asym_id 
_pdbx_nonpoly_scheme.entity_id 
_pdbx_nonpoly_scheme.mon_id 
_pdbx_nonpoly_scheme.ndb_seq_num 
_pdbx_nonpoly_scheme.pdb_seq_num 
_pdbx_nonpoly_scheme.auth_seq_num 
_pdbx_nonpoly_scheme.pdb_mon_id 
_pdbx_nonpoly_scheme.auth_mon_id 
_pdbx_nonpoly_scheme.pdb_strand_id 
_pdbx_nonpoly_scheme.pdb_ins_code 
B 2 HOH 1   221 1   HOH HOH A . 
B 2 HOH 2   222 2   HOH HOH A . 
B 2 HOH 3   223 3   HOH HOH A . 
B 2 HOH 4   224 4   HOH HOH A . 
B 2 HOH 5   225 5   HOH HOH A . 
B 2 HOH 6   226 6   HOH HOH A . 
B 2 HOH 7   227 7   HOH HOH A . 
B 2 HOH 8   228 8   HOH HOH A . 
B 2 HOH 9   229 9   HOH HOH A . 
B 2 HOH 10  230 10  HOH HOH A . 
B 2 HOH 11  231 11  HOH HOH A . 
B 2 HOH 12  232 12  HOH HOH A . 
B 2 HOH 13  233 13  HOH HOH A . 
B 2 HOH 14  234 14  HOH HOH A . 
B 2 HOH 15  235 15  HOH HOH A . 
B 2 HOH 16  236 16  HOH HOH A . 
B 2 HOH 17  237 17  HOH HOH A . 
B 2 HOH 18  238 18  HOH HOH A . 
B 2 HOH 19  239 19  HOH HOH A . 
B 2 HOH 20  240 20  HOH HOH A . 
B 2 HOH 21  241 21  HOH HOH A . 
B 2 HOH 22  242 22  HOH HOH A . 
B 2 HOH 23  243 23  HOH HOH A . 
B 2 HOH 24  244 24  HOH HOH A . 
B 2 HOH 25  245 25  HOH HOH A . 
B 2 HOH 26  246 26  HOH HOH A . 
B 2 HOH 27  247 27  HOH HOH A . 
B 2 HOH 28  248 28  HOH HOH A . 
B 2 HOH 29  249 29  HOH HOH A . 
B 2 HOH 30  250 30  HOH HOH A . 
B 2 HOH 31  251 31  HOH HOH A . 
B 2 HOH 32  252 32  HOH HOH A . 
B 2 HOH 33  253 33  HOH HOH A . 
B 2 HOH 34  254 34  HOH HOH A . 
B 2 HOH 35  255 35  HOH HOH A . 
B 2 HOH 36  256 36  HOH HOH A . 
B 2 HOH 37  257 37  HOH HOH A . 
B 2 HOH 38  258 38  HOH HOH A . 
B 2 HOH 39  259 39  HOH HOH A . 
B 2 HOH 40  260 40  HOH HOH A . 
B 2 HOH 41  261 41  HOH HOH A . 
B 2 HOH 42  262 42  HOH HOH A . 
B 2 HOH 43  263 43  HOH HOH A . 
B 2 HOH 44  264 44  HOH HOH A . 
B 2 HOH 45  265 45  HOH HOH A . 
B 2 HOH 46  266 46  HOH HOH A . 
B 2 HOH 47  267 47  HOH HOH A . 
B 2 HOH 48  268 48  HOH HOH A . 
B 2 HOH 49  269 49  HOH HOH A . 
B 2 HOH 50  270 50  HOH HOH A . 
B 2 HOH 51  271 51  HOH HOH A . 
B 2 HOH 52  272 52  HOH HOH A . 
B 2 HOH 53  273 53  HOH HOH A . 
B 2 HOH 54  274 54  HOH HOH A . 
B 2 HOH 55  275 55  HOH HOH A . 
B 2 HOH 56  276 56  HOH HOH A . 
B 2 HOH 57  277 57  HOH HOH A . 
B 2 HOH 58  278 58  HOH HOH A . 
B 2 HOH 59  279 59  HOH HOH A . 
B 2 HOH 60  280 60  HOH HOH A . 
B 2 HOH 61  281 61  HOH HOH A . 
B 2 HOH 62  282 62  HOH HOH A . 
B 2 HOH 63  283 63  HOH HOH A . 
B 2 HOH 64  284 64  HOH HOH A . 
B 2 HOH 65  285 65  HOH HOH A . 
B 2 HOH 66  286 66  HOH HOH A . 
B 2 HOH 67  287 67  HOH HOH A . 
B 2 HOH 68  288 68  HOH HOH A . 
B 2 HOH 69  289 69  HOH HOH A . 
B 2 HOH 70  290 70  HOH HOH A . 
B 2 HOH 71  291 71  HOH HOH A . 
B 2 HOH 72  292 72  HOH HOH A . 
B 2 HOH 73  293 73  HOH HOH A . 
B 2 HOH 74  294 74  HOH HOH A . 
B 2 HOH 75  295 75  HOH HOH A . 
B 2 HOH 76  296 76  HOH HOH A . 
B 2 HOH 77  297 77  HOH HOH A . 
B 2 HOH 78  298 78  HOH HOH A . 
B 2 HOH 79  299 79  HOH HOH A . 
B 2 HOH 80  300 80  HOH HOH A . 
B 2 HOH 81  301 81  HOH HOH A . 
B 2 HOH 82  302 82  HOH HOH A . 
B 2 HOH 83  303 83  HOH HOH A . 
B 2 HOH 84  304 84  HOH HOH A . 
B 2 HOH 85  305 85  HOH HOH A . 
B 2 HOH 86  306 86  HOH HOH A . 
B 2 HOH 87  307 87  HOH HOH A . 
B 2 HOH 88  308 88  HOH HOH A . 
B 2 HOH 89  309 89  HOH HOH A . 
B 2 HOH 90  310 90  HOH HOH A . 
B 2 HOH 91  311 91  HOH HOH A . 
B 2 HOH 92  312 92  HOH HOH A . 
B 2 HOH 93  313 93  HOH HOH A . 
B 2 HOH 94  314 94  HOH HOH A . 
B 2 HOH 95  315 95  HOH HOH A . 
B 2 HOH 96  316 96  HOH HOH A . 
B 2 HOH 97  317 97  HOH HOH A . 
B 2 HOH 98  318 98  HOH HOH A . 
B 2 HOH 99  319 99  HOH HOH A . 
B 2 HOH 100 320 100 HOH HOH A . 
B 2 HOH 101 321 101 HOH HOH A . 
B 2 HOH 102 322 102 HOH HOH A . 
B 2 HOH 103 323 103 HOH HOH A . 
B 2 HOH 104 324 104 HOH HOH A . 
B 2 HOH 105 325 105 HOH HOH A . 
B 2 HOH 106 326 106 HOH HOH A . 
B 2 HOH 107 327 107 HOH HOH A . 
B 2 HOH 108 328 108 HOH HOH A . 
B 2 HOH 109 329 109 HOH HOH A . 
B 2 HOH 110 330 110 HOH HOH A . 
B 2 HOH 111 331 111 HOH HOH A . 
B 2 HOH 112 332 112 HOH HOH A . 
B 2 HOH 113 333 113 HOH HOH A . 
B 2 HOH 114 334 114 HOH HOH A . 
B 2 HOH 115 335 115 HOH HOH A . 
B 2 HOH 116 336 116 HOH HOH A . 
B 2 HOH 117 337 117 HOH HOH A . 
B 2 HOH 118 338 118 HOH HOH A . 
B 2 HOH 119 339 119 HOH HOH A . 
B 2 HOH 120 340 120 HOH HOH A . 
B 2 HOH 121 341 121 HOH HOH A . 
B 2 HOH 122 342 122 HOH HOH A . 
B 2 HOH 123 343 123 HOH HOH A . 
B 2 HOH 124 344 124 HOH HOH A . 
B 2 HOH 125 345 125 HOH HOH A . 
B 2 HOH 126 346 126 HOH HOH A . 
B 2 HOH 127 347 127 HOH HOH A . 
B 2 HOH 128 348 129 HOH HOH A . 
B 2 HOH 129 349 130 HOH HOH A . 
B 2 HOH 130 350 131 HOH HOH A . 
B 2 HOH 131 351 132 HOH HOH A . 
B 2 HOH 132 352 133 HOH HOH A . 
B 2 HOH 133 353 134 HOH HOH A . 
B 2 HOH 134 354 136 HOH HOH A . 
B 2 HOH 135 355 137 HOH HOH A . 
B 2 HOH 136 356 138 HOH HOH A . 
B 2 HOH 137 357 139 HOH HOH A . 
B 2 HOH 138 358 140 HOH HOH A . 
B 2 HOH 139 359 141 HOH HOH A . 
B 2 HOH 140 360 142 HOH HOH A . 
B 2 HOH 141 361 143 HOH HOH A . 
B 2 HOH 142 362 144 HOH HOH A . 
B 2 HOH 143 363 145 HOH HOH A . 
B 2 HOH 144 364 146 HOH HOH A . 
B 2 HOH 145 365 147 HOH HOH A . 
B 2 HOH 146 366 135 HOH HOH A . 
B 2 HOH 147 367 128 HOH HOH A . 
# 
_software.name             REFMAC 
_software.classification   refinement 
_software.version          5.2.0019 
_software.citation_id      ? 
_software.pdbx_ordinal     1 
# 
_cell.entry_id           3BCH 
_cell.length_a           75.688 
_cell.length_b           75.688 
_cell.length_c           99.007 
_cell.angle_alpha        90.00 
_cell.angle_beta         90.00 
_cell.angle_gamma        90.00 
_cell.Z_PDB              8 
_cell.pdbx_unique_axis   ? 
_cell.length_a_esd       ? 
_cell.length_b_esd       ? 
_cell.length_c_esd       ? 
_cell.angle_alpha_esd    ? 
_cell.angle_beta_esd     ? 
_cell.angle_gamma_esd    ? 
# 
_symmetry.entry_id                         3BCH 
_symmetry.space_group_name_H-M             'P 43 21 2' 
_symmetry.pdbx_full_space_group_name_H-M   ? 
_symmetry.cell_setting                     ? 
_symmetry.Int_Tables_number                96 
_symmetry.space_group_name_Hall            ? 
# 
_exptl.entry_id          3BCH 
_exptl.method            'X-RAY DIFFRACTION' 
_exptl.crystals_number   1 
# 
_exptl_crystal.id                    1 
_exptl_crystal.density_meas          ? 
_exptl_crystal.density_Matthews      2.51 
_exptl_crystal.density_percent_sol   51.07 
_exptl_crystal.description           ? 
_exptl_crystal.F_000                 ? 
_exptl_crystal.preparation           ? 
# 
_exptl_crystal_grow.crystal_id      1 
_exptl_crystal_grow.method          'VAPOR DIFFUSION, HANGING DROP' 
_exptl_crystal_grow.temp            290 
_exptl_crystal_grow.temp_details    ? 
_exptl_crystal_grow.pH              6.0 
_exptl_crystal_grow.pdbx_details    'pH 6.0, VAPOR DIFFUSION, HANGING DROP, temperature 290K' 
_exptl_crystal_grow.pdbx_pH_range   . 
# 
_diffrn.id                     1 
_diffrn.ambient_temp           ? 
_diffrn.ambient_temp_details   ? 
_diffrn.crystal_id             1 
# 
_diffrn_radiation.diffrn_id                        1 
_diffrn_radiation.wavelength_id                    1 
_diffrn_radiation.pdbx_monochromatic_or_laue_m_l   M 
_diffrn_radiation.monochromator                    ? 
_diffrn_radiation.pdbx_diffrn_protocol             'SINGLE WAVELENGTH' 
_diffrn_radiation.pdbx_scattering_type             x-ray 
# 
_diffrn_radiation_wavelength.id           1 
_diffrn_radiation_wavelength.wavelength   . 
_diffrn_radiation_wavelength.wt           1.0 
# 
_diffrn_source.diffrn_id                   1 
_diffrn_source.source                      SYNCHROTRON 
_diffrn_source.type                        'NSLS BEAMLINE X29A' 
_diffrn_source.pdbx_synchrotron_site       NSLS 
_diffrn_source.pdbx_synchrotron_beamline   X29A 
_diffrn_source.pdbx_wavelength             ? 
_diffrn_source.pdbx_wavelength_list        ? 
# 
_reflns.entry_id                     3BCH 
_reflns.observed_criterion_sigma_I   ? 
_reflns.observed_criterion_sigma_F   ? 
_reflns.d_resolution_low             50.0 
_reflns.d_resolution_high            2.15 
_reflns.number_obs                   18989 
_reflns.number_all                   18989 
_reflns.percent_possible_obs         ? 
_reflns.pdbx_Rmerge_I_obs            ? 
_reflns.pdbx_Rsym_value              ? 
_reflns.pdbx_netI_over_sigmaI        ? 
_reflns.B_iso_Wilson_estimate        ? 
_reflns.pdbx_redundancy              ? 
_reflns.R_free_details               ? 
_reflns.limit_h_max                  ? 
_reflns.limit_h_min                  ? 
_reflns.limit_k_max                  ? 
_reflns.limit_k_min                  ? 
_reflns.limit_l_max                  ? 
_reflns.limit_l_min                  ? 
_reflns.observed_criterion_F_max     ? 
_reflns.observed_criterion_F_min     ? 
_reflns.pdbx_chi_squared             ? 
_reflns.pdbx_scaling_rejects         ? 
_reflns.pdbx_diffrn_id               1 
_reflns.pdbx_ordinal                 1 
# 
_reflns_shell.d_res_high             2.15 
_reflns_shell.d_res_low              2.15 
_reflns_shell.percent_possible_all   ? 
_reflns_shell.Rmerge_I_obs           ? 
_reflns_shell.pdbx_Rsym_value        ? 
_reflns_shell.meanI_over_sigI_obs    ? 
_reflns_shell.pdbx_redundancy        ? 
_reflns_shell.percent_possible_obs   ? 
_reflns_shell.number_unique_all      ? 
_reflns_shell.number_measured_all    ? 
_reflns_shell.number_measured_obs    ? 
_reflns_shell.number_unique_obs      ? 
_reflns_shell.pdbx_chi_squared       ? 
_reflns_shell.pdbx_diffrn_id         ? 
_reflns_shell.pdbx_ordinal           1 
# 
_refine.entry_id                                 3BCH 
_refine.ls_number_reflns_obs                     15415 
_refine.ls_number_reflns_all                     ? 
_refine.pdbx_ls_sigma_I                          ? 
_refine.pdbx_ls_sigma_F                          ? 
_refine.pdbx_data_cutoff_high_absF               ? 
_refine.pdbx_data_cutoff_low_absF                ? 
_refine.pdbx_data_cutoff_high_rms_absF           ? 
_refine.ls_d_res_low                             50.00 
_refine.ls_d_res_high                            2.15 
_refine.ls_percent_reflns_obs                    99.97 
_refine.ls_R_factor_obs                          0.18718 
_refine.ls_R_factor_all                          ? 
_refine.ls_R_factor_R_work                       0.18536 
_refine.ls_R_factor_R_free                       0.22396 
_refine.ls_R_factor_R_free_error                 ? 
_refine.ls_R_factor_R_free_error_details         ? 
_refine.ls_percent_reflns_R_free                 5.1 
_refine.ls_number_reflns_R_free                  820 
_refine.ls_number_parameters                     ? 
_refine.ls_number_restraints                     ? 
_refine.occupancy_min                            ? 
_refine.occupancy_max                            ? 
_refine.correlation_coeff_Fo_to_Fc               0.943 
_refine.correlation_coeff_Fo_to_Fc_free          0.913 
_refine.B_iso_mean                               21.750 
_refine.aniso_B[1][1]                            -0.13 
_refine.aniso_B[2][2]                            -0.13 
_refine.aniso_B[3][3]                            0.26 
_refine.aniso_B[1][2]                            0.00 
_refine.aniso_B[1][3]                            0.00 
_refine.aniso_B[2][3]                            0.00 
_refine.solvent_model_details                    MASK 
_refine.solvent_model_param_ksol                 ? 
_refine.solvent_model_param_bsol                 ? 
_refine.pdbx_solvent_vdw_probe_radii             1.20 
_refine.pdbx_solvent_ion_probe_radii             0.80 
_refine.pdbx_solvent_shrinkage_radii             0.80 
_refine.pdbx_ls_cross_valid_method               THROUGHOUT 
_refine.details                                  'HYDROGENS HAVE BEEN ADDED IN THE RIDING POSITIONS' 
_refine.pdbx_starting_model                      ? 
_refine.pdbx_method_to_determine_struct          'MOLECULAR REPLACEMENT' 
_refine.pdbx_isotropic_thermal_model             ? 
_refine.pdbx_stereochemistry_target_values       'MAXIMUM LIKELIHOOD' 
_refine.pdbx_stereochem_target_val_spec_case     ? 
_refine.pdbx_R_Free_selection_details            RANDOM 
_refine.pdbx_overall_ESU_R                       0.181 
_refine.pdbx_overall_ESU_R_Free                  0.163 
_refine.overall_SU_ML                            0.100 
_refine.overall_SU_B                             3.743 
_refine.ls_redundancy_reflns_obs                 ? 
_refine.B_iso_min                                ? 
_refine.B_iso_max                                ? 
_refine.overall_SU_R_Cruickshank_DPI             ? 
_refine.overall_SU_R_free                        ? 
_refine.ls_wR_factor_R_free                      ? 
_refine.ls_wR_factor_R_work                      ? 
_refine.overall_FOM_free_R_set                   ? 
_refine.overall_FOM_work_R_set                   ? 
_refine.pdbx_refine_id                           'X-RAY DIFFRACTION' 
_refine.pdbx_diffrn_id                           1 
_refine.pdbx_TLS_residual_ADP_flag               ? 
_refine.pdbx_overall_phase_error                 ? 
_refine.pdbx_overall_SU_R_free_Cruickshank_DPI   ? 
_refine.pdbx_overall_SU_R_Blow_DPI               ? 
_refine.pdbx_overall_SU_R_free_Blow_DPI          ? 
# 
_refine_hist.pdbx_refine_id                   'X-RAY DIFFRACTION' 
_refine_hist.cycle_id                         LAST 
_refine_hist.pdbx_number_atoms_protein        1563 
_refine_hist.pdbx_number_atoms_nucleic_acid   0 
_refine_hist.pdbx_number_atoms_ligand         0 
_refine_hist.number_atoms_solvent             147 
_refine_hist.number_atoms_total               1710 
_refine_hist.d_res_high                       2.15 
_refine_hist.d_res_low                        50.00 
# 
loop_
_refine_ls_restr.type 
_refine_ls_restr.dev_ideal 
_refine_ls_restr.dev_ideal_target 
_refine_ls_restr.weight 
_refine_ls_restr.number 
_refine_ls_restr.pdbx_refine_id 
_refine_ls_restr.pdbx_restraint_function 
r_bond_refined_d             0.009  0.022  ? 1599 'X-RAY DIFFRACTION' ? 
r_bond_other_d               ?      ?      ? ?    'X-RAY DIFFRACTION' ? 
r_angle_refined_deg          1.163  1.954  ? 2173 'X-RAY DIFFRACTION' ? 
r_angle_other_deg            ?      ?      ? ?    'X-RAY DIFFRACTION' ? 
r_dihedral_angle_1_deg       5.446  5.000  ? 196  'X-RAY DIFFRACTION' ? 
r_dihedral_angle_2_deg       36.108 22.778 ? 72   'X-RAY DIFFRACTION' ? 
r_dihedral_angle_3_deg       14.179 15.000 ? 269  'X-RAY DIFFRACTION' ? 
r_dihedral_angle_4_deg       21.516 15.000 ? 15   'X-RAY DIFFRACTION' ? 
r_chiral_restr               0.079  0.200  ? 244  'X-RAY DIFFRACTION' ? 
r_gen_planes_refined         0.003  0.020  ? 1212 'X-RAY DIFFRACTION' ? 
r_gen_planes_other           ?      ?      ? ?    'X-RAY DIFFRACTION' ? 
r_nbd_refined                0.190  0.200  ? 687  'X-RAY DIFFRACTION' ? 
r_nbd_other                  ?      ?      ? ?    'X-RAY DIFFRACTION' ? 
r_nbtor_refined              0.301  0.200  ? 1094 'X-RAY DIFFRACTION' ? 
r_nbtor_other                ?      ?      ? ?    'X-RAY DIFFRACTION' ? 
r_xyhbond_nbd_refined        0.125  0.200  ? 135  'X-RAY DIFFRACTION' ? 
r_xyhbond_nbd_other          ?      ?      ? ?    'X-RAY DIFFRACTION' ? 
r_metal_ion_refined          ?      ?      ? ?    'X-RAY DIFFRACTION' ? 
r_metal_ion_other            ?      ?      ? ?    'X-RAY DIFFRACTION' ? 
r_symmetry_vdw_refined       0.163  0.200  ? 34   'X-RAY DIFFRACTION' ? 
r_symmetry_vdw_other         ?      ?      ? ?    'X-RAY DIFFRACTION' ? 
r_symmetry_hbond_refined     0.123  0.200  ? 17   'X-RAY DIFFRACTION' ? 
r_symmetry_hbond_other       ?      ?      ? ?    'X-RAY DIFFRACTION' ? 
r_symmetry_metal_ion_refined ?      ?      ? ?    'X-RAY DIFFRACTION' ? 
r_symmetry_metal_ion_other   ?      ?      ? ?    'X-RAY DIFFRACTION' ? 
r_mcbond_it                  0.653  1.500  ? 1016 'X-RAY DIFFRACTION' ? 
r_mcbond_other               ?      ?      ? ?    'X-RAY DIFFRACTION' ? 
r_mcangle_it                 1.161  2.000  ? 1591 'X-RAY DIFFRACTION' ? 
r_scbond_it                  1.626  3.000  ? 673  'X-RAY DIFFRACTION' ? 
r_scangle_it                 2.820  4.500  ? 582  'X-RAY DIFFRACTION' ? 
r_rigid_bond_restr           ?      ?      ? ?    'X-RAY DIFFRACTION' ? 
r_sphericity_free            ?      ?      ? ?    'X-RAY DIFFRACTION' ? 
r_sphericity_bonded          ?      ?      ? ?    'X-RAY DIFFRACTION' ? 
# 
_refine_ls_shell.pdbx_total_number_of_bins_used   20 
_refine_ls_shell.d_res_high                       2.150 
_refine_ls_shell.d_res_low                        2.206 
_refine_ls_shell.number_reflns_R_work             1086 
_refine_ls_shell.R_factor_R_work                  0.190 
_refine_ls_shell.percent_reflns_obs               99.74 
_refine_ls_shell.R_factor_R_free                  0.290 
_refine_ls_shell.R_factor_R_free_error            ? 
_refine_ls_shell.percent_reflns_R_free            ? 
_refine_ls_shell.number_reflns_R_free             69 
_refine_ls_shell.number_reflns_all                ? 
_refine_ls_shell.R_factor_all                     ? 
_refine_ls_shell.redundancy_reflns_obs            ? 
_refine_ls_shell.number_reflns_obs                ? 
_refine_ls_shell.pdbx_refine_id                   'X-RAY DIFFRACTION' 
# 
_struct.entry_id                  3BCH 
_struct.title                     'Crystal Structure of the Human Laminin Receptor Precursor' 
_struct.pdbx_model_details        ? 
_struct.pdbx_CASP_flag            ? 
_struct.pdbx_model_type_details   ? 
# 
_struct_keywords.entry_id        3BCH 
_struct_keywords.pdbx_keywords   'CELL ADHESION, RIBOSOMAL PROTEIN' 
_struct_keywords.text            
;laminin receptor, p40 ribosomal protein, Acetylation, Cytoplasm, Phosphorylation, Polymorphism, Ribonucleoprotein, CELL ADHESION, RIBOSOMAL PROTEIN
;
# 
loop_
_struct_asym.id 
_struct_asym.pdbx_blank_PDB_chainid_flag 
_struct_asym.pdbx_modified 
_struct_asym.entity_id 
_struct_asym.details 
A N N 1 ? 
B N N 2 ? 
# 
_struct_ref.id                         1 
_struct_ref.db_name                    UNP 
_struct_ref.db_code                    RSSA_HUMAN 
_struct_ref.pdbx_db_accession          P08865 
_struct_ref.entity_id                  1 
_struct_ref.pdbx_seq_one_letter_code   
;SGALDVLQMKEEDVLKFLAAGTHLGGTNLDFQMEQYIYKRKSDGIYIINLKRTWEKLLLAARAIVAIENPADVSVISSRN
TGQRAVLKFAAATGATPIAGRFTPGTFTNQIQAAFREPRLLVVTDPRADHQPLTEASYVNLPTIALCNTDSPLRYVDIAI
PCNNKGAHSVGLMWWMLAREVLRMRGTISREHPWEVMPDLYFYRDPEEIEKEEQAAAEK
;
_struct_ref.pdbx_align_begin           2 
_struct_ref.pdbx_db_isoform            ? 
# 
_struct_ref_seq.align_id                      1 
_struct_ref_seq.ref_id                        1 
_struct_ref_seq.pdbx_PDB_id_code              3BCH 
_struct_ref_seq.pdbx_strand_id                A 
_struct_ref_seq.seq_align_beg                 35 
_struct_ref_seq.pdbx_seq_align_beg_ins_code   ? 
_struct_ref_seq.seq_align_end                 253 
_struct_ref_seq.pdbx_seq_align_end_ins_code   ? 
_struct_ref_seq.pdbx_db_accession             P08865 
_struct_ref_seq.db_align_beg                  2 
_struct_ref_seq.pdbx_db_align_beg_ins_code    ? 
_struct_ref_seq.db_align_end                  220 
_struct_ref_seq.pdbx_db_align_end_ins_code    ? 
_struct_ref_seq.pdbx_auth_seq_align_beg       2 
_struct_ref_seq.pdbx_auth_seq_align_end       220 
# 
loop_
_struct_ref_seq_dif.align_id 
_struct_ref_seq_dif.pdbx_pdb_id_code 
_struct_ref_seq_dif.mon_id 
_struct_ref_seq_dif.pdbx_pdb_strand_id 
_struct_ref_seq_dif.seq_num 
_struct_ref_seq_dif.pdbx_pdb_ins_code 
_struct_ref_seq_dif.pdbx_seq_db_name 
_struct_ref_seq_dif.pdbx_seq_db_accession_code 
_struct_ref_seq_dif.db_mon_id 
_struct_ref_seq_dif.pdbx_seq_db_seq_num 
_struct_ref_seq_dif.details 
_struct_ref_seq_dif.pdbx_auth_seq_num 
_struct_ref_seq_dif.pdbx_ordinal 
1 3BCH MET A 1  ? UNP P08865 ? ? 'expression tag' -32 1  
1 3BCH GLY A 2  ? UNP P08865 ? ? 'expression tag' -31 2  
1 3BCH SER A 3  ? UNP P08865 ? ? 'expression tag' -30 3  
1 3BCH SER A 4  ? UNP P08865 ? ? 'expression tag' -29 4  
1 3BCH HIS A 5  ? UNP P08865 ? ? 'expression tag' -28 5  
1 3BCH HIS A 6  ? UNP P08865 ? ? 'expression tag' -27 6  
1 3BCH HIS A 7  ? UNP P08865 ? ? 'expression tag' -26 7  
1 3BCH HIS A 8  ? UNP P08865 ? ? 'expression tag' -25 8  
1 3BCH HIS A 9  ? UNP P08865 ? ? 'expression tag' -24 9  
1 3BCH HIS A 10 ? UNP P08865 ? ? 'expression tag' -23 10 
1 3BCH SER A 11 ? UNP P08865 ? ? 'expression tag' -22 11 
1 3BCH SER A 12 ? UNP P08865 ? ? 'expression tag' -21 12 
1 3BCH GLY A 13 ? UNP P08865 ? ? 'expression tag' -20 13 
1 3BCH LEU A 14 ? UNP P08865 ? ? 'expression tag' -19 14 
1 3BCH VAL A 15 ? UNP P08865 ? ? 'expression tag' -18 15 
1 3BCH PRO A 16 ? UNP P08865 ? ? 'expression tag' -17 16 
1 3BCH ARG A 17 ? UNP P08865 ? ? 'expression tag' -16 17 
1 3BCH GLY A 18 ? UNP P08865 ? ? 'expression tag' -15 18 
1 3BCH SER A 19 ? UNP P08865 ? ? 'expression tag' -14 19 
1 3BCH GLY A 20 ? UNP P08865 ? ? 'expression tag' -13 20 
1 3BCH THR A 21 ? UNP P08865 ? ? 'expression tag' -12 21 
1 3BCH GLU A 22 ? UNP P08865 ? ? 'expression tag' -11 22 
1 3BCH ASN A 23 ? UNP P08865 ? ? 'expression tag' -10 23 
1 3BCH LEU A 24 ? UNP P08865 ? ? 'expression tag' -9  24 
1 3BCH TYR A 25 ? UNP P08865 ? ? 'expression tag' -8  25 
1 3BCH PHE A 26 ? UNP P08865 ? ? 'expression tag' -7  26 
1 3BCH GLN A 27 ? UNP P08865 ? ? 'expression tag' -6  27 
1 3BCH GLY A 28 ? UNP P08865 ? ? 'expression tag' -5  28 
1 3BCH HIS A 29 ? UNP P08865 ? ? 'expression tag' -4  29 
1 3BCH MET A 30 ? UNP P08865 ? ? 'expression tag' -3  30 
1 3BCH ALA A 31 ? UNP P08865 ? ? 'expression tag' -2  31 
1 3BCH SER A 32 ? UNP P08865 ? ? 'expression tag' -1  32 
1 3BCH GLY A 33 ? UNP P08865 ? ? 'expression tag' 0   33 
1 3BCH SER A 34 ? UNP P08865 ? ? 'expression tag' 1   34 
# 
_pdbx_struct_assembly.id                   1 
_pdbx_struct_assembly.details              software_defined_assembly 
_pdbx_struct_assembly.method_details       PISA 
_pdbx_struct_assembly.oligomeric_details   monomeric 
_pdbx_struct_assembly.oligomeric_count     1 
# 
_pdbx_struct_assembly_gen.assembly_id       1 
_pdbx_struct_assembly_gen.oper_expression   1 
_pdbx_struct_assembly_gen.asym_id_list      A,B 
# 
_pdbx_struct_oper_list.id                   1 
_pdbx_struct_oper_list.type                 'identity operation' 
_pdbx_struct_oper_list.name                 1_555 
_pdbx_struct_oper_list.symmetry_operation   x,y,z 
_pdbx_struct_oper_list.matrix[1][1]         1.0000000000 
_pdbx_struct_oper_list.matrix[1][2]         0.0000000000 
_pdbx_struct_oper_list.matrix[1][3]         0.0000000000 
_pdbx_struct_oper_list.vector[1]            0.0000000000 
_pdbx_struct_oper_list.matrix[2][1]         0.0000000000 
_pdbx_struct_oper_list.matrix[2][2]         1.0000000000 
_pdbx_struct_oper_list.matrix[2][3]         0.0000000000 
_pdbx_struct_oper_list.vector[2]            0.0000000000 
_pdbx_struct_oper_list.matrix[3][1]         0.0000000000 
_pdbx_struct_oper_list.matrix[3][2]         0.0000000000 
_pdbx_struct_oper_list.matrix[3][3]         1.0000000000 
_pdbx_struct_oper_list.vector[3]            0.0000000000 
# 
_struct_biol.id        1 
_struct_biol.details   ? 
# 
loop_
_struct_conf.conf_type_id 
_struct_conf.id 
_struct_conf.pdbx_PDB_helix_id 
_struct_conf.beg_label_comp_id 
_struct_conf.beg_label_asym_id 
_struct_conf.beg_label_seq_id 
_struct_conf.pdbx_beg_PDB_ins_code 
_struct_conf.end_label_comp_id 
_struct_conf.end_label_asym_id 
_struct_conf.end_label_seq_id 
_struct_conf.pdbx_end_PDB_ins_code 
_struct_conf.beg_auth_comp_id 
_struct_conf.beg_auth_asym_id 
_struct_conf.beg_auth_seq_id 
_struct_conf.end_auth_comp_id 
_struct_conf.end_auth_asym_id 
_struct_conf.end_auth_seq_id 
_struct_conf.pdbx_PDB_helix_class 
_struct_conf.details 
_struct_conf.pdbx_PDB_helix_length 
HELX_P HELX_P1 1 LYS A 44  ? GLY A 55  ? LYS A 11  GLY A 22  1 ? 12 
HELX_P HELX_P2 2 ASP A 64  ? GLN A 69  ? ASP A 31  GLN A 36  5 ? 6  
HELX_P HELX_P3 3 ASN A 83  ? ALA A 100 ? ASN A 50  ALA A 67  1 ? 18 
HELX_P HELX_P4 4 ASN A 103 ? ALA A 105 ? ASN A 70  ALA A 72  5 ? 3  
HELX_P HELX_P5 5 ARG A 113 ? GLY A 128 ? ARG A 80  GLY A 95  1 ? 16 
HELX_P HELX_P6 6 ASP A 163 ? VAL A 173 ? ASP A 130 VAL A 140 1 ? 11 
HELX_P HELX_P7 7 GLY A 200 ? ARG A 219 ? GLY A 167 ARG A 186 1 ? 20 
HELX_P HELX_P8 8 MET A 231 ? PHE A 236 ? MET A 198 PHE A 203 5 ? 6  
# 
_struct_conf_type.id          HELX_P 
_struct_conf_type.criteria    ? 
_struct_conf_type.reference   ? 
# 
_struct_mon_prot_cis.pdbx_id                1 
_struct_mon_prot_cis.label_comp_id          GLU 
_struct_mon_prot_cis.label_seq_id           151 
_struct_mon_prot_cis.label_asym_id          A 
_struct_mon_prot_cis.label_alt_id           . 
_struct_mon_prot_cis.pdbx_PDB_ins_code      ? 
_struct_mon_prot_cis.auth_comp_id           GLU 
_struct_mon_prot_cis.auth_seq_id            118 
_struct_mon_prot_cis.auth_asym_id           A 
_struct_mon_prot_cis.pdbx_label_comp_id_2   PRO 
_struct_mon_prot_cis.pdbx_label_seq_id_2    152 
_struct_mon_prot_cis.pdbx_label_asym_id_2   A 
_struct_mon_prot_cis.pdbx_PDB_ins_code_2    ? 
_struct_mon_prot_cis.pdbx_auth_comp_id_2    PRO 
_struct_mon_prot_cis.pdbx_auth_seq_id_2     119 
_struct_mon_prot_cis.pdbx_auth_asym_id_2    A 
_struct_mon_prot_cis.pdbx_PDB_model_num     1 
_struct_mon_prot_cis.pdbx_omega_angle       -4.13 
# 
loop_
_struct_sheet.id 
_struct_sheet.type 
_struct_sheet.number_strands 
_struct_sheet.details 
A ? 2 ? 
B ? 5 ? 
# 
loop_
_struct_sheet_order.sheet_id 
_struct_sheet_order.range_id_1 
_struct_sheet_order.range_id_2 
_struct_sheet_order.offset 
_struct_sheet_order.sense 
A 1 2 ? anti-parallel 
B 1 2 ? parallel      
B 2 3 ? parallel      
B 3 4 ? parallel      
B 4 5 ? parallel      
# 
loop_
_struct_sheet_range.sheet_id 
_struct_sheet_range.id 
_struct_sheet_range.beg_label_comp_id 
_struct_sheet_range.beg_label_asym_id 
_struct_sheet_range.beg_label_seq_id 
_struct_sheet_range.pdbx_beg_PDB_ins_code 
_struct_sheet_range.end_label_comp_id 
_struct_sheet_range.end_label_asym_id 
_struct_sheet_range.end_label_seq_id 
_struct_sheet_range.pdbx_end_PDB_ins_code 
_struct_sheet_range.beg_auth_comp_id 
_struct_sheet_range.beg_auth_asym_id 
_struct_sheet_range.beg_auth_seq_id 
_struct_sheet_range.end_auth_comp_id 
_struct_sheet_range.end_auth_asym_id 
_struct_sheet_range.end_auth_seq_id 
A 1 ILE A 71  ? ARG A 74  ? ILE A 38  ARG A 41  
A 2 TYR A 80  ? ILE A 82  ? TYR A 47  ILE A 49  
B 1 THR A 130 ? ALA A 133 ? THR A 97  ALA A 100 
B 2 VAL A 107 ? SER A 111 ? VAL A 74  SER A 78  
B 3 LEU A 154 ? VAL A 157 ? LEU A 121 VAL A 124 
B 4 THR A 177 ? CYS A 181 ? THR A 144 CYS A 148 
B 5 ILE A 192 ? PRO A 195 ? ILE A 159 PRO A 162 
# 
loop_
_pdbx_struct_sheet_hbond.sheet_id 
_pdbx_struct_sheet_hbond.range_id_1 
_pdbx_struct_sheet_hbond.range_id_2 
_pdbx_struct_sheet_hbond.range_1_label_atom_id 
_pdbx_struct_sheet_hbond.range_1_label_comp_id 
_pdbx_struct_sheet_hbond.range_1_label_asym_id 
_pdbx_struct_sheet_hbond.range_1_label_seq_id 
_pdbx_struct_sheet_hbond.range_1_PDB_ins_code 
_pdbx_struct_sheet_hbond.range_1_auth_atom_id 
_pdbx_struct_sheet_hbond.range_1_auth_comp_id 
_pdbx_struct_sheet_hbond.range_1_auth_asym_id 
_pdbx_struct_sheet_hbond.range_1_auth_seq_id 
_pdbx_struct_sheet_hbond.range_2_label_atom_id 
_pdbx_struct_sheet_hbond.range_2_label_comp_id 
_pdbx_struct_sheet_hbond.range_2_label_asym_id 
_pdbx_struct_sheet_hbond.range_2_label_seq_id 
_pdbx_struct_sheet_hbond.range_2_PDB_ins_code 
_pdbx_struct_sheet_hbond.range_2_auth_atom_id 
_pdbx_struct_sheet_hbond.range_2_auth_comp_id 
_pdbx_struct_sheet_hbond.range_2_auth_asym_id 
_pdbx_struct_sheet_hbond.range_2_auth_seq_id 
A 1 2 N LYS A 73  ? N LYS A 40  O ILE A 81  ? O ILE A 48  
B 1 2 O THR A 130 ? O THR A 97  N VAL A 107 ? N VAL A 74  
B 2 3 N SER A 108 ? N SER A 75  O LEU A 154 ? O LEU A 121 
B 3 4 N VAL A 157 ? N VAL A 124 O ILE A 178 ? O ILE A 145 
B 4 5 N CYS A 181 ? N CYS A 148 O ILE A 194 ? O ILE A 161 
# 
_pdbx_validate_torsion.id              1 
_pdbx_validate_torsion.PDB_model_num   1 
_pdbx_validate_torsion.auth_comp_id    ASP 
_pdbx_validate_torsion.auth_asym_id    A 
_pdbx_validate_torsion.auth_seq_id     126 
_pdbx_validate_torsion.PDB_ins_code    ? 
_pdbx_validate_torsion.label_alt_id    ? 
_pdbx_validate_torsion.phi             -160.25 
_pdbx_validate_torsion.psi             107.78 
# 
loop_
_pdbx_unobs_or_zero_occ_residues.id 
_pdbx_unobs_or_zero_occ_residues.PDB_model_num 
_pdbx_unobs_or_zero_occ_residues.polymer_flag 
_pdbx_unobs_or_zero_occ_residues.occupancy_flag 
_pdbx_unobs_or_zero_occ_residues.auth_asym_id 
_pdbx_unobs_or_zero_occ_residues.auth_comp_id 
_pdbx_unobs_or_zero_occ_residues.auth_seq_id 
_pdbx_unobs_or_zero_occ_residues.PDB_ins_code 
_pdbx_unobs_or_zero_occ_residues.label_asym_id 
_pdbx_unobs_or_zero_occ_residues.label_comp_id 
_pdbx_unobs_or_zero_occ_residues.label_seq_id 
1  1 Y 1 A MET -32 ? A MET 1   
2  1 Y 1 A GLY -31 ? A GLY 2   
3  1 Y 1 A SER -30 ? A SER 3   
4  1 Y 1 A SER -29 ? A SER 4   
5  1 Y 1 A HIS -28 ? A HIS 5   
6  1 Y 1 A HIS -27 ? A HIS 6   
7  1 Y 1 A HIS -26 ? A HIS 7   
8  1 Y 1 A HIS -25 ? A HIS 8   
9  1 Y 1 A HIS -24 ? A HIS 9   
10 1 Y 1 A HIS -23 ? A HIS 10  
11 1 Y 1 A SER -22 ? A SER 11  
12 1 Y 1 A SER -21 ? A SER 12  
13 1 Y 1 A GLY -20 ? A GLY 13  
14 1 Y 1 A LEU -19 ? A LEU 14  
15 1 Y 1 A VAL -18 ? A VAL 15  
16 1 Y 1 A PRO -17 ? A PRO 16  
17 1 Y 1 A ARG -16 ? A ARG 17  
18 1 Y 1 A GLY -15 ? A GLY 18  
19 1 Y 1 A SER -14 ? A SER 19  
20 1 Y 1 A GLY -13 ? A GLY 20  
21 1 Y 1 A THR -12 ? A THR 21  
22 1 Y 1 A GLU -11 ? A GLU 22  
23 1 Y 1 A ASN -10 ? A ASN 23  
24 1 Y 1 A LEU -9  ? A LEU 24  
25 1 Y 1 A TYR -8  ? A TYR 25  
26 1 Y 1 A PHE -7  ? A PHE 26  
27 1 Y 1 A GLN -6  ? A GLN 27  
28 1 Y 1 A GLY -5  ? A GLY 28  
29 1 Y 1 A HIS -4  ? A HIS 29  
30 1 Y 1 A MET -3  ? A MET 30  
31 1 Y 1 A ALA -2  ? A ALA 31  
32 1 Y 1 A SER -1  ? A SER 32  
33 1 Y 1 A GLY 0   ? A GLY 33  
34 1 Y 1 A SER 1   ? A SER 34  
35 1 Y 1 A SER 2   ? A SER 35  
36 1 Y 1 A GLY 3   ? A GLY 36  
37 1 Y 1 A ALA 4   ? A ALA 37  
38 1 Y 1 A LEU 5   ? A LEU 38  
39 1 Y 1 A ASP 6   ? A ASP 39  
40 1 Y 1 A VAL 7   ? A VAL 40  
41 1 Y 1 A LEU 8   ? A LEU 41  
42 1 Y 1 A ASP 206 ? A ASP 239 
43 1 Y 1 A PRO 207 ? A PRO 240 
44 1 Y 1 A GLU 208 ? A GLU 241 
45 1 Y 1 A GLU 209 ? A GLU 242 
46 1 Y 1 A ILE 210 ? A ILE 243 
47 1 Y 1 A GLU 211 ? A GLU 244 
48 1 Y 1 A LYS 212 ? A LYS 245 
49 1 Y 1 A GLU 213 ? A GLU 246 
50 1 Y 1 A GLU 214 ? A GLU 247 
51 1 Y 1 A GLN 215 ? A GLN 248 
52 1 Y 1 A ALA 216 ? A ALA 249 
53 1 Y 1 A ALA 217 ? A ALA 250 
54 1 Y 1 A ALA 218 ? A ALA 251 
55 1 Y 1 A GLU 219 ? A GLU 252 
56 1 Y 1 A LYS 220 ? A LYS 253 
# 
loop_
_chem_comp_atom.comp_id 
_chem_comp_atom.atom_id 
_chem_comp_atom.type_symbol 
_chem_comp_atom.pdbx_aromatic_flag 
_chem_comp_atom.pdbx_stereo_config 
_chem_comp_atom.pdbx_ordinal 
ALA N    N N N 1   
ALA CA   C N S 2   
ALA C    C N N 3   
ALA O    O N N 4   
ALA CB   C N N 5   
ALA OXT  O N N 6   
ALA H    H N N 7   
ALA H2   H N N 8   
ALA HA   H N N 9   
ALA HB1  H N N 10  
ALA HB2  H N N 11  
ALA HB3  H N N 12  
ALA HXT  H N N 13  
ARG N    N N N 14  
ARG CA   C N S 15  
ARG C    C N N 16  
ARG O    O N N 17  
ARG CB   C N N 18  
ARG CG   C N N 19  
ARG CD   C N N 20  
ARG NE   N N N 21  
ARG CZ   C N N 22  
ARG NH1  N N N 23  
ARG NH2  N N N 24  
ARG OXT  O N N 25  
ARG H    H N N 26  
ARG H2   H N N 27  
ARG HA   H N N 28  
ARG HB2  H N N 29  
ARG HB3  H N N 30  
ARG HG2  H N N 31  
ARG HG3  H N N 32  
ARG HD2  H N N 33  
ARG HD3  H N N 34  
ARG HE   H N N 35  
ARG HH11 H N N 36  
ARG HH12 H N N 37  
ARG HH21 H N N 38  
ARG HH22 H N N 39  
ARG HXT  H N N 40  
ASN N    N N N 41  
ASN CA   C N S 42  
ASN C    C N N 43  
ASN O    O N N 44  
ASN CB   C N N 45  
ASN CG   C N N 46  
ASN OD1  O N N 47  
ASN ND2  N N N 48  
ASN OXT  O N N 49  
ASN H    H N N 50  
ASN H2   H N N 51  
ASN HA   H N N 52  
ASN HB2  H N N 53  
ASN HB3  H N N 54  
ASN HD21 H N N 55  
ASN HD22 H N N 56  
ASN HXT  H N N 57  
ASP N    N N N 58  
ASP CA   C N S 59  
ASP C    C N N 60  
ASP O    O N N 61  
ASP CB   C N N 62  
ASP CG   C N N 63  
ASP OD1  O N N 64  
ASP OD2  O N N 65  
ASP OXT  O N N 66  
ASP H    H N N 67  
ASP H2   H N N 68  
ASP HA   H N N 69  
ASP HB2  H N N 70  
ASP HB3  H N N 71  
ASP HD2  H N N 72  
ASP HXT  H N N 73  
CYS N    N N N 74  
CYS CA   C N R 75  
CYS C    C N N 76  
CYS O    O N N 77  
CYS CB   C N N 78  
CYS SG   S N N 79  
CYS OXT  O N N 80  
CYS H    H N N 81  
CYS H2   H N N 82  
CYS HA   H N N 83  
CYS HB2  H N N 84  
CYS HB3  H N N 85  
CYS HG   H N N 86  
CYS HXT  H N N 87  
GLN N    N N N 88  
GLN CA   C N S 89  
GLN C    C N N 90  
GLN O    O N N 91  
GLN CB   C N N 92  
GLN CG   C N N 93  
GLN CD   C N N 94  
GLN OE1  O N N 95  
GLN NE2  N N N 96  
GLN OXT  O N N 97  
GLN H    H N N 98  
GLN H2   H N N 99  
GLN HA   H N N 100 
GLN HB2  H N N 101 
GLN HB3  H N N 102 
GLN HG2  H N N 103 
GLN HG3  H N N 104 
GLN HE21 H N N 105 
GLN HE22 H N N 106 
GLN HXT  H N N 107 
GLU N    N N N 108 
GLU CA   C N S 109 
GLU C    C N N 110 
GLU O    O N N 111 
GLU CB   C N N 112 
GLU CG   C N N 113 
GLU CD   C N N 114 
GLU OE1  O N N 115 
GLU OE2  O N N 116 
GLU OXT  O N N 117 
GLU H    H N N 118 
GLU H2   H N N 119 
GLU HA   H N N 120 
GLU HB2  H N N 121 
GLU HB3  H N N 122 
GLU HG2  H N N 123 
GLU HG3  H N N 124 
GLU HE2  H N N 125 
GLU HXT  H N N 126 
GLY N    N N N 127 
GLY CA   C N N 128 
GLY C    C N N 129 
GLY O    O N N 130 
GLY OXT  O N N 131 
GLY H    H N N 132 
GLY H2   H N N 133 
GLY HA2  H N N 134 
GLY HA3  H N N 135 
GLY HXT  H N N 136 
HIS N    N N N 137 
HIS CA   C N S 138 
HIS C    C N N 139 
HIS O    O N N 140 
HIS CB   C N N 141 
HIS CG   C Y N 142 
HIS ND1  N Y N 143 
HIS CD2  C Y N 144 
HIS CE1  C Y N 145 
HIS NE2  N Y N 146 
HIS OXT  O N N 147 
HIS H    H N N 148 
HIS H2   H N N 149 
HIS HA   H N N 150 
HIS HB2  H N N 151 
HIS HB3  H N N 152 
HIS HD1  H N N 153 
HIS HD2  H N N 154 
HIS HE1  H N N 155 
HIS HE2  H N N 156 
HIS HXT  H N N 157 
HOH O    O N N 158 
HOH H1   H N N 159 
HOH H2   H N N 160 
ILE N    N N N 161 
ILE CA   C N S 162 
ILE C    C N N 163 
ILE O    O N N 164 
ILE CB   C N S 165 
ILE CG1  C N N 166 
ILE CG2  C N N 167 
ILE CD1  C N N 168 
ILE OXT  O N N 169 
ILE H    H N N 170 
ILE H2   H N N 171 
ILE HA   H N N 172 
ILE HB   H N N 173 
ILE HG12 H N N 174 
ILE HG13 H N N 175 
ILE HG21 H N N 176 
ILE HG22 H N N 177 
ILE HG23 H N N 178 
ILE HD11 H N N 179 
ILE HD12 H N N 180 
ILE HD13 H N N 181 
ILE HXT  H N N 182 
LEU N    N N N 183 
LEU CA   C N S 184 
LEU C    C N N 185 
LEU O    O N N 186 
LEU CB   C N N 187 
LEU CG   C N N 188 
LEU CD1  C N N 189 
LEU CD2  C N N 190 
LEU OXT  O N N 191 
LEU H    H N N 192 
LEU H2   H N N 193 
LEU HA   H N N 194 
LEU HB2  H N N 195 
LEU HB3  H N N 196 
LEU HG   H N N 197 
LEU HD11 H N N 198 
LEU HD12 H N N 199 
LEU HD13 H N N 200 
LEU HD21 H N N 201 
LEU HD22 H N N 202 
LEU HD23 H N N 203 
LEU HXT  H N N 204 
LYS N    N N N 205 
LYS CA   C N S 206 
LYS C    C N N 207 
LYS O    O N N 208 
LYS CB   C N N 209 
LYS CG   C N N 210 
LYS CD   C N N 211 
LYS CE   C N N 212 
LYS NZ   N N N 213 
LYS OXT  O N N 214 
LYS H    H N N 215 
LYS H2   H N N 216 
LYS HA   H N N 217 
LYS HB2  H N N 218 
LYS HB3  H N N 219 
LYS HG2  H N N 220 
LYS HG3  H N N 221 
LYS HD2  H N N 222 
LYS HD3  H N N 223 
LYS HE2  H N N 224 
LYS HE3  H N N 225 
LYS HZ1  H N N 226 
LYS HZ2  H N N 227 
LYS HZ3  H N N 228 
LYS HXT  H N N 229 
MET N    N N N 230 
MET CA   C N S 231 
MET C    C N N 232 
MET O    O N N 233 
MET CB   C N N 234 
MET CG   C N N 235 
MET SD   S N N 236 
MET CE   C N N 237 
MET OXT  O N N 238 
MET H    H N N 239 
MET H2   H N N 240 
MET HA   H N N 241 
MET HB2  H N N 242 
MET HB3  H N N 243 
MET HG2  H N N 244 
MET HG3  H N N 245 
MET HE1  H N N 246 
MET HE2  H N N 247 
MET HE3  H N N 248 
MET HXT  H N N 249 
PHE N    N N N 250 
PHE CA   C N S 251 
PHE C    C N N 252 
PHE O    O N N 253 
PHE CB   C N N 254 
PHE CG   C Y N 255 
PHE CD1  C Y N 256 
PHE CD2  C Y N 257 
PHE CE1  C Y N 258 
PHE CE2  C Y N 259 
PHE CZ   C Y N 260 
PHE OXT  O N N 261 
PHE H    H N N 262 
PHE H2   H N N 263 
PHE HA   H N N 264 
PHE HB2  H N N 265 
PHE HB3  H N N 266 
PHE HD1  H N N 267 
PHE HD2  H N N 268 
PHE HE1  H N N 269 
PHE HE2  H N N 270 
PHE HZ   H N N 271 
PHE HXT  H N N 272 
PRO N    N N N 273 
PRO CA   C N S 274 
PRO C    C N N 275 
PRO O    O N N 276 
PRO CB   C N N 277 
PRO CG   C N N 278 
PRO CD   C N N 279 
PRO OXT  O N N 280 
PRO H    H N N 281 
PRO HA   H N N 282 
PRO HB2  H N N 283 
PRO HB3  H N N 284 
PRO HG2  H N N 285 
PRO HG3  H N N 286 
PRO HD2  H N N 287 
PRO HD3  H N N 288 
PRO HXT  H N N 289 
SER N    N N N 290 
SER CA   C N S 291 
SER C    C N N 292 
SER O    O N N 293 
SER CB   C N N 294 
SER OG   O N N 295 
SER OXT  O N N 296 
SER H    H N N 297 
SER H2   H N N 298 
SER HA   H N N 299 
SER HB2  H N N 300 
SER HB3  H N N 301 
SER HG   H N N 302 
SER HXT  H N N 303 
THR N    N N N 304 
THR CA   C N S 305 
THR C    C N N 306 
THR O    O N N 307 
THR CB   C N R 308 
THR OG1  O N N 309 
THR CG2  C N N 310 
THR OXT  O N N 311 
THR H    H N N 312 
THR H2   H N N 313 
THR HA   H N N 314 
THR HB   H N N 315 
THR HG1  H N N 316 
THR HG21 H N N 317 
THR HG22 H N N 318 
THR HG23 H N N 319 
THR HXT  H N N 320 
TRP N    N N N 321 
TRP CA   C N S 322 
TRP C    C N N 323 
TRP O    O N N 324 
TRP CB   C N N 325 
TRP CG   C Y N 326 
TRP CD1  C Y N 327 
TRP CD2  C Y N 328 
TRP NE1  N Y N 329 
TRP CE2  C Y N 330 
TRP CE3  C Y N 331 
TRP CZ2  C Y N 332 
TRP CZ3  C Y N 333 
TRP CH2  C Y N 334 
TRP OXT  O N N 335 
TRP H    H N N 336 
TRP H2   H N N 337 
TRP HA   H N N 338 
TRP HB2  H N N 339 
TRP HB3  H N N 340 
TRP HD1  H N N 341 
TRP HE1  H N N 342 
TRP HE3  H N N 343 
TRP HZ2  H N N 344 
TRP HZ3  H N N 345 
TRP HH2  H N N 346 
TRP HXT  H N N 347 
TYR N    N N N 348 
TYR CA   C N S 349 
TYR C    C N N 350 
TYR O    O N N 351 
TYR CB   C N N 352 
TYR CG   C Y N 353 
TYR CD1  C Y N 354 
TYR CD2  C Y N 355 
TYR CE1  C Y N 356 
TYR CE2  C Y N 357 
TYR CZ   C Y N 358 
TYR OH   O N N 359 
TYR OXT  O N N 360 
TYR H    H N N 361 
TYR H2   H N N 362 
TYR HA   H N N 363 
TYR HB2  H N N 364 
TYR HB3  H N N 365 
TYR HD1  H N N 366 
TYR HD2  H N N 367 
TYR HE1  H N N 368 
TYR HE2  H N N 369 
TYR HH   H N N 370 
TYR HXT  H N N 371 
VAL N    N N N 372 
VAL CA   C N S 373 
VAL C    C N N 374 
VAL O    O N N 375 
VAL CB   C N N 376 
VAL CG1  C N N 377 
VAL CG2  C N N 378 
VAL OXT  O N N 379 
VAL H    H N N 380 
VAL H2   H N N 381 
VAL HA   H N N 382 
VAL HB   H N N 383 
VAL HG11 H N N 384 
VAL HG12 H N N 385 
VAL HG13 H N N 386 
VAL HG21 H N N 387 
VAL HG22 H N N 388 
VAL HG23 H N N 389 
VAL HXT  H N N 390 
# 
loop_
_chem_comp_bond.comp_id 
_chem_comp_bond.atom_id_1 
_chem_comp_bond.atom_id_2 
_chem_comp_bond.value_order 
_chem_comp_bond.pdbx_aromatic_flag 
_chem_comp_bond.pdbx_stereo_config 
_chem_comp_bond.pdbx_ordinal 
ALA N   CA   sing N N 1   
ALA N   H    sing N N 2   
ALA N   H2   sing N N 3   
ALA CA  C    sing N N 4   
ALA CA  CB   sing N N 5   
ALA CA  HA   sing N N 6   
ALA C   O    doub N N 7   
ALA C   OXT  sing N N 8   
ALA CB  HB1  sing N N 9   
ALA CB  HB2  sing N N 10  
ALA CB  HB3  sing N N 11  
ALA OXT HXT  sing N N 12  
ARG N   CA   sing N N 13  
ARG N   H    sing N N 14  
ARG N   H2   sing N N 15  
ARG CA  C    sing N N 16  
ARG CA  CB   sing N N 17  
ARG CA  HA   sing N N 18  
ARG C   O    doub N N 19  
ARG C   OXT  sing N N 20  
ARG CB  CG   sing N N 21  
ARG CB  HB2  sing N N 22  
ARG CB  HB3  sing N N 23  
ARG CG  CD   sing N N 24  
ARG CG  HG2  sing N N 25  
ARG CG  HG3  sing N N 26  
ARG CD  NE   sing N N 27  
ARG CD  HD2  sing N N 28  
ARG CD  HD3  sing N N 29  
ARG NE  CZ   sing N N 30  
ARG NE  HE   sing N N 31  
ARG CZ  NH1  sing N N 32  
ARG CZ  NH2  doub N N 33  
ARG NH1 HH11 sing N N 34  
ARG NH1 HH12 sing N N 35  
ARG NH2 HH21 sing N N 36  
ARG NH2 HH22 sing N N 37  
ARG OXT HXT  sing N N 38  
ASN N   CA   sing N N 39  
ASN N   H    sing N N 40  
ASN N   H2   sing N N 41  
ASN CA  C    sing N N 42  
ASN CA  CB   sing N N 43  
ASN CA  HA   sing N N 44  
ASN C   O    doub N N 45  
ASN C   OXT  sing N N 46  
ASN CB  CG   sing N N 47  
ASN CB  HB2  sing N N 48  
ASN CB  HB3  sing N N 49  
ASN CG  OD1  doub N N 50  
ASN CG  ND2  sing N N 51  
ASN ND2 HD21 sing N N 52  
ASN ND2 HD22 sing N N 53  
ASN OXT HXT  sing N N 54  
ASP N   CA   sing N N 55  
ASP N   H    sing N N 56  
ASP N   H2   sing N N 57  
ASP CA  C    sing N N 58  
ASP CA  CB   sing N N 59  
ASP CA  HA   sing N N 60  
ASP C   O    doub N N 61  
ASP C   OXT  sing N N 62  
ASP CB  CG   sing N N 63  
ASP CB  HB2  sing N N 64  
ASP CB  HB3  sing N N 65  
ASP CG  OD1  doub N N 66  
ASP CG  OD2  sing N N 67  
ASP OD2 HD2  sing N N 68  
ASP OXT HXT  sing N N 69  
CYS N   CA   sing N N 70  
CYS N   H    sing N N 71  
CYS N   H2   sing N N 72  
CYS CA  C    sing N N 73  
CYS CA  CB   sing N N 74  
CYS CA  HA   sing N N 75  
CYS C   O    doub N N 76  
CYS C   OXT  sing N N 77  
CYS CB  SG   sing N N 78  
CYS CB  HB2  sing N N 79  
CYS CB  HB3  sing N N 80  
CYS SG  HG   sing N N 81  
CYS OXT HXT  sing N N 82  
GLN N   CA   sing N N 83  
GLN N   H    sing N N 84  
GLN N   H2   sing N N 85  
GLN CA  C    sing N N 86  
GLN CA  CB   sing N N 87  
GLN CA  HA   sing N N 88  
GLN C   O    doub N N 89  
GLN C   OXT  sing N N 90  
GLN CB  CG   sing N N 91  
GLN CB  HB2  sing N N 92  
GLN CB  HB3  sing N N 93  
GLN CG  CD   sing N N 94  
GLN CG  HG2  sing N N 95  
GLN CG  HG3  sing N N 96  
GLN CD  OE1  doub N N 97  
GLN CD  NE2  sing N N 98  
GLN NE2 HE21 sing N N 99  
GLN NE2 HE22 sing N N 100 
GLN OXT HXT  sing N N 101 
GLU N   CA   sing N N 102 
GLU N   H    sing N N 103 
GLU N   H2   sing N N 104 
GLU CA  C    sing N N 105 
GLU CA  CB   sing N N 106 
GLU CA  HA   sing N N 107 
GLU C   O    doub N N 108 
GLU C   OXT  sing N N 109 
GLU CB  CG   sing N N 110 
GLU CB  HB2  sing N N 111 
GLU CB  HB3  sing N N 112 
GLU CG  CD   sing N N 113 
GLU CG  HG2  sing N N 114 
GLU CG  HG3  sing N N 115 
GLU CD  OE1  doub N N 116 
GLU CD  OE2  sing N N 117 
GLU OE2 HE2  sing N N 118 
GLU OXT HXT  sing N N 119 
GLY N   CA   sing N N 120 
GLY N   H    sing N N 121 
GLY N   H2   sing N N 122 
GLY CA  C    sing N N 123 
GLY CA  HA2  sing N N 124 
GLY CA  HA3  sing N N 125 
GLY C   O    doub N N 126 
GLY C   OXT  sing N N 127 
GLY OXT HXT  sing N N 128 
HIS N   CA   sing N N 129 
HIS N   H    sing N N 130 
HIS N   H2   sing N N 131 
HIS CA  C    sing N N 132 
HIS CA  CB   sing N N 133 
HIS CA  HA   sing N N 134 
HIS C   O    doub N N 135 
HIS C   OXT  sing N N 136 
HIS CB  CG   sing N N 137 
HIS CB  HB2  sing N N 138 
HIS CB  HB3  sing N N 139 
HIS CG  ND1  sing Y N 140 
HIS CG  CD2  doub Y N 141 
HIS ND1 CE1  doub Y N 142 
HIS ND1 HD1  sing N N 143 
HIS CD2 NE2  sing Y N 144 
HIS CD2 HD2  sing N N 145 
HIS CE1 NE2  sing Y N 146 
HIS CE1 HE1  sing N N 147 
HIS NE2 HE2  sing N N 148 
HIS OXT HXT  sing N N 149 
HOH O   H1   sing N N 150 
HOH O   H2   sing N N 151 
ILE N   CA   sing N N 152 
ILE N   H    sing N N 153 
ILE N   H2   sing N N 154 
ILE CA  C    sing N N 155 
ILE CA  CB   sing N N 156 
ILE CA  HA   sing N N 157 
ILE C   O    doub N N 158 
ILE C   OXT  sing N N 159 
ILE CB  CG1  sing N N 160 
ILE CB  CG2  sing N N 161 
ILE CB  HB   sing N N 162 
ILE CG1 CD1  sing N N 163 
ILE CG1 HG12 sing N N 164 
ILE CG1 HG13 sing N N 165 
ILE CG2 HG21 sing N N 166 
ILE CG2 HG22 sing N N 167 
ILE CG2 HG23 sing N N 168 
ILE CD1 HD11 sing N N 169 
ILE CD1 HD12 sing N N 170 
ILE CD1 HD13 sing N N 171 
ILE OXT HXT  sing N N 172 
LEU N   CA   sing N N 173 
LEU N   H    sing N N 174 
LEU N   H2   sing N N 175 
LEU CA  C    sing N N 176 
LEU CA  CB   sing N N 177 
LEU CA  HA   sing N N 178 
LEU C   O    doub N N 179 
LEU C   OXT  sing N N 180 
LEU CB  CG   sing N N 181 
LEU CB  HB2  sing N N 182 
LEU CB  HB3  sing N N 183 
LEU CG  CD1  sing N N 184 
LEU CG  CD2  sing N N 185 
LEU CG  HG   sing N N 186 
LEU CD1 HD11 sing N N 187 
LEU CD1 HD12 sing N N 188 
LEU CD1 HD13 sing N N 189 
LEU CD2 HD21 sing N N 190 
LEU CD2 HD22 sing N N 191 
LEU CD2 HD23 sing N N 192 
LEU OXT HXT  sing N N 193 
LYS N   CA   sing N N 194 
LYS N   H    sing N N 195 
LYS N   H2   sing N N 196 
LYS CA  C    sing N N 197 
LYS CA  CB   sing N N 198 
LYS CA  HA   sing N N 199 
LYS C   O    doub N N 200 
LYS C   OXT  sing N N 201 
LYS CB  CG   sing N N 202 
LYS CB  HB2  sing N N 203 
LYS CB  HB3  sing N N 204 
LYS CG  CD   sing N N 205 
LYS CG  HG2  sing N N 206 
LYS CG  HG3  sing N N 207 
LYS CD  CE   sing N N 208 
LYS CD  HD2  sing N N 209 
LYS CD  HD3  sing N N 210 
LYS CE  NZ   sing N N 211 
LYS CE  HE2  sing N N 212 
LYS CE  HE3  sing N N 213 
LYS NZ  HZ1  sing N N 214 
LYS NZ  HZ2  sing N N 215 
LYS NZ  HZ3  sing N N 216 
LYS OXT HXT  sing N N 217 
MET N   CA   sing N N 218 
MET N   H    sing N N 219 
MET N   H2   sing N N 220 
MET CA  C    sing N N 221 
MET CA  CB   sing N N 222 
MET CA  HA   sing N N 223 
MET C   O    doub N N 224 
MET C   OXT  sing N N 225 
MET CB  CG   sing N N 226 
MET CB  HB2  sing N N 227 
MET CB  HB3  sing N N 228 
MET CG  SD   sing N N 229 
MET CG  HG2  sing N N 230 
MET CG  HG3  sing N N 231 
MET SD  CE   sing N N 232 
MET CE  HE1  sing N N 233 
MET CE  HE2  sing N N 234 
MET CE  HE3  sing N N 235 
MET OXT HXT  sing N N 236 
PHE N   CA   sing N N 237 
PHE N   H    sing N N 238 
PHE N   H2   sing N N 239 
PHE CA  C    sing N N 240 
PHE CA  CB   sing N N 241 
PHE CA  HA   sing N N 242 
PHE C   O    doub N N 243 
PHE C   OXT  sing N N 244 
PHE CB  CG   sing N N 245 
PHE CB  HB2  sing N N 246 
PHE CB  HB3  sing N N 247 
PHE CG  CD1  doub Y N 248 
PHE CG  CD2  sing Y N 249 
PHE CD1 CE1  sing Y N 250 
PHE CD1 HD1  sing N N 251 
PHE CD2 CE2  doub Y N 252 
PHE CD2 HD2  sing N N 253 
PHE CE1 CZ   doub Y N 254 
PHE CE1 HE1  sing N N 255 
PHE CE2 CZ   sing Y N 256 
PHE CE2 HE2  sing N N 257 
PHE CZ  HZ   sing N N 258 
PHE OXT HXT  sing N N 259 
PRO N   CA   sing N N 260 
PRO N   CD   sing N N 261 
PRO N   H    sing N N 262 
PRO CA  C    sing N N 263 
PRO CA  CB   sing N N 264 
PRO CA  HA   sing N N 265 
PRO C   O    doub N N 266 
PRO C   OXT  sing N N 267 
PRO CB  CG   sing N N 268 
PRO CB  HB2  sing N N 269 
PRO CB  HB3  sing N N 270 
PRO CG  CD   sing N N 271 
PRO CG  HG2  sing N N 272 
PRO CG  HG3  sing N N 273 
PRO CD  HD2  sing N N 274 
PRO CD  HD3  sing N N 275 
PRO OXT HXT  sing N N 276 
SER N   CA   sing N N 277 
SER N   H    sing N N 278 
SER N   H2   sing N N 279 
SER CA  C    sing N N 280 
SER CA  CB   sing N N 281 
SER CA  HA   sing N N 282 
SER C   O    doub N N 283 
SER C   OXT  sing N N 284 
SER CB  OG   sing N N 285 
SER CB  HB2  sing N N 286 
SER CB  HB3  sing N N 287 
SER OG  HG   sing N N 288 
SER OXT HXT  sing N N 289 
THR N   CA   sing N N 290 
THR N   H    sing N N 291 
THR N   H2   sing N N 292 
THR CA  C    sing N N 293 
THR CA  CB   sing N N 294 
THR CA  HA   sing N N 295 
THR C   O    doub N N 296 
THR C   OXT  sing N N 297 
THR CB  OG1  sing N N 298 
THR CB  CG2  sing N N 299 
THR CB  HB   sing N N 300 
THR OG1 HG1  sing N N 301 
THR CG2 HG21 sing N N 302 
THR CG2 HG22 sing N N 303 
THR CG2 HG23 sing N N 304 
THR OXT HXT  sing N N 305 
TRP N   CA   sing N N 306 
TRP N   H    sing N N 307 
TRP N   H2   sing N N 308 
TRP CA  C    sing N N 309 
TRP CA  CB   sing N N 310 
TRP CA  HA   sing N N 311 
TRP C   O    doub N N 312 
TRP C   OXT  sing N N 313 
TRP CB  CG   sing N N 314 
TRP CB  HB2  sing N N 315 
TRP CB  HB3  sing N N 316 
TRP CG  CD1  doub Y N 317 
TRP CG  CD2  sing Y N 318 
TRP CD1 NE1  sing Y N 319 
TRP CD1 HD1  sing N N 320 
TRP CD2 CE2  doub Y N 321 
TRP CD2 CE3  sing Y N 322 
TRP NE1 CE2  sing Y N 323 
TRP NE1 HE1  sing N N 324 
TRP CE2 CZ2  sing Y N 325 
TRP CE3 CZ3  doub Y N 326 
TRP CE3 HE3  sing N N 327 
TRP CZ2 CH2  doub Y N 328 
TRP CZ2 HZ2  sing N N 329 
TRP CZ3 CH2  sing Y N 330 
TRP CZ3 HZ3  sing N N 331 
TRP CH2 HH2  sing N N 332 
TRP OXT HXT  sing N N 333 
TYR N   CA   sing N N 334 
TYR N   H    sing N N 335 
TYR N   H2   sing N N 336 
TYR CA  C    sing N N 337 
TYR CA  CB   sing N N 338 
TYR CA  HA   sing N N 339 
TYR C   O    doub N N 340 
TYR C   OXT  sing N N 341 
TYR CB  CG   sing N N 342 
TYR CB  HB2  sing N N 343 
TYR CB  HB3  sing N N 344 
TYR CG  CD1  doub Y N 345 
TYR CG  CD2  sing Y N 346 
TYR CD1 CE1  sing Y N 347 
TYR CD1 HD1  sing N N 348 
TYR CD2 CE2  doub Y N 349 
TYR CD2 HD2  sing N N 350 
TYR CE1 CZ   doub Y N 351 
TYR CE1 HE1  sing N N 352 
TYR CE2 CZ   sing Y N 353 
TYR CE2 HE2  sing N N 354 
TYR CZ  OH   sing N N 355 
TYR OH  HH   sing N N 356 
TYR OXT HXT  sing N N 357 
VAL N   CA   sing N N 358 
VAL N   H    sing N N 359 
VAL N   H2   sing N N 360 
VAL CA  C    sing N N 361 
VAL CA  CB   sing N N 362 
VAL CA  HA   sing N N 363 
VAL C   O    doub N N 364 
VAL C   OXT  sing N N 365 
VAL CB  CG1  sing N N 366 
VAL CB  CG2  sing N N 367 
VAL CB  HB   sing N N 368 
VAL CG1 HG11 sing N N 369 
VAL CG1 HG12 sing N N 370 
VAL CG1 HG13 sing N N 371 
VAL CG2 HG21 sing N N 372 
VAL CG2 HG22 sing N N 373 
VAL CG2 HG23 sing N N 374 
VAL OXT HXT  sing N N 375 
# 
_atom_sites.entry_id                    3BCH 
_atom_sites.fract_transf_matrix[1][1]   -0.00588384 
_atom_sites.fract_transf_matrix[1][2]   0.01001739 
_atom_sites.fract_transf_matrix[1][3]   0.00629200 
_atom_sites.fract_transf_matrix[2][1]   -0.00593769 
_atom_sites.fract_transf_matrix[2][2]   -0.00857888 
_atom_sites.fract_transf_matrix[2][3]   0.00810577 
_atom_sites.fract_transf_matrix[3][1]   0.00782145 
_atom_sites.fract_transf_matrix[3][2]   0.00059788 
_atom_sites.fract_transf_matrix[3][3]   0.00636219 
_atom_sites.fract_transf_vector[1]      0.199561 
_atom_sites.fract_transf_vector[2]      0.712487 
_atom_sites.fract_transf_vector[3]      0.443117 
# 
loop_
_atom_type.symbol 
C 
N 
O 
S 
# 
loop_
_atom_site.group_PDB 
_atom_site.id 
_atom_site.type_symbol 
_atom_site.label_atom_id 
_atom_site.label_alt_id 
_atom_site.label_comp_id 
_atom_site.label_asym_id 
_atom_site.label_entity_id 
_atom_site.label_seq_id 
_atom_site.pdbx_PDB_ins_code 
_atom_site.Cartn_x 
_atom_site.Cartn_y 
_atom_site.Cartn_z 
_atom_site.occupancy 
_atom_site.B_iso_or_equiv 
_atom_site.pdbx_formal_charge 
_atom_site.auth_seq_id 
_atom_site.auth_comp_id 
_atom_site.auth_asym_id 
_atom_site.auth_atom_id 
_atom_site.pdbx_PDB_model_num 
ATOM   1    N N   . GLN A 1 42  ? -2.061  20.433  1.242   1.00 40.82 ? 9   GLN A N   1 
ATOM   2    C CA  . GLN A 1 42  ? -2.774  19.647  2.296   1.00 40.70 ? 9   GLN A CA  1 
ATOM   3    C C   . GLN A 1 42  ? -1.886  18.539  2.873   1.00 39.87 ? 9   GLN A C   1 
ATOM   4    O O   . GLN A 1 42  ? -2.159  17.990  3.947   1.00 39.93 ? 9   GLN A O   1 
ATOM   5    C CB  . GLN A 1 42  ? -4.063  19.055  1.731   1.00 41.21 ? 9   GLN A CB  1 
ATOM   6    C CG  . GLN A 1 42  ? -5.034  18.579  2.795   1.00 42.91 ? 9   GLN A CG  1 
ATOM   7    C CD  . GLN A 1 42  ? -5.547  17.192  2.507   1.00 45.00 ? 9   GLN A CD  1 
ATOM   8    O OE1 . GLN A 1 42  ? -5.053  16.516  1.601   1.00 45.85 ? 9   GLN A OE1 1 
ATOM   9    N NE2 . GLN A 1 42  ? -6.538  16.748  3.283   1.00 45.69 ? 9   GLN A NE2 1 
ATOM   10   N N   . MET A 1 43  ? -0.824  18.210  2.147   1.00 38.98 ? 10  MET A N   1 
ATOM   11   C CA  . MET A 1 43  ? 0.263   17.407  2.689   1.00 38.04 ? 10  MET A CA  1 
ATOM   12   C C   . MET A 1 43  ? 0.972   18.230  3.771   1.00 37.17 ? 10  MET A C   1 
ATOM   13   O O   . MET A 1 43  ? 1.314   19.386  3.540   1.00 36.98 ? 10  MET A O   1 
ATOM   14   C CB  . MET A 1 43  ? 1.231   17.043  1.561   1.00 38.09 ? 10  MET A CB  1 
ATOM   15   C CG  . MET A 1 43  ? 2.405   16.176  1.972   1.00 37.63 ? 10  MET A CG  1 
ATOM   16   S SD  . MET A 1 43  ? 3.240   15.453  0.546   1.00 38.36 ? 10  MET A SD  1 
ATOM   17   C CE  . MET A 1 43  ? 3.732   16.893  -0.408  1.00 37.34 ? 10  MET A CE  1 
ATOM   18   N N   . LYS A 1 44  ? 1.178   17.641  4.945   1.00 36.12 ? 11  LYS A N   1 
ATOM   19   C CA  . LYS A 1 44  ? 1.806   18.352  6.055   1.00 35.40 ? 11  LYS A CA  1 
ATOM   20   C C   . LYS A 1 44  ? 3.338   18.322  5.987   1.00 34.37 ? 11  LYS A C   1 
ATOM   21   O O   . LYS A 1 44  ? 3.927   17.372  5.459   1.00 33.88 ? 11  LYS A O   1 
ATOM   22   C CB  . LYS A 1 44  ? 1.294   17.822  7.399   1.00 35.67 ? 11  LYS A CB  1 
ATOM   23   C CG  . LYS A 1 44  ? -0.150  18.244  7.725   1.00 35.98 ? 11  LYS A CG  1 
ATOM   24   C CD  . LYS A 1 44  ? -0.556  17.782  9.121   1.00 36.82 ? 11  LYS A CD  1 
ATOM   25   C CE  . LYS A 1 44  ? -2.023  18.111  9.449   1.00 38.77 ? 11  LYS A CE  1 
ATOM   26   N NZ  . LYS A 1 44  ? -2.523  17.300  10.619  1.00 39.51 ? 11  LYS A NZ  1 
ATOM   27   N N   . GLU A 1 45  ? 3.964   19.382  6.512   1.00 33.13 ? 12  GLU A N   1 
ATOM   28   C CA  . GLU A 1 45  ? 5.421   19.566  6.502   1.00 32.41 ? 12  GLU A CA  1 
ATOM   29   C C   . GLU A 1 45  ? 6.147   18.394  7.146   1.00 30.54 ? 12  GLU A C   1 
ATOM   30   O O   . GLU A 1 45  ? 7.175   17.939  6.646   1.00 29.97 ? 12  GLU A O   1 
ATOM   31   C CB  . GLU A 1 45  ? 5.814   20.860  7.235   1.00 32.47 ? 12  GLU A CB  1 
ATOM   32   C CG  . GLU A 1 45  ? 5.483   22.168  6.499   1.00 34.22 ? 12  GLU A CG  1 
ATOM   33   C CD  . GLU A 1 45  ? 5.591   23.413  7.410   1.00 35.17 ? 12  GLU A CD  1 
ATOM   34   O OE1 . GLU A 1 45  ? 5.575   23.265  8.664   1.00 37.46 ? 12  GLU A OE1 1 
ATOM   35   O OE2 . GLU A 1 45  ? 5.684   24.543  6.863   1.00 37.87 ? 12  GLU A OE2 1 
ATOM   36   N N   . GLU A 1 46  ? 5.601   17.922  8.262   1.00 28.98 ? 13  GLU A N   1 
ATOM   37   C CA  . GLU A 1 46  ? 6.191   16.831  9.022   1.00 27.98 ? 13  GLU A CA  1 
ATOM   38   C C   . GLU A 1 46  ? 6.135   15.513  8.244   1.00 25.81 ? 13  GLU A C   1 
ATOM   39   O O   . GLU A 1 46  ? 6.988   14.654  8.418   1.00 25.42 ? 13  GLU A O   1 
ATOM   40   C CB  . GLU A 1 46  ? 5.488   16.677  10.377  1.00 28.55 ? 13  GLU A CB  1 
ATOM   41   C CG  . GLU A 1 46  ? 5.353   17.973  11.173  1.00 32.57 ? 13  GLU A CG  1 
ATOM   42   C CD  . GLU A 1 46  ? 4.007   18.665  10.973  1.00 36.67 ? 13  GLU A CD  1 
ATOM   43   O OE1 . GLU A 1 46  ? 3.778   19.273  9.899   1.00 38.31 ? 13  GLU A OE1 1 
ATOM   44   O OE2 . GLU A 1 46  ? 3.177   18.610  11.910  1.00 39.32 ? 13  GLU A OE2 1 
ATOM   45   N N   . ASP A 1 47  ? 5.123   15.369  7.392   1.00 23.90 ? 14  ASP A N   1 
ATOM   46   C CA  . ASP A 1 47  ? 4.975   14.168  6.570   1.00 22.16 ? 14  ASP A CA  1 
ATOM   47   C C   . ASP A 1 47  ? 5.961   14.206  5.412   1.00 20.81 ? 14  ASP A C   1 
ATOM   48   O O   . ASP A 1 47  ? 6.542   13.183  5.054   1.00 20.30 ? 14  ASP A O   1 
ATOM   49   C CB  . ASP A 1 47  ? 3.539   14.018  6.073   1.00 21.94 ? 14  ASP A CB  1 
ATOM   50   C CG  . ASP A 1 47  ? 2.577   13.588  7.181   1.00 22.47 ? 14  ASP A CG  1 
ATOM   51   O OD1 . ASP A 1 47  ? 3.003   12.916  8.151   1.00 22.59 ? 14  ASP A OD1 1 
ATOM   52   O OD2 . ASP A 1 47  ? 1.384   13.916  7.075   1.00 22.04 ? 14  ASP A OD2 1 
ATOM   53   N N   . VAL A 1 48  ? 6.159   15.393  4.847   1.00 19.59 ? 15  VAL A N   1 
ATOM   54   C CA  . VAL A 1 48  ? 7.189   15.596  3.831   1.00 19.30 ? 15  VAL A CA  1 
ATOM   55   C C   . VAL A 1 48  ? 8.561   15.174  4.361   1.00 18.47 ? 15  VAL A C   1 
ATOM   56   O O   . VAL A 1 48  ? 9.294   14.469  3.682   1.00 18.76 ? 15  VAL A O   1 
ATOM   57   C CB  . VAL A 1 48  ? 7.250   17.056  3.337   1.00 19.43 ? 15  VAL A CB  1 
ATOM   58   C CG1 . VAL A 1 48  ? 8.430   17.241  2.358   1.00 19.64 ? 15  VAL A CG1 1 
ATOM   59   C CG2 . VAL A 1 48  ? 5.921   17.463  2.685   1.00 19.83 ? 15  VAL A CG2 1 
ATOM   60   N N   . LEU A 1 49  ? 8.890   15.584  5.586   1.00 17.89 ? 16  LEU A N   1 
ATOM   61   C CA  . LEU A 1 49  ? 10.176  15.226  6.198   1.00 17.11 ? 16  LEU A CA  1 
ATOM   62   C C   . LEU A 1 49  ? 10.342  13.726  6.437   1.00 16.55 ? 16  LEU A C   1 
ATOM   63   O O   . LEU A 1 49  ? 11.436  13.192  6.271   1.00 16.11 ? 16  LEU A O   1 
ATOM   64   C CB  . LEU A 1 49  ? 10.397  16.004  7.504   1.00 17.21 ? 16  LEU A CB  1 
ATOM   65   C CG  . LEU A 1 49  ? 10.614  17.517  7.372   1.00 17.45 ? 16  LEU A CG  1 
ATOM   66   C CD1 . LEU A 1 49  ? 10.779  18.139  8.761   1.00 19.11 ? 16  LEU A CD1 1 
ATOM   67   C CD2 . LEU A 1 49  ? 11.809  17.826  6.498   1.00 17.40 ? 16  LEU A CD2 1 
ATOM   68   N N   . LYS A 1 50  ? 9.258   13.062  6.843   1.00 16.07 ? 17  LYS A N   1 
ATOM   69   C CA  . LYS A 1 50  ? 9.232   11.600  6.999   1.00 15.73 ? 17  LYS A CA  1 
ATOM   70   C C   . LYS A 1 50  ? 9.464   10.885  5.670   1.00 15.15 ? 17  LYS A C   1 
ATOM   71   O O   . LYS A 1 50  ? 10.300  9.983   5.581   1.00 14.98 ? 17  LYS A O   1 
ATOM   72   C CB  . LYS A 1 50  ? 7.896   11.145  7.604   1.00 15.76 ? 17  LYS A CB  1 
ATOM   73   C CG  . LYS A 1 50  ? 7.794   11.324  9.115   1.00 16.48 ? 17  LYS A CG  1 
ATOM   74   C CD  . LYS A 1 50  ? 6.474   10.768  9.651   1.00 16.14 ? 17  LYS A CD  1 
ATOM   75   C CE  . LYS A 1 50  ? 6.481   10.745  11.181  1.00 20.12 ? 17  LYS A CE  1 
ATOM   76   N NZ  . LYS A 1 50  ? 6.404   12.114  11.774  1.00 19.99 ? 17  LYS A NZ  1 
ATOM   77   N N   . PHE A 1 51  ? 8.712   11.286  4.644   1.00 14.84 ? 18  PHE A N   1 
ATOM   78   C CA  . PHE A 1 51  ? 8.905   10.786  3.287   1.00 15.07 ? 18  PHE A CA  1 
ATOM   79   C C   . PHE A 1 51  ? 10.368  10.908  2.859   1.00 15.47 ? 18  PHE A C   1 
ATOM   80   O O   . PHE A 1 51  ? 10.947  9.960   2.331   1.00 15.35 ? 18  PHE A O   1 
ATOM   81   C CB  . PHE A 1 51  ? 8.044   11.566  2.293   1.00 14.93 ? 18  PHE A CB  1 
ATOM   82   C CG  . PHE A 1 51  ? 6.585   11.180  2.281   1.00 15.60 ? 18  PHE A CG  1 
ATOM   83   C CD1 . PHE A 1 51  ? 6.185   9.847   2.404   1.00 14.92 ? 18  PHE A CD1 1 
ATOM   84   C CD2 . PHE A 1 51  ? 5.614   12.153  2.092   1.00 15.74 ? 18  PHE A CD2 1 
ATOM   85   C CE1 . PHE A 1 51  ? 4.830   9.493   2.360   1.00 15.98 ? 18  PHE A CE1 1 
ATOM   86   C CE2 . PHE A 1 51  ? 4.253   11.810  2.052   1.00 17.47 ? 18  PHE A CE2 1 
ATOM   87   C CZ  . PHE A 1 51  ? 3.865   10.479  2.185   1.00 15.44 ? 18  PHE A CZ  1 
ATOM   88   N N   . LEU A 1 52  ? 10.948  12.087  3.084   1.00 15.91 ? 19  LEU A N   1 
ATOM   89   C CA  . LEU A 1 52  ? 12.342  12.354  2.715   1.00 16.59 ? 19  LEU A CA  1 
ATOM   90   C C   . LEU A 1 52  ? 13.318  11.426  3.434   1.00 16.45 ? 19  LEU A C   1 
ATOM   91   O O   . LEU A 1 52  ? 14.175  10.816  2.798   1.00 16.82 ? 19  LEU A O   1 
ATOM   92   C CB  . LEU A 1 52  ? 12.693  13.826  2.985   1.00 16.83 ? 19  LEU A CB  1 
ATOM   93   C CG  . LEU A 1 52  ? 14.001  14.383  2.406   1.00 18.16 ? 19  LEU A CG  1 
ATOM   94   C CD1 . LEU A 1 52  ? 13.919  15.887  2.254   1.00 17.00 ? 19  LEU A CD1 1 
ATOM   95   C CD2 . LEU A 1 52  ? 15.248  13.985  3.230   1.00 18.05 ? 19  LEU A CD2 1 
ATOM   96   N N   . ALA A 1 53  ? 13.171  11.314  4.751   1.00 16.29 ? 20  ALA A N   1 
ATOM   97   C CA  . ALA A 1 53  ? 14.043  10.473  5.564   1.00 16.44 ? 20  ALA A CA  1 
ATOM   98   C C   . ALA A 1 53  ? 13.983  9.004   5.135   1.00 16.60 ? 20  ALA A C   1 
ATOM   99   O O   . ALA A 1 53  ? 15.003  8.310   5.156   1.00 16.52 ? 20  ALA A O   1 
ATOM   100  C CB  . ALA A 1 53  ? 13.701  10.623  7.049   1.00 16.46 ? 20  ALA A CB  1 
ATOM   101  N N   . ALA A 1 54  ? 12.796  8.550   4.717   1.00 16.30 ? 21  ALA A N   1 
ATOM   102  C CA  . ALA A 1 54  ? 12.596  7.165   4.274   1.00 15.72 ? 21  ALA A CA  1 
ATOM   103  C C   . ALA A 1 54  ? 12.964  6.932   2.812   1.00 15.64 ? 21  ALA A C   1 
ATOM   104  O O   . ALA A 1 54  ? 13.009  5.788   2.367   1.00 15.99 ? 21  ALA A O   1 
ATOM   105  C CB  . ALA A 1 54  ? 11.166  6.729   4.526   1.00 15.85 ? 21  ALA A CB  1 
ATOM   106  N N   . GLY A 1 55  ? 13.231  8.006   2.066   1.00 15.31 ? 22  GLY A N   1 
ATOM   107  C CA  . GLY A 1 55  ? 13.493  7.900   0.626   1.00 14.30 ? 22  GLY A CA  1 
ATOM   108  C C   . GLY A 1 55  ? 12.261  7.496   -0.177  1.00 13.96 ? 22  GLY A C   1 
ATOM   109  O O   . GLY A 1 55  ? 12.368  6.789   -1.170  1.00 13.57 ? 22  GLY A O   1 
ATOM   110  N N   . THR A 1 56  ? 11.085  7.956   0.243   1.00 13.71 ? 23  THR A N   1 
ATOM   111  C CA  . THR A 1 56  ? 9.824   7.561   -0.412  1.00 13.29 ? 23  THR A CA  1 
ATOM   112  C C   . THR A 1 56  ? 9.707   8.070   -1.871  1.00 13.45 ? 23  THR A C   1 
ATOM   113  O O   . THR A 1 56  ? 9.057   7.435   -2.718  1.00 13.03 ? 23  THR A O   1 
ATOM   114  C CB  . THR A 1 56  ? 8.608   7.938   0.457   1.00 13.06 ? 23  THR A CB  1 
ATOM   115  O OG1 . THR A 1 56  ? 8.728   7.282   1.724   1.00 12.67 ? 23  THR A OG1 1 
ATOM   116  C CG2 . THR A 1 56  ? 7.278   7.513   -0.199  1.00 13.17 ? 23  THR A CG2 1 
ATOM   117  N N   . HIS A 1 57  ? 10.386  9.177   -2.158  1.00 13.05 ? 24  HIS A N   1 
ATOM   118  C CA  . HIS A 1 57  ? 10.393  9.803   -3.488  1.00 13.78 ? 24  HIS A CA  1 
ATOM   119  C C   . HIS A 1 57  ? 11.261  9.057   -4.505  1.00 13.71 ? 24  HIS A C   1 
ATOM   120  O O   . HIS A 1 57  ? 11.278  9.401   -5.686  1.00 13.30 ? 24  HIS A O   1 
ATOM   121  C CB  . HIS A 1 57  ? 10.932  11.239  -3.361  1.00 13.55 ? 24  HIS A CB  1 
ATOM   122  C CG  . HIS A 1 57  ? 12.343  11.295  -2.865  1.00 14.39 ? 24  HIS A CG  1 
ATOM   123  N ND1 . HIS A 1 57  ? 12.668  11.171  -1.530  1.00 15.10 ? 24  HIS A ND1 1 
ATOM   124  C CD2 . HIS A 1 57  ? 13.519  11.431  -3.528  1.00 15.37 ? 24  HIS A CD2 1 
ATOM   125  C CE1 . HIS A 1 57  ? 13.982  11.229  -1.392  1.00 15.42 ? 24  HIS A CE1 1 
ATOM   126  N NE2 . HIS A 1 57  ? 14.521  11.392  -2.587  1.00 16.10 ? 24  HIS A NE2 1 
ATOM   127  N N   . LEU A 1 58  ? 12.006  8.056   -4.045  1.00 14.52 ? 25  LEU A N   1 
ATOM   128  C CA  . LEU A 1 58  ? 12.981  7.392   -4.894  1.00 15.21 ? 25  LEU A CA  1 
ATOM   129  C C   . LEU A 1 58  ? 12.346  6.276   -5.709  1.00 15.41 ? 25  LEU A C   1 
ATOM   130  O O   . LEU A 1 58  ? 11.930  5.259   -5.161  1.00 15.33 ? 25  LEU A O   1 
ATOM   131  C CB  . LEU A 1 58  ? 14.146  6.845   -4.057  1.00 15.80 ? 25  LEU A CB  1 
ATOM   132  C CG  . LEU A 1 58  ? 15.131  7.846   -3.446  1.00 17.37 ? 25  LEU A CG  1 
ATOM   133  C CD1 . LEU A 1 58  ? 16.206  7.094   -2.663  1.00 19.80 ? 25  LEU A CD1 1 
ATOM   134  C CD2 . LEU A 1 58  ? 15.771  8.733   -4.518  1.00 18.84 ? 25  LEU A CD2 1 
ATOM   135  N N   . GLY A 1 59  ? 12.255  6.483   -7.020  1.00 15.84 ? 26  GLY A N   1 
ATOM   136  C CA  . GLY A 1 59  ? 11.775  5.450   -7.927  1.00 16.39 ? 26  GLY A CA  1 
ATOM   137  C C   . GLY A 1 59  ? 12.969  4.679   -8.447  1.00 17.38 ? 26  GLY A C   1 
ATOM   138  O O   . GLY A 1 59  ? 14.049  4.705   -7.837  1.00 17.10 ? 26  GLY A O   1 
ATOM   139  N N   . GLY A 1 60  ? 12.782  4.001   -9.577  1.00 17.81 ? 27  GLY A N   1 
ATOM   140  C CA  . GLY A 1 60  ? 13.874  3.279   -10.222 1.00 18.91 ? 27  GLY A CA  1 
ATOM   141  C C   . GLY A 1 60  ? 14.234  3.910   -11.549 1.00 19.45 ? 27  GLY A C   1 
ATOM   142  O O   . GLY A 1 60  ? 13.775  5.003   -11.860 1.00 19.12 ? 27  GLY A O   1 
ATOM   143  N N   . THR A 1 61  ? 15.055  3.218   -12.336 1.00 20.01 ? 28  THR A N   1 
ATOM   144  C CA  . THR A 1 61  ? 15.484  3.755   -13.624 1.00 20.92 ? 28  THR A CA  1 
ATOM   145  C C   . THR A 1 61  ? 14.479  3.485   -14.743 1.00 21.04 ? 28  THR A C   1 
ATOM   146  O O   . THR A 1 61  ? 14.554  4.104   -15.809 1.00 21.57 ? 28  THR A O   1 
ATOM   147  C CB  . THR A 1 61  ? 16.883  3.228   -14.032 1.00 21.04 ? 28  THR A CB  1 
ATOM   148  O OG1 . THR A 1 61  ? 16.846  1.799   -14.105 1.00 22.15 ? 28  THR A OG1 1 
ATOM   149  C CG2 . THR A 1 61  ? 17.928  3.658   -13.010 1.00 20.78 ? 28  THR A CG2 1 
ATOM   150  N N   . ASN A 1 62  ? 13.545  2.567   -14.505 1.00 20.80 ? 29  ASN A N   1 
ATOM   151  C CA  . ASN A 1 62  ? 12.513  2.253   -15.489 1.00 20.86 ? 29  ASN A CA  1 
ATOM   152  C C   . ASN A 1 62  ? 11.146  2.809   -15.113 1.00 20.85 ? 29  ASN A C   1 
ATOM   153  O O   . ASN A 1 62  ? 10.798  2.911   -13.925 1.00 20.73 ? 29  ASN A O   1 
ATOM   154  C CB  . ASN A 1 62  ? 12.414  0.740   -15.726 1.00 21.29 ? 29  ASN A CB  1 
ATOM   155  C CG  . ASN A 1 62  ? 13.699  0.148   -16.294 1.00 22.72 ? 29  ASN A CG  1 
ATOM   156  O OD1 . ASN A 1 62  ? 14.135  -0.913  -15.875 1.00 24.58 ? 29  ASN A OD1 1 
ATOM   157  N ND2 . ASN A 1 62  ? 14.315  0.846   -17.236 1.00 23.84 ? 29  ASN A ND2 1 
ATOM   158  N N   . LEU A 1 63  ? 10.371  3.146   -16.140 1.00 20.30 ? 30  LEU A N   1 
ATOM   159  C CA  . LEU A 1 63  ? 9.095   3.791   -15.954 1.00 20.36 ? 30  LEU A CA  1 
ATOM   160  C C   . LEU A 1 63  ? 7.993   3.097   -16.753 1.00 20.98 ? 30  LEU A C   1 
ATOM   161  O O   . LEU A 1 63  ? 8.048   3.028   -17.988 1.00 21.46 ? 30  LEU A O   1 
ATOM   162  C CB  . LEU A 1 63  ? 9.186   5.274   -16.333 1.00 19.97 ? 30  LEU A CB  1 
ATOM   163  C CG  . LEU A 1 63  ? 7.926   6.146   -16.241 1.00 18.97 ? 30  LEU A CG  1 
ATOM   164  C CD1 . LEU A 1 63  ? 7.461   6.321   -14.800 1.00 15.48 ? 30  LEU A CD1 1 
ATOM   165  C CD2 . LEU A 1 63  ? 8.159   7.504   -16.921 1.00 19.42 ? 30  LEU A CD2 1 
ATOM   166  N N   . ASP A 1 64  ? 7.005   2.579   -16.031 1.00 20.88 ? 31  ASP A N   1 
ATOM   167  C CA  . ASP A 1 64  ? 5.778   2.077   -16.625 1.00 21.27 ? 31  ASP A CA  1 
ATOM   168  C C   . ASP A 1 64  ? 4.965   3.258   -17.150 1.00 21.62 ? 31  ASP A C   1 
ATOM   169  O O   . ASP A 1 64  ? 4.884   4.301   -16.483 1.00 21.08 ? 31  ASP A O   1 
ATOM   170  C CB  . ASP A 1 64  ? 4.980   1.319   -15.565 1.00 21.61 ? 31  ASP A CB  1 
ATOM   171  C CG  . ASP A 1 64  ? 3.801   0.589   -16.148 1.00 22.19 ? 31  ASP A CG  1 
ATOM   172  O OD1 . ASP A 1 64  ? 2.729   1.213   -16.292 1.00 22.19 ? 31  ASP A OD1 1 
ATOM   173  O OD2 . ASP A 1 64  ? 3.958   -0.610  -16.465 1.00 24.22 ? 31  ASP A OD2 1 
ATOM   174  N N   . PHE A 1 65  ? 4.360   3.108   -18.333 1.00 21.75 ? 32  PHE A N   1 
ATOM   175  C CA  . PHE A 1 65  ? 3.635   4.232   -18.952 1.00 22.35 ? 32  PHE A CA  1 
ATOM   176  C C   . PHE A 1 65  ? 2.502   4.786   -18.076 1.00 21.68 ? 32  PHE A C   1 
ATOM   177  O O   . PHE A 1 65  ? 2.219   5.979   -18.102 1.00 21.17 ? 32  PHE A O   1 
ATOM   178  C CB  . PHE A 1 65  ? 3.166   3.905   -20.392 1.00 23.36 ? 32  PHE A CB  1 
ATOM   179  C CG  . PHE A 1 65  ? 1.909   3.062   -20.474 1.00 25.74 ? 32  PHE A CG  1 
ATOM   180  C CD1 . PHE A 1 65  ? 0.702   3.632   -20.876 1.00 27.73 ? 32  PHE A CD1 1 
ATOM   181  C CD2 . PHE A 1 65  ? 1.939   1.688   -20.188 1.00 28.25 ? 32  PHE A CD2 1 
ATOM   182  C CE1 . PHE A 1 65  ? -0.472  2.848   -20.974 1.00 28.27 ? 32  PHE A CE1 1 
ATOM   183  C CE2 . PHE A 1 65  ? 0.775   0.900   -20.281 1.00 28.23 ? 32  PHE A CE2 1 
ATOM   184  C CZ  . PHE A 1 65  ? -0.431  1.489   -20.673 1.00 26.42 ? 32  PHE A CZ  1 
ATOM   185  N N   . GLN A 1 66  ? 1.884   3.923   -17.274 1.00 21.44 ? 33  GLN A N   1 
ATOM   186  C CA  . GLN A 1 66  ? 0.826   4.357   -16.365 1.00 21.21 ? 33  GLN A CA  1 
ATOM   187  C C   . GLN A 1 66  ? 1.357   5.016   -15.083 1.00 20.45 ? 33  GLN A C   1 
ATOM   188  O O   . GLN A 1 66  ? 0.589   5.618   -14.330 1.00 21.00 ? 33  GLN A O   1 
ATOM   189  C CB  . GLN A 1 66  ? -0.117  3.198   -16.036 1.00 21.50 ? 33  GLN A CB  1 
ATOM   190  C CG  . GLN A 1 66  ? -0.962  2.711   -17.216 1.00 21.83 ? 33  GLN A CG  1 
ATOM   191  C CD  . GLN A 1 66  ? -2.051  1.747   -16.770 1.00 22.10 ? 33  GLN A CD  1 
ATOM   192  O OE1 . GLN A 1 66  ? -1.796  0.566   -16.529 1.00 23.26 ? 33  GLN A OE1 1 
ATOM   193  N NE2 . GLN A 1 66  ? -3.268  2.257   -16.637 1.00 22.73 ? 33  GLN A NE2 1 
ATOM   194  N N   . MET A 1 67  ? 2.664   4.924   -14.849 1.00 19.46 ? 34  MET A N   1 
ATOM   195  C CA  . MET A 1 67  ? 3.289   5.596   -13.705 1.00 18.74 ? 34  MET A CA  1 
ATOM   196  C C   . MET A 1 67  ? 3.832   6.991   -14.040 1.00 18.56 ? 34  MET A C   1 
ATOM   197  O O   . MET A 1 67  ? 4.164   7.765   -13.138 1.00 18.23 ? 34  MET A O   1 
ATOM   198  C CB  . MET A 1 67  ? 4.384   4.721   -13.096 1.00 18.51 ? 34  MET A CB  1 
ATOM   199  C CG  . MET A 1 67  ? 3.847   3.489   -12.336 1.00 19.07 ? 34  MET A CG  1 
ATOM   200  S SD  . MET A 1 67  ? 2.902   3.910   -10.855 1.00 20.82 ? 34  MET A SD  1 
ATOM   201  C CE  . MET A 1 67  ? 4.144   4.771   -9.891  1.00 16.37 ? 34  MET A CE  1 
ATOM   202  N N   . GLU A 1 68  ? 3.902   7.310   -15.333 1.00 18.12 ? 35  GLU A N   1 
ATOM   203  C CA  . GLU A 1 68  ? 4.384   8.615   -15.802 1.00 17.86 ? 35  GLU A CA  1 
ATOM   204  C C   . GLU A 1 68  ? 3.639   9.785   -15.150 1.00 17.22 ? 35  GLU A C   1 
ATOM   205  O O   . GLU A 1 68  ? 4.246   10.789  -14.784 1.00 16.83 ? 35  GLU A O   1 
ATOM   206  C CB  . GLU A 1 68  ? 4.270   8.697   -17.330 1.00 18.14 ? 35  GLU A CB  1 
ATOM   207  C CG  . GLU A 1 68  ? 4.773   10.009  -17.939 1.00 18.35 ? 35  GLU A CG  1 
ATOM   208  C CD  . GLU A 1 68  ? 4.603   10.027  -19.456 1.00 18.60 ? 35  GLU A CD  1 
ATOM   209  O OE1 . GLU A 1 68  ? 5.617   9.843   -20.152 1.00 21.22 ? 35  GLU A OE1 1 
ATOM   210  O OE2 . GLU A 1 68  ? 3.457   10.196  -19.943 1.00 18.10 ? 35  GLU A OE2 1 
ATOM   211  N N   . GLN A 1 69  ? 2.326   9.633   -14.983 1.00 16.56 ? 36  GLN A N   1 
ATOM   212  C CA  . GLN A 1 69  ? 1.484   10.655  -14.346 1.00 16.10 ? 36  GLN A CA  1 
ATOM   213  C C   . GLN A 1 69  ? 1.852   10.955  -12.882 1.00 15.72 ? 36  GLN A C   1 
ATOM   214  O O   . GLN A 1 69  ? 1.390   11.951  -12.323 1.00 15.95 ? 36  GLN A O   1 
ATOM   215  C CB  . GLN A 1 69  ? 0.007   10.244  -14.427 1.00 16.29 ? 36  GLN A CB  1 
ATOM   216  C CG  . GLN A 1 69  ? -0.341  8.974   -13.637 1.00 15.94 ? 36  GLN A CG  1 
ATOM   217  C CD  . GLN A 1 69  ? -1.745  8.464   -13.926 1.00 17.05 ? 36  GLN A CD  1 
ATOM   218  O OE1 . GLN A 1 69  ? -2.720  9.194   -13.779 1.00 17.86 ? 36  GLN A OE1 1 
ATOM   219  N NE2 . GLN A 1 69  ? -1.848  7.191   -14.333 1.00 17.88 ? 36  GLN A NE2 1 
ATOM   220  N N   . TYR A 1 70  ? 2.676   10.106  -12.270 1.00 15.26 ? 37  TYR A N   1 
ATOM   221  C CA  . TYR A 1 70  ? 3.019   10.240  -10.846 1.00 15.41 ? 37  TYR A CA  1 
ATOM   222  C C   . TYR A 1 70  ? 4.476   10.637  -10.575 1.00 15.36 ? 37  TYR A C   1 
ATOM   223  O O   . TYR A 1 70  ? 4.852   10.857  -9.427  1.00 15.42 ? 37  TYR A O   1 
ATOM   224  C CB  . TYR A 1 70  ? 2.714   8.943   -10.087 1.00 15.35 ? 37  TYR A CB  1 
ATOM   225  C CG  . TYR A 1 70  ? 1.287   8.460   -10.213 1.00 15.93 ? 37  TYR A CG  1 
ATOM   226  C CD1 . TYR A 1 70  ? 0.221   9.290   -9.871  1.00 15.87 ? 37  TYR A CD1 1 
ATOM   227  C CD2 . TYR A 1 70  ? 1.004   7.165   -10.658 1.00 15.86 ? 37  TYR A CD2 1 
ATOM   228  C CE1 . TYR A 1 70  ? -1.085  8.853   -9.983  1.00 16.24 ? 37  TYR A CE1 1 
ATOM   229  C CE2 . TYR A 1 70  ? -0.312  6.713   -10.770 1.00 15.38 ? 37  TYR A CE2 1 
ATOM   230  C CZ  . TYR A 1 70  ? -1.343  7.567   -10.426 1.00 15.75 ? 37  TYR A CZ  1 
ATOM   231  O OH  . TYR A 1 70  ? -2.650  7.154   -10.522 1.00 17.66 ? 37  TYR A OH  1 
ATOM   232  N N   . ILE A 1 71  ? 5.300   10.697  -11.614 1.00 15.30 ? 38  ILE A N   1 
ATOM   233  C CA  . ILE A 1 71  ? 6.698   11.085  -11.421 1.00 15.41 ? 38  ILE A CA  1 
ATOM   234  C C   . ILE A 1 71  ? 6.870   12.596  -11.620 1.00 15.43 ? 38  ILE A C   1 
ATOM   235  O O   . ILE A 1 71  ? 6.018   13.253  -12.217 1.00 14.52 ? 38  ILE A O   1 
ATOM   236  C CB  . ILE A 1 71  ? 7.692   10.235  -12.274 1.00 15.42 ? 38  ILE A CB  1 
ATOM   237  C CG1 . ILE A 1 71  ? 7.406   10.339  -13.774 1.00 15.60 ? 38  ILE A CG1 1 
ATOM   238  C CG2 . ILE A 1 71  ? 7.676   8.779   -11.827 1.00 15.55 ? 38  ILE A CG2 1 
ATOM   239  C CD1 . ILE A 1 71  ? 7.998   11.575  -14.422 1.00 15.45 ? 38  ILE A CD1 1 
ATOM   240  N N   . TYR A 1 72  ? 7.957   13.136  -11.086 1.00 15.61 ? 39  TYR A N   1 
ATOM   241  C CA  . TYR A 1 72  ? 8.199   14.570  -11.146 1.00 16.05 ? 39  TYR A CA  1 
ATOM   242  C C   . TYR A 1 72  ? 9.335   14.882  -12.109 1.00 16.33 ? 39  TYR A C   1 
ATOM   243  O O   . TYR A 1 72  ? 9.178   15.705  -13.008 1.00 16.35 ? 39  TYR A O   1 
ATOM   244  C CB  . TYR A 1 72  ? 8.493   15.124  -9.743  1.00 16.14 ? 39  TYR A CB  1 
ATOM   245  C CG  . TYR A 1 72  ? 8.558   16.635  -9.695  1.00 16.93 ? 39  TYR A CG  1 
ATOM   246  C CD1 . TYR A 1 72  ? 7.404   17.406  -9.758  1.00 16.18 ? 39  TYR A CD1 1 
ATOM   247  C CD2 . TYR A 1 72  ? 9.784   17.294  -9.597  1.00 18.12 ? 39  TYR A CD2 1 
ATOM   248  C CE1 . TYR A 1 72  ? 7.462   18.806  -9.725  1.00 17.10 ? 39  TYR A CE1 1 
ATOM   249  C CE2 . TYR A 1 72  ? 9.853   18.700  -9.554  1.00 18.72 ? 39  TYR A CE2 1 
ATOM   250  C CZ  . TYR A 1 72  ? 8.691   19.444  -9.622  1.00 17.43 ? 39  TYR A CZ  1 
ATOM   251  O OH  . TYR A 1 72  ? 8.767   20.827  -9.579  1.00 18.05 ? 39  TYR A OH  1 
ATOM   252  N N   . LYS A 1 73  ? 10.464  14.205  -11.926 1.00 16.58 ? 40  LYS A N   1 
ATOM   253  C CA  . LYS A 1 73  ? 11.638  14.407  -12.766 1.00 17.90 ? 40  LYS A CA  1 
ATOM   254  C C   . LYS A 1 73  ? 12.534  13.180  -12.717 1.00 18.45 ? 40  LYS A C   1 
ATOM   255  O O   . LYS A 1 73  ? 12.306  12.259  -11.932 1.00 18.29 ? 40  LYS A O   1 
ATOM   256  C CB  . LYS A 1 73  ? 12.417  15.678  -12.361 1.00 17.38 ? 40  LYS A CB  1 
ATOM   257  C CG  . LYS A 1 73  ? 13.014  15.675  -10.952 1.00 18.20 ? 40  LYS A CG  1 
ATOM   258  C CD  . LYS A 1 73  ? 13.626  17.045  -10.591 1.00 18.83 ? 40  LYS A CD  1 
ATOM   259  C CE  . LYS A 1 73  ? 14.084  17.082  -9.132  1.00 20.94 ? 40  LYS A CE  1 
ATOM   260  N NZ  . LYS A 1 73  ? 14.464  18.471  -8.664  1.00 22.50 ? 40  LYS A NZ  1 
ATOM   261  N N   . ARG A 1 74  ? 13.539  13.174  -13.580 1.00 19.53 ? 41  ARG A N   1 
ATOM   262  C CA  . ARG A 1 74  ? 14.502  12.101  -13.641 1.00 20.67 ? 41  ARG A CA  1 
ATOM   263  C C   . ARG A 1 74  ? 15.880  12.718  -13.438 1.00 21.74 ? 41  ARG A C   1 
ATOM   264  O O   . ARG A 1 74  ? 16.185  13.763  -14.004 1.00 22.10 ? 41  ARG A O   1 
ATOM   265  C CB  . ARG A 1 74  ? 14.404  11.385  -14.989 1.00 20.67 ? 41  ARG A CB  1 
ATOM   266  C CG  . ARG A 1 74  ? 15.266  10.160  -15.092 1.00 21.18 ? 41  ARG A CG  1 
ATOM   267  C CD  . ARG A 1 74  ? 15.219  9.520   -16.469 1.00 22.33 ? 41  ARG A CD  1 
ATOM   268  N NE  . ARG A 1 74  ? 15.574  8.104   -16.339 1.00 24.41 ? 41  ARG A NE  1 
ATOM   269  C CZ  . ARG A 1 74  ? 15.737  7.252   -17.351 1.00 26.02 ? 41  ARG A CZ  1 
ATOM   270  N NH1 . ARG A 1 74  ? 15.596  7.661   -18.614 1.00 25.58 ? 41  ARG A NH1 1 
ATOM   271  N NH2 . ARG A 1 74  ? 16.050  5.985   -17.090 1.00 23.93 ? 41  ARG A NH2 1 
ATOM   272  N N   . LYS A 1 75  ? 16.686  12.084  -12.599 1.00 23.12 ? 42  LYS A N   1 
ATOM   273  C CA  . LYS A 1 75  ? 18.042  12.539  -12.300 1.00 24.50 ? 42  LYS A CA  1 
ATOM   274  C C   . LYS A 1 75  ? 19.026  12.003  -13.347 1.00 24.63 ? 42  LYS A C   1 
ATOM   275  O O   . LYS A 1 75  ? 18.695  11.075  -14.089 1.00 24.67 ? 42  LYS A O   1 
ATOM   276  C CB  . LYS A 1 75  ? 18.436  12.047  -10.897 1.00 24.81 ? 42  LYS A CB  1 
ATOM   277  C CG  . LYS A 1 75  ? 17.656  12.689  -9.749  1.00 27.27 ? 42  LYS A CG  1 
ATOM   278  C CD  . LYS A 1 75  ? 17.890  14.207  -9.728  1.00 29.73 ? 42  LYS A CD  1 
ATOM   279  C CE  . LYS A 1 75  ? 17.340  14.861  -8.467  1.00 31.85 ? 42  LYS A CE  1 
ATOM   280  N NZ  . LYS A 1 75  ? 17.772  16.296  -8.382  1.00 31.31 ? 42  LYS A NZ  1 
ATOM   281  N N   . SER A 1 76  ? 20.235  12.571  -13.395 1.00 25.05 ? 43  SER A N   1 
ATOM   282  C CA  . SER A 1 76  ? 21.261  12.118  -14.345 1.00 24.86 ? 43  SER A CA  1 
ATOM   283  C C   . SER A 1 76  ? 21.667  10.655  -14.140 1.00 24.62 ? 43  SER A C   1 
ATOM   284  O O   . SER A 1 76  ? 22.023  9.973   -15.105 1.00 24.75 ? 43  SER A O   1 
ATOM   285  C CB  . SER A 1 76  ? 22.495  13.026  -14.321 1.00 25.39 ? 43  SER A CB  1 
ATOM   286  O OG  . SER A 1 76  ? 23.234  12.854  -13.128 1.00 25.46 ? 43  SER A OG  1 
ATOM   287  N N   . ASP A 1 77  ? 21.597  10.162  -12.901 1.00 23.90 ? 44  ASP A N   1 
ATOM   288  C CA  . ASP A 1 77  ? 21.805  8.727   -12.657 1.00 23.29 ? 44  ASP A CA  1 
ATOM   289  C C   . ASP A 1 77  ? 20.656  7.857   -13.177 1.00 22.98 ? 44  ASP A C   1 
ATOM   290  O O   . ASP A 1 77  ? 20.668  6.636   -13.003 1.00 23.39 ? 44  ASP A O   1 
ATOM   291  C CB  . ASP A 1 77  ? 22.115  8.424   -11.179 1.00 23.27 ? 44  ASP A CB  1 
ATOM   292  C CG  . ASP A 1 77  ? 20.938  8.708   -10.233 1.00 23.49 ? 44  ASP A CG  1 
ATOM   293  O OD1 . ASP A 1 77  ? 19.884  9.222   -10.668 1.00 23.32 ? 44  ASP A OD1 1 
ATOM   294  O OD2 . ASP A 1 77  ? 21.085  8.416   -9.028  1.00 23.62 ? 44  ASP A OD2 1 
ATOM   295  N N   . GLY A 1 78  ? 19.669  8.488   -13.812 1.00 22.21 ? 45  GLY A N   1 
ATOM   296  C CA  . GLY A 1 78  ? 18.541  7.766   -14.408 1.00 21.66 ? 45  GLY A CA  1 
ATOM   297  C C   . GLY A 1 78  ? 17.370  7.458   -13.479 1.00 21.05 ? 45  GLY A C   1 
ATOM   298  O O   . GLY A 1 78  ? 16.350  6.942   -13.930 1.00 21.17 ? 45  GLY A O   1 
ATOM   299  N N   . ILE A 1 79  ? 17.512  7.774   -12.191 1.00 20.34 ? 46  ILE A N   1 
ATOM   300  C CA  . ILE A 1 79  ? 16.482  7.478   -11.200 1.00 19.79 ? 46  ILE A CA  1 
ATOM   301  C C   . ILE A 1 79  ? 15.315  8.447   -11.373 1.00 18.93 ? 46  ILE A C   1 
ATOM   302  O O   . ILE A 1 79  ? 15.518  9.663   -11.430 1.00 18.81 ? 46  ILE A O   1 
ATOM   303  C CB  . ILE A 1 79  ? 17.047  7.549   -9.738  1.00 20.18 ? 46  ILE A CB  1 
ATOM   304  C CG1 . ILE A 1 79  ? 18.060  6.431   -9.470  1.00 21.18 ? 46  ILE A CG1 1 
ATOM   305  C CG2 . ILE A 1 79  ? 15.938  7.491   -8.698  1.00 20.96 ? 46  ILE A CG2 1 
ATOM   306  C CD1 . ILE A 1 79  ? 17.481  5.006   -9.497  1.00 23.49 ? 46  ILE A CD1 1 
ATOM   307  N N   . TYR A 1 80  ? 14.101  7.908   -11.479 1.00 17.96 ? 47  TYR A N   1 
ATOM   308  C CA  . TYR A 1 80  ? 12.889  8.734   -11.494 1.00 17.27 ? 47  TYR A CA  1 
ATOM   309  C C   . TYR A 1 80  ? 12.501  9.179   -10.098 1.00 16.52 ? 47  TYR A C   1 
ATOM   310  O O   . TYR A 1 80  ? 12.483  8.378   -9.167  1.00 16.85 ? 47  TYR A O   1 
ATOM   311  C CB  . TYR A 1 80  ? 11.720  7.991   -12.149 1.00 17.54 ? 47  TYR A CB  1 
ATOM   312  C CG  . TYR A 1 80  ? 11.774  8.016   -13.656 1.00 17.24 ? 47  TYR A CG  1 
ATOM   313  C CD1 . TYR A 1 80  ? 11.337  9.129   -14.362 1.00 16.38 ? 47  TYR A CD1 1 
ATOM   314  C CD2 . TYR A 1 80  ? 12.275  6.936   -14.370 1.00 17.53 ? 47  TYR A CD2 1 
ATOM   315  C CE1 . TYR A 1 80  ? 11.387  9.164   -15.744 1.00 17.08 ? 47  TYR A CE1 1 
ATOM   316  C CE2 . TYR A 1 80  ? 12.334  6.956   -15.766 1.00 18.05 ? 47  TYR A CE2 1 
ATOM   317  C CZ  . TYR A 1 80  ? 11.884  8.078   -16.440 1.00 17.71 ? 47  TYR A CZ  1 
ATOM   318  O OH  . TYR A 1 80  ? 11.930  8.116   -17.812 1.00 18.84 ? 47  TYR A OH  1 
ATOM   319  N N   . ILE A 1 81  ? 12.191  10.462  -9.954  1.00 15.64 ? 48  ILE A N   1 
ATOM   320  C CA  . ILE A 1 81  ? 11.748  10.997  -8.687  1.00 14.79 ? 48  ILE A CA  1 
ATOM   321  C C   . ILE A 1 81  ? 10.216  11.023  -8.659  1.00 14.45 ? 48  ILE A C   1 
ATOM   322  O O   . ILE A 1 81  ? 9.588   11.616  -9.533  1.00 14.36 ? 48  ILE A O   1 
ATOM   323  C CB  . ILE A 1 81  ? 12.305  12.423  -8.426  1.00 15.08 ? 48  ILE A CB  1 
ATOM   324  C CG1 . ILE A 1 81  ? 13.848  12.439  -8.438  1.00 15.10 ? 48  ILE A CG1 1 
ATOM   325  C CG2 . ILE A 1 81  ? 11.742  13.001  -7.133  1.00 13.50 ? 48  ILE A CG2 1 
ATOM   326  C CD1 . ILE A 1 81  ? 14.545  11.477  -7.441  1.00 15.86 ? 48  ILE A CD1 1 
ATOM   327  N N   . ILE A 1 82  ? 9.636   10.404  -7.636  1.00 13.36 ? 49  ILE A N   1 
ATOM   328  C CA  . ILE A 1 82  ? 8.179   10.317  -7.489  1.00 12.86 ? 49  ILE A CA  1 
ATOM   329  C C   . ILE A 1 82  ? 7.627   11.611  -6.900  1.00 12.57 ? 49  ILE A C   1 
ATOM   330  O O   . ILE A 1 82  ? 8.182   12.147  -5.942  1.00 12.64 ? 49  ILE A O   1 
ATOM   331  C CB  . ILE A 1 82  ? 7.768   9.061   -6.640  1.00 12.11 ? 49  ILE A CB  1 
ATOM   332  C CG1 . ILE A 1 82  ? 8.183   7.785   -7.389  1.00 13.29 ? 49  ILE A CG1 1 
ATOM   333  C CG2 . ILE A 1 82  ? 6.262   9.035   -6.354  1.00 11.40 ? 49  ILE A CG2 1 
ATOM   334  C CD1 . ILE A 1 82  ? 8.329   6.553   -6.516  1.00 14.27 ? 49  ILE A CD1 1 
ATOM   335  N N   . ASN A 1 83  ? 6.537   12.109  -7.479  1.00 12.08 ? 50  ASN A N   1 
ATOM   336  C CA  . ASN A 1 83  ? 5.856   13.280  -6.954  1.00 11.89 ? 50  ASN A CA  1 
ATOM   337  C C   . ASN A 1 83  ? 5.041   12.909  -5.702  1.00 12.38 ? 50  ASN A C   1 
ATOM   338  O O   . ASN A 1 83  ? 3.962   12.306  -5.800  1.00 11.25 ? 50  ASN A O   1 
ATOM   339  C CB  . ASN A 1 83  ? 4.956   13.903  -8.028  1.00 11.72 ? 50  ASN A CB  1 
ATOM   340  C CG  . ASN A 1 83  ? 4.378   15.244  -7.614  1.00 11.82 ? 50  ASN A CG  1 
ATOM   341  O OD1 . ASN A 1 83  ? 4.209   15.531  -6.424  1.00 12.09 ? 50  ASN A OD1 1 
ATOM   342  N ND2 . ASN A 1 83  ? 4.067   16.080  -8.601  1.00 12.53 ? 50  ASN A ND2 1 
ATOM   343  N N   . LEU A 1 84  ? 5.562   13.305  -4.540  1.00 12.35 ? 51  LEU A N   1 
ATOM   344  C CA  . LEU A 1 84  ? 4.982   12.965  -3.237  1.00 13.05 ? 51  LEU A CA  1 
ATOM   345  C C   . LEU A 1 84  ? 3.587   13.529  -2.980  1.00 13.01 ? 51  LEU A C   1 
ATOM   346  O O   . LEU A 1 84  ? 2.857   13.016  -2.132  1.00 12.79 ? 51  LEU A O   1 
ATOM   347  C CB  . LEU A 1 84  ? 5.924   13.405  -2.117  1.00 13.48 ? 51  LEU A CB  1 
ATOM   348  C CG  . LEU A 1 84  ? 6.879   12.427  -1.426  1.00 14.91 ? 51  LEU A CG  1 
ATOM   349  C CD1 . LEU A 1 84  ? 7.185   11.111  -2.156  1.00 14.56 ? 51  LEU A CD1 1 
ATOM   350  C CD2 . LEU A 1 84  ? 8.139   13.122  -0.958  1.00 14.10 ? 51  LEU A CD2 1 
ATOM   351  N N   . LYS A 1 85  ? 3.219   14.588  -3.690  1.00 13.20 ? 52  LYS A N   1 
ATOM   352  C CA  . LYS A 1 85  ? 1.848   15.087  -3.630  1.00 13.99 ? 52  LYS A CA  1 
ATOM   353  C C   . LYS A 1 85  ? 0.887   14.013  -4.159  1.00 13.60 ? 52  LYS A C   1 
ATOM   354  O O   . LYS A 1 85  ? -0.201  13.827  -3.613  1.00 13.47 ? 52  LYS A O   1 
ATOM   355  C CB  . LYS A 1 85  ? 1.699   16.388  -4.427  1.00 14.69 ? 52  LYS A CB  1 
ATOM   356  C CG  . LYS A 1 85  ? 2.356   17.596  -3.757  1.00 17.00 ? 52  LYS A CG  1 
ATOM   357  C CD  . LYS A 1 85  ? 3.026   18.516  -4.793  1.00 22.15 ? 52  LYS A CD  1 
ATOM   358  C CE  . LYS A 1 85  ? 2.104   19.589  -5.302  1.00 24.92 ? 52  LYS A CE  1 
ATOM   359  N NZ  . LYS A 1 85  ? 2.724   20.380  -6.420  1.00 26.32 ? 52  LYS A NZ  1 
ATOM   360  N N   . ARG A 1 86  ? 1.306   13.295  -5.200  1.00 13.13 ? 53  ARG A N   1 
ATOM   361  C CA  . ARG A 1 86  ? 0.523   12.178  -5.735  1.00 13.41 ? 53  ARG A CA  1 
ATOM   362  C C   . ARG A 1 86  ? 0.475   11.012  -4.749  1.00 13.28 ? 53  ARG A C   1 
ATOM   363  O O   . ARG A 1 86  ? -0.589  10.433  -4.529  1.00 14.04 ? 53  ARG A O   1 
ATOM   364  C CB  . ARG A 1 86  ? 1.068   11.701  -7.090  1.00 13.31 ? 53  ARG A CB  1 
ATOM   365  C CG  . ARG A 1 86  ? 1.209   12.801  -8.156  1.00 14.54 ? 53  ARG A CG  1 
ATOM   366  C CD  . ARG A 1 86  ? -0.132  13.321  -8.652  1.00 16.76 ? 53  ARG A CD  1 
ATOM   367  N NE  . ARG A 1 86  ? -0.644  14.412  -7.829  1.00 19.36 ? 53  ARG A NE  1 
ATOM   368  C CZ  . ARG A 1 86  ? -0.315  15.695  -7.968  1.00 21.63 ? 53  ARG A CZ  1 
ATOM   369  N NH1 . ARG A 1 86  ? 0.546   16.079  -8.907  1.00 22.85 ? 53  ARG A NH1 1 
ATOM   370  N NH2 . ARG A 1 86  ? -0.848  16.606  -7.158  1.00 22.81 ? 53  ARG A NH2 1 
ATOM   371  N N   . THR A 1 87  ? 1.620   10.672  -4.166  1.00 13.11 ? 54  THR A N   1 
ATOM   372  C CA  . THR A 1 87  ? 1.689   9.682   -3.078  1.00 12.99 ? 54  THR A CA  1 
ATOM   373  C C   . THR A 1 87  ? 0.613   9.963   -2.028  1.00 13.33 ? 54  THR A C   1 
ATOM   374  O O   . THR A 1 87  ? -0.206  9.089   -1.715  1.00 13.22 ? 54  THR A O   1 
ATOM   375  C CB  . THR A 1 87  ? 3.084   9.685   -2.409  1.00 12.85 ? 54  THR A CB  1 
ATOM   376  O OG1 . THR A 1 87  ? 4.082   9.484   -3.415  1.00 11.60 ? 54  THR A OG1 1 
ATOM   377  C CG2 . THR A 1 87  ? 3.208   8.570   -1.341  1.00 12.52 ? 54  THR A CG2 1 
ATOM   378  N N   . TRP A 1 88  ? 0.611   11.195  -1.518  1.00 13.28 ? 55  TRP A N   1 
ATOM   379  C CA  . TRP A 1 88  ? -0.333  11.637  -0.491  1.00 13.84 ? 55  TRP A CA  1 
ATOM   380  C C   . TRP A 1 88  ? -1.795  11.554  -0.937  1.00 14.01 ? 55  TRP A C   1 
ATOM   381  O O   . TRP A 1 88  ? -2.627  11.022  -0.210  1.00 13.68 ? 55  TRP A O   1 
ATOM   382  C CB  . TRP A 1 88  ? 0.004   13.059  -0.017  1.00 14.12 ? 55  TRP A CB  1 
ATOM   383  C CG  . TRP A 1 88  ? -0.945  13.587  1.018   1.00 15.17 ? 55  TRP A CG  1 
ATOM   384  C CD1 . TRP A 1 88  ? -1.824  14.621  0.874   1.00 16.20 ? 55  TRP A CD1 1 
ATOM   385  C CD2 . TRP A 1 88  ? -1.102  13.111  2.363   1.00 15.97 ? 55  TRP A CD2 1 
ATOM   386  N NE1 . TRP A 1 88  ? -2.520  14.819  2.042   1.00 15.81 ? 55  TRP A NE1 1 
ATOM   387  C CE2 . TRP A 1 88  ? -2.101  13.906  2.972   1.00 16.10 ? 55  TRP A CE2 1 
ATOM   388  C CE3 . TRP A 1 88  ? -0.502  12.082  3.111   1.00 16.01 ? 55  TRP A CE3 1 
ATOM   389  C CZ2 . TRP A 1 88  ? -2.520  13.707  4.293   1.00 16.04 ? 55  TRP A CZ2 1 
ATOM   390  C CZ3 . TRP A 1 88  ? -0.910  11.886  4.429   1.00 15.84 ? 55  TRP A CZ3 1 
ATOM   391  C CH2 . TRP A 1 88  ? -1.915  12.696  5.004   1.00 16.55 ? 55  TRP A CH2 1 
ATOM   392  N N   . GLU A 1 89  ? -2.107  12.088  -2.118  1.00 14.35 ? 56  GLU A N   1 
ATOM   393  C CA  . GLU A 1 89  ? -3.475  12.020  -2.651  1.00 15.34 ? 56  GLU A CA  1 
ATOM   394  C C   . GLU A 1 89  ? -3.992  10.585  -2.756  1.00 14.95 ? 56  GLU A C   1 
ATOM   395  O O   . GLU A 1 89  ? -5.134  10.305  -2.390  1.00 14.85 ? 56  GLU A O   1 
ATOM   396  C CB  . GLU A 1 89  ? -3.567  12.689  -4.020  1.00 15.57 ? 56  GLU A CB  1 
ATOM   397  C CG  . GLU A 1 89  ? -3.496  14.201  -3.939  1.00 19.60 ? 56  GLU A CG  1 
ATOM   398  C CD  . GLU A 1 89  ? -3.025  14.850  -5.238  1.00 24.65 ? 56  GLU A CD  1 
ATOM   399  O OE1 . GLU A 1 89  ? -3.118  14.195  -6.316  1.00 24.56 ? 56  GLU A OE1 1 
ATOM   400  O OE2 . GLU A 1 89  ? -2.571  16.019  -5.167  1.00 25.36 ? 56  GLU A OE2 1 
ATOM   401  N N   . LYS A 1 90  ? -3.143  9.693   -3.262  1.00 14.67 ? 57  LYS A N   1 
ATOM   402  C CA  . LYS A 1 90  ? -3.507  8.291   -3.459  1.00 15.15 ? 57  LYS A CA  1 
ATOM   403  C C   . LYS A 1 90  ? -3.616  7.517   -2.151  1.00 15.13 ? 57  LYS A C   1 
ATOM   404  O O   . LYS A 1 90  ? -4.447  6.628   -2.029  1.00 14.66 ? 57  LYS A O   1 
ATOM   405  C CB  . LYS A 1 90  ? -2.527  7.608   -4.411  1.00 15.27 ? 57  LYS A CB  1 
ATOM   406  C CG  . LYS A 1 90  ? -2.606  8.144   -5.831  1.00 16.41 ? 57  LYS A CG  1 
ATOM   407  C CD  . LYS A 1 90  ? -4.047  8.181   -6.309  1.00 17.62 ? 57  LYS A CD  1 
ATOM   408  C CE  . LYS A 1 90  ? -4.095  8.381   -7.802  1.00 20.36 ? 57  LYS A CE  1 
ATOM   409  N NZ  . LYS A 1 90  ? -5.460  8.735   -8.280  1.00 22.05 ? 57  LYS A NZ  1 
ATOM   410  N N   . LEU A 1 91  ? -2.785  7.876   -1.172  1.00 15.30 ? 58  LEU A N   1 
ATOM   411  C CA  . LEU A 1 91  ? -2.872  7.304   0.167   1.00 16.45 ? 58  LEU A CA  1 
ATOM   412  C C   . LEU A 1 91  ? -4.252  7.605   0.761   1.00 16.11 ? 58  LEU A C   1 
ATOM   413  O O   . LEU A 1 91  ? -4.877  6.735   1.363   1.00 16.10 ? 58  LEU A O   1 
ATOM   414  C CB  . LEU A 1 91  ? -1.782  7.924   1.041   1.00 16.87 ? 58  LEU A CB  1 
ATOM   415  C CG  . LEU A 1 91  ? -0.914  7.217   2.084   1.00 18.66 ? 58  LEU A CG  1 
ATOM   416  C CD1 . LEU A 1 91  ? -0.759  5.707   1.940   1.00 18.52 ? 58  LEU A CD1 1 
ATOM   417  C CD2 . LEU A 1 91  ? 0.476   7.917   2.102   1.00 17.87 ? 58  LEU A CD2 1 
ATOM   418  N N   . LEU A 1 92  ? -4.724  8.838   0.565   1.00 15.91 ? 59  LEU A N   1 
ATOM   419  C CA  . LEU A 1 92  ? -6.042  9.272   1.054   1.00 15.75 ? 59  LEU A CA  1 
ATOM   420  C C   . LEU A 1 92  ? -7.192  8.581   0.317   1.00 15.23 ? 59  LEU A C   1 
ATOM   421  O O   . LEU A 1 92  ? -8.165  8.157   0.937   1.00 15.04 ? 59  LEU A O   1 
ATOM   422  C CB  . LEU A 1 92  ? -6.190  10.797  0.955   1.00 16.01 ? 59  LEU A CB  1 
ATOM   423  C CG  . LEU A 1 92  ? -5.363  11.696  1.883   1.00 16.51 ? 59  LEU A CG  1 
ATOM   424  C CD1 . LEU A 1 92  ? -5.662  13.160  1.582   1.00 17.15 ? 59  LEU A CD1 1 
ATOM   425  C CD2 . LEU A 1 92  ? -5.667  11.395  3.356   1.00 17.94 ? 59  LEU A CD2 1 
ATOM   426  N N   . LEU A 1 93  ? -7.069  8.471   -1.002  1.00 14.45 ? 60  LEU A N   1 
ATOM   427  C CA  . LEU A 1 93  ? -8.026  7.729   -1.814  1.00 14.14 ? 60  LEU A CA  1 
ATOM   428  C C   . LEU A 1 93  ? -8.112  6.253   -1.385  1.00 13.77 ? 60  LEU A C   1 
ATOM   429  O O   . LEU A 1 93  ? -9.216  5.708   -1.213  1.00 13.95 ? 60  LEU A O   1 
ATOM   430  C CB  . LEU A 1 93  ? -7.655  7.834   -3.292  1.00 14.45 ? 60  LEU A CB  1 
ATOM   431  C CG  . LEU A 1 93  ? -8.695  7.296   -4.266  1.00 16.38 ? 60  LEU A CG  1 
ATOM   432  C CD1 . LEU A 1 93  ? -9.833  8.319   -4.436  1.00 19.27 ? 60  LEU A CD1 1 
ATOM   433  C CD2 . LEU A 1 93  ? -8.044  6.992   -5.605  1.00 18.77 ? 60  LEU A CD2 1 
ATOM   434  N N   . ALA A 1 94  ? -6.951  5.622   -1.203  1.00 12.96 ? 61  ALA A N   1 
ATOM   435  C CA  . ALA A 1 94  ? -6.874  4.252   -0.692  1.00 13.01 ? 61  ALA A CA  1 
ATOM   436  C C   . ALA A 1 94  ? -7.497  4.091   0.703   1.00 12.94 ? 61  ALA A C   1 
ATOM   437  O O   . ALA A 1 94  ? -8.227  3.136   0.940   1.00 12.65 ? 61  ALA A O   1 
ATOM   438  C CB  . ALA A 1 94  ? -5.439  3.767   -0.688  1.00 12.68 ? 61  ALA A CB  1 
ATOM   439  N N   . ALA A 1 95  ? -7.208  5.023   1.612   1.00 13.30 ? 62  ALA A N   1 
ATOM   440  C CA  . ALA A 1 95  ? -7.749  4.978   2.984   1.00 13.86 ? 62  ALA A CA  1 
ATOM   441  C C   . ALA A 1 95  ? -9.271  5.083   2.971   1.00 14.33 ? 62  ALA A C   1 
ATOM   442  O O   . ALA A 1 95  ? -9.954  4.364   3.691   1.00 14.94 ? 62  ALA A O   1 
ATOM   443  C CB  . ALA A 1 95  ? -7.132  6.086   3.857   1.00 13.33 ? 62  ALA A CB  1 
ATOM   444  N N   . ARG A 1 96  ? -9.787  5.974   2.130   1.00 14.93 ? 63  ARG A N   1 
ATOM   445  C CA  . ARG A 1 96  ? -11.216 6.145   1.897   1.00 16.02 ? 63  ARG A CA  1 
ATOM   446  C C   . ARG A 1 96  ? -11.899 4.852   1.445   1.00 15.44 ? 63  ARG A C   1 
ATOM   447  O O   . ARG A 1 96  ? -12.921 4.458   2.008   1.00 15.87 ? 63  ARG A O   1 
ATOM   448  C CB  . ARG A 1 96  ? -11.414 7.233   0.853   1.00 16.54 ? 63  ARG A CB  1 
ATOM   449  C CG  . ARG A 1 96  ? -12.691 8.011   0.984   1.00 22.27 ? 63  ARG A CG  1 
ATOM   450  C CD  . ARG A 1 96  ? -12.632 9.258   0.091   1.00 29.45 ? 63  ARG A CD  1 
ATOM   451  N NE  . ARG A 1 96  ? -11.445 10.071  0.368   1.00 33.22 ? 63  ARG A NE  1 
ATOM   452  C CZ  . ARG A 1 96  ? -10.799 10.805  -0.539  1.00 35.62 ? 63  ARG A CZ  1 
ATOM   453  N NH1 . ARG A 1 96  ? -11.212 10.841  -1.804  1.00 37.72 ? 63  ARG A NH1 1 
ATOM   454  N NH2 . ARG A 1 96  ? -9.733  11.505  -0.181  1.00 36.31 ? 63  ARG A NH2 1 
ATOM   455  N N   . ALA A 1 97  ? -11.319 4.197   0.442   1.00 14.69 ? 64  ALA A N   1 
ATOM   456  C CA  . ALA A 1 97  ? -11.801 2.911   -0.073  1.00 14.05 ? 64  ALA A CA  1 
ATOM   457  C C   . ALA A 1 97  ? -11.774 1.797   0.976   1.00 13.59 ? 64  ALA A C   1 
ATOM   458  O O   . ALA A 1 97  ? -12.681 0.955   1.038   1.00 13.50 ? 64  ALA A O   1 
ATOM   459  C CB  . ALA A 1 97  ? -10.975 2.502   -1.291  1.00 13.86 ? 64  ALA A CB  1 
ATOM   460  N N   . ILE A 1 98  ? -10.724 1.790   1.789   1.00 12.98 ? 65  ILE A N   1 
ATOM   461  C CA  . ILE A 1 98  ? -10.564 0.800   2.853   1.00 12.22 ? 65  ILE A CA  1 
ATOM   462  C C   . ILE A 1 98  ? -11.615 1.018   3.949   1.00 12.69 ? 65  ILE A C   1 
ATOM   463  O O   . ILE A 1 98  ? -12.241 0.069   4.432   1.00 12.89 ? 65  ILE A O   1 
ATOM   464  C CB  . ILE A 1 98  ? -9.126  0.863   3.432   1.00 12.24 ? 65  ILE A CB  1 
ATOM   465  C CG1 . ILE A 1 98  ? -8.123  0.235   2.448   1.00 10.69 ? 65  ILE A CG1 1 
ATOM   466  C CG2 . ILE A 1 98  ? -9.058  0.217   4.826   1.00 10.43 ? 65  ILE A CG2 1 
ATOM   467  C CD1 . ILE A 1 98  ? -6.649  0.564   2.763   1.00 11.54 ? 65  ILE A CD1 1 
ATOM   468  N N   . VAL A 1 99  ? -11.829 2.282   4.301   1.00 12.74 ? 66  VAL A N   1 
ATOM   469  C CA  . VAL A 1 99  ? -12.800 2.657   5.328   1.00 12.94 ? 66  VAL A CA  1 
ATOM   470  C C   . VAL A 1 99  ? -14.245 2.312   4.909   1.00 13.25 ? 66  VAL A C   1 
ATOM   471  O O   . VAL A 1 99  ? -15.070 1.977   5.765   1.00 13.44 ? 66  VAL A O   1 
ATOM   472  C CB  . VAL A 1 99  ? -12.612 4.150   5.750   1.00 13.05 ? 66  VAL A CB  1 
ATOM   473  C CG1 . VAL A 1 99  ? -13.815 4.693   6.548   1.00 13.84 ? 66  VAL A CG1 1 
ATOM   474  C CG2 . VAL A 1 99  ? -11.318 4.300   6.563   1.00 12.49 ? 66  VAL A CG2 1 
ATOM   475  N N   . ALA A 1 100 ? -14.536 2.357   3.607   1.00 13.03 ? 67  ALA A N   1 
ATOM   476  C CA  . ALA A 1 100 ? -15.876 2.016   3.107   1.00 13.15 ? 67  ALA A CA  1 
ATOM   477  C C   . ALA A 1 100 ? -16.255 0.529   3.250   1.00 13.11 ? 67  ALA A C   1 
ATOM   478  O O   . ALA A 1 100 ? -17.411 0.172   3.053   1.00 13.80 ? 67  ALA A O   1 
ATOM   479  C CB  . ALA A 1 100 ? -16.059 2.482   1.655   1.00 12.73 ? 67  ALA A CB  1 
ATOM   480  N N   . ILE A 1 101 ? -15.290 -0.325  3.575   1.00 13.13 ? 68  ILE A N   1 
ATOM   481  C CA  . ILE A 1 101 ? -15.565 -1.750  3.773   1.00 13.36 ? 68  ILE A CA  1 
ATOM   482  C C   . ILE A 1 101 ? -16.083 -1.929  5.188   1.00 13.99 ? 68  ILE A C   1 
ATOM   483  O O   . ILE A 1 101 ? -15.347 -1.706  6.156   1.00 13.52 ? 68  ILE A O   1 
ATOM   484  C CB  . ILE A 1 101 ? -14.317 -2.640  3.523   1.00 13.46 ? 68  ILE A CB  1 
ATOM   485  C CG1 . ILE A 1 101 ? -13.733 -2.390  2.122   1.00 11.61 ? 68  ILE A CG1 1 
ATOM   486  C CG2 . ILE A 1 101 ? -14.650 -4.128  3.734   1.00 13.08 ? 68  ILE A CG2 1 
ATOM   487  C CD1 . ILE A 1 101 ? -14.723 -2.571  0.953   1.00 11.00 ? 68  ILE A CD1 1 
ATOM   488  N N   . GLU A 1 102 ? -17.356 -2.319  5.288   1.00 14.58 ? 69  GLU A N   1 
ATOM   489  C CA  . GLU A 1 102 ? -18.115 -2.250  6.541   1.00 15.51 ? 69  GLU A CA  1 
ATOM   490  C C   . GLU A 1 102 ? -17.582 -3.194  7.629   1.00 15.58 ? 69  GLU A C   1 
ATOM   491  O O   . GLU A 1 102 ? -17.559 -2.835  8.807   1.00 16.09 ? 69  GLU A O   1 
ATOM   492  C CB  . GLU A 1 102 ? -19.609 -2.497  6.288   1.00 15.87 ? 69  GLU A CB  1 
ATOM   493  C CG  . GLU A 1 102 ? -20.323 -1.417  5.445   1.00 17.25 ? 69  GLU A CG  1 
ATOM   494  C CD  . GLU A 1 102 ? -20.323 -1.722  3.951   1.00 18.95 ? 69  GLU A CD  1 
ATOM   495  O OE1 . GLU A 1 102 ? -19.346 -2.320  3.433   1.00 21.15 ? 69  GLU A OE1 1 
ATOM   496  O OE2 . GLU A 1 102 ? -21.310 -1.365  3.280   1.00 19.63 ? 69  GLU A OE2 1 
ATOM   497  N N   . ASN A 1 103 ? -17.159 -4.393  7.238   1.00 15.20 ? 70  ASN A N   1 
ATOM   498  C CA  . ASN A 1 103 ? -16.459 -5.283  8.156   1.00 15.18 ? 70  ASN A CA  1 
ATOM   499  C C   . ASN A 1 103 ? -14.942 -5.222  7.909   1.00 15.04 ? 70  ASN A C   1 
ATOM   500  O O   . ASN A 1 103 ? -14.472 -5.688  6.869   1.00 14.88 ? 70  ASN A O   1 
ATOM   501  C CB  . ASN A 1 103 ? -16.988 -6.715  8.024   1.00 15.24 ? 70  ASN A CB  1 
ATOM   502  C CG  . ASN A 1 103 ? -16.195 -7.730  8.854   1.00 15.39 ? 70  ASN A CG  1 
ATOM   503  O OD1 . ASN A 1 103 ? -15.333 -7.380  9.650   1.00 14.47 ? 70  ASN A OD1 1 
ATOM   504  N ND2 . ASN A 1 103 ? -16.511 -9.001  8.671   1.00 17.00 ? 70  ASN A ND2 1 
ATOM   505  N N   . PRO A 1 104 ? -14.172 -4.683  8.883   1.00 14.94 ? 71  PRO A N   1 
ATOM   506  C CA  . PRO A 1 104 ? -12.726 -4.444  8.694   1.00 14.81 ? 71  PRO A CA  1 
ATOM   507  C C   . PRO A 1 104 ? -11.942 -5.688  8.264   1.00 14.46 ? 71  PRO A C   1 
ATOM   508  O O   . PRO A 1 104 ? -10.949 -5.571  7.550   1.00 13.78 ? 71  PRO A O   1 
ATOM   509  C CB  . PRO A 1 104 ? -12.253 -3.973  10.077  1.00 14.95 ? 71  PRO A CB  1 
ATOM   510  C CG  . PRO A 1 104 ? -13.478 -3.460  10.749  1.00 15.46 ? 71  PRO A CG  1 
ATOM   511  C CD  . PRO A 1 104 ? -14.624 -4.282  10.229  1.00 14.83 ? 71  PRO A CD  1 
ATOM   512  N N   . ALA A 1 105 ? -12.397 -6.868  8.689   1.00 14.05 ? 72  ALA A N   1 
ATOM   513  C CA  . ALA A 1 105 ? -11.724 -8.127  8.353   1.00 13.44 ? 72  ALA A CA  1 
ATOM   514  C C   . ALA A 1 105 ? -11.824 -8.493  6.873   1.00 13.18 ? 72  ALA A C   1 
ATOM   515  O O   . ALA A 1 105 ? -11.056 -9.327  6.394   1.00 12.89 ? 72  ALA A O   1 
ATOM   516  C CB  . ALA A 1 105 ? -12.251 -9.281  9.232   1.00 13.41 ? 72  ALA A CB  1 
ATOM   517  N N   . ASP A 1 106 ? -12.774 -7.875  6.165   1.00 12.75 ? 73  ASP A N   1 
ATOM   518  C CA  . ASP A 1 106 ? -12.953 -8.084  4.724   1.00 12.76 ? 73  ASP A CA  1 
ATOM   519  C C   . ASP A 1 106 ? -11.949 -7.332  3.832   1.00 12.38 ? 73  ASP A C   1 
ATOM   520  O O   . ASP A 1 106 ? -11.960 -7.490  2.604   1.00 11.94 ? 73  ASP A O   1 
ATOM   521  C CB  . ASP A 1 106 ? -14.395 -7.781  4.321   1.00 12.80 ? 73  ASP A CB  1 
ATOM   522  C CG  . ASP A 1 106 ? -15.365 -8.860  4.802   1.00 14.34 ? 73  ASP A CG  1 
ATOM   523  O OD1 . ASP A 1 106 ? -14.913 -10.010 4.997   1.00 16.51 ? 73  ASP A OD1 1 
ATOM   524  O OD2 . ASP A 1 106 ? -16.568 -8.574  4.966   1.00 15.52 ? 73  ASP A OD2 1 
ATOM   525  N N   . VAL A 1 107 ? -11.086 -6.531  4.459   1.00 11.84 ? 74  VAL A N   1 
ATOM   526  C CA  . VAL A 1 107 ? -9.892  -5.991  3.802   1.00 11.77 ? 74  VAL A CA  1 
ATOM   527  C C   . VAL A 1 107 ? -8.710  -6.935  4.079   1.00 11.77 ? 74  VAL A C   1 
ATOM   528  O O   . VAL A 1 107 ? -8.382  -7.216  5.238   1.00 11.79 ? 74  VAL A O   1 
ATOM   529  C CB  . VAL A 1 107 ? -9.559  -4.557  4.298   1.00 12.00 ? 74  VAL A CB  1 
ATOM   530  C CG1 . VAL A 1 107 ? -8.376  -3.954  3.513   1.00 11.76 ? 74  VAL A CG1 1 
ATOM   531  C CG2 . VAL A 1 107 ? -10.796 -3.647  4.218   1.00 11.41 ? 74  VAL A CG2 1 
ATOM   532  N N   . SER A 1 108 ? -8.088  -7.436  3.014   1.00 11.83 ? 75  SER A N   1 
ATOM   533  C CA  . SER A 1 108 ? -6.885  -8.250  3.130   0.25 11.49 ? 75  SER A CA  1 
ATOM   534  C C   . SER A 1 108 ? -5.658  -7.457  2.727   1.00 12.16 ? 75  SER A C   1 
ATOM   535  O O   . SER A 1 108 ? -5.664  -6.713  1.726   1.00 11.25 ? 75  SER A O   1 
ATOM   536  C CB  . SER A 1 108 ? -6.995  -9.527  2.303   0.25 11.12 ? 75  SER A CB  1 
ATOM   537  O OG  . SER A 1 108 ? -7.815  -10.466 2.969   0.25 10.98 ? 75  SER A OG  1 
ATOM   538  N N   . VAL A 1 109 ? -4.604  -7.606  3.527   1.00 12.61 ? 76  VAL A N   1 
ATOM   539  C CA  . VAL A 1 109 ? -3.376  -6.854  3.337   1.00 13.09 ? 76  VAL A CA  1 
ATOM   540  C C   . VAL A 1 109 ? -2.206  -7.820  3.231   1.00 13.95 ? 76  VAL A C   1 
ATOM   541  O O   . VAL A 1 109 ? -2.045  -8.731  4.059   1.00 14.11 ? 76  VAL A O   1 
ATOM   542  C CB  . VAL A 1 109 ? -3.168  -5.770  4.433   1.00 13.32 ? 76  VAL A CB  1 
ATOM   543  C CG1 . VAL A 1 109 ? -4.254  -4.707  4.343   1.00 12.08 ? 76  VAL A CG1 1 
ATOM   544  C CG2 . VAL A 1 109 ? -3.161  -6.375  5.838   1.00 14.02 ? 76  VAL A CG2 1 
ATOM   545  N N   . ILE A 1 110 ? -1.396  -7.619  2.199   1.00 14.11 ? 77  ILE A N   1 
ATOM   546  C CA  . ILE A 1 110 ? -0.473  -8.640  1.748   1.00 15.12 ? 77  ILE A CA  1 
ATOM   547  C C   . ILE A 1 110 ? 0.959   -8.123  1.575   1.00 15.09 ? 77  ILE A C   1 
ATOM   548  O O   . ILE A 1 110 ? 1.173   -7.013  1.096   1.00 14.18 ? 77  ILE A O   1 
ATOM   549  C CB  . ILE A 1 110 ? -1.005  -9.273  0.424   1.00 15.15 ? 77  ILE A CB  1 
ATOM   550  C CG1 . ILE A 1 110 ? -2.170  -10.227 0.746   1.00 15.35 ? 77  ILE A CG1 1 
ATOM   551  C CG2 . ILE A 1 110 ? 0.109   -9.954  -0.352  1.00 16.28 ? 77  ILE A CG2 1 
ATOM   552  C CD1 . ILE A 1 110 ? -2.651  -11.070 -0.410  1.00 16.35 ? 77  ILE A CD1 1 
ATOM   553  N N   . SER A 1 111 ? 1.926   -8.944  1.996   1.00 15.52 ? 78  SER A N   1 
ATOM   554  C CA  . SER A 1 111 ? 3.317   -8.803  1.572   1.00 16.20 ? 78  SER A CA  1 
ATOM   555  C C   . SER A 1 111 ? 4.005   -10.167 1.550   1.00 17.09 ? 78  SER A C   1 
ATOM   556  O O   . SER A 1 111 ? 4.185   -10.782 2.598   1.00 17.27 ? 78  SER A O   1 
ATOM   557  C CB  . SER A 1 111 ? 4.091   -7.837  2.478   1.00 16.10 ? 78  SER A CB  1 
ATOM   558  O OG  . SER A 1 111 ? 5.422   -7.669  2.003   1.00 15.66 ? 78  SER A OG  1 
ATOM   559  N N   . SER A 1 112 ? 4.380   -10.648 0.366   1.00 17.89 ? 79  SER A N   1 
ATOM   560  C CA  . SER A 1 112 ? 5.192   -11.861 0.291   1.00 18.92 ? 79  SER A CA  1 
ATOM   561  C C   . SER A 1 112 ? 6.627   -11.551 0.736   1.00 19.57 ? 79  SER A C   1 
ATOM   562  O O   . SER A 1 112 ? 7.227   -12.316 1.496   1.00 19.90 ? 79  SER A O   1 
ATOM   563  C CB  . SER A 1 112 ? 5.174   -12.461 -1.120  1.00 19.06 ? 79  SER A CB  1 
ATOM   564  O OG  . SER A 1 112 ? 5.599   -11.512 -2.083  1.00 19.81 ? 79  SER A OG  1 
ATOM   565  N N   . ARG A 1 113 ? 7.159   -10.416 0.273   1.00 19.88 ? 80  ARG A N   1 
ATOM   566  C CA  . ARG A 1 113 ? 8.480   -9.944  0.679   1.00 20.53 ? 80  ARG A CA  1 
ATOM   567  C C   . ARG A 1 113 ? 8.577   -9.713  2.172   1.00 20.51 ? 80  ARG A C   1 
ATOM   568  O O   . ARG A 1 113 ? 7.667   -9.125  2.776   1.00 20.43 ? 80  ARG A O   1 
ATOM   569  C CB  . ARG A 1 113 ? 8.826   -8.635  -0.031  1.00 20.56 ? 80  ARG A CB  1 
ATOM   570  C CG  . ARG A 1 113 ? 9.151   -8.791  -1.503  1.00 22.09 ? 80  ARG A CG  1 
ATOM   571  C CD  . ARG A 1 113 ? 9.231   -7.432  -2.169  1.00 23.56 ? 80  ARG A CD  1 
ATOM   572  N NE  . ARG A 1 113 ? 10.260  -6.600  -1.546  1.00 24.71 ? 80  ARG A NE  1 
ATOM   573  C CZ  . ARG A 1 113 ? 10.236  -5.268  -1.505  1.00 25.60 ? 80  ARG A CZ  1 
ATOM   574  N NH1 . ARG A 1 113 ? 9.227   -4.601  -2.059  1.00 24.48 ? 80  ARG A NH1 1 
ATOM   575  N NH2 . ARG A 1 113 ? 11.230  -4.606  -0.915  1.00 24.91 ? 80  ARG A NH2 1 
ATOM   576  N N   . ASN A 1 114 ? 9.694   -10.153 2.751   1.00 20.65 ? 81  ASN A N   1 
ATOM   577  C CA  . ASN A 1 114 ? 10.024  -9.877  4.160   1.00 21.29 ? 81  ASN A CA  1 
ATOM   578  C C   . ASN A 1 114 ? 9.943   -8.394  4.537   1.00 20.68 ? 81  ASN A C   1 
ATOM   579  O O   . ASN A 1 114 ? 9.520   -8.046  5.643   1.00 20.32 ? 81  ASN A O   1 
ATOM   580  C CB  . ASN A 1 114 ? 11.406  -10.459 4.527   1.00 22.10 ? 81  ASN A CB  1 
ATOM   581  C CG  . ASN A 1 114 ? 12.530  -9.991  3.588   1.00 25.20 ? 81  ASN A CG  1 
ATOM   582  O OD1 . ASN A 1 114 ? 12.319  -9.183  2.664   1.00 27.81 ? 81  ASN A OD1 1 
ATOM   583  N ND2 . ASN A 1 114 ? 13.745  -10.504 3.829   1.00 28.80 ? 81  ASN A ND2 1 
ATOM   584  N N   . THR A 1 115 ? 10.337  -7.539  3.593   1.00 20.37 ? 82  THR A N   1 
ATOM   585  C CA  . THR A 1 115 ? 10.335  -6.089  3.745   1.00 20.34 ? 82  THR A CA  1 
ATOM   586  C C   . THR A 1 115 ? 9.004   -5.513  4.248   1.00 20.26 ? 82  THR A C   1 
ATOM   587  O O   . THR A 1 115 ? 8.998   -4.577  5.058   1.00 20.77 ? 82  THR A O   1 
ATOM   588  C CB  . THR A 1 115 ? 10.687  -5.418  2.405   1.00 20.74 ? 82  THR A CB  1 
ATOM   589  O OG1 . THR A 1 115 ? 11.775  -6.118  1.781   1.00 21.07 ? 82  THR A OG1 1 
ATOM   590  C CG2 . THR A 1 115 ? 11.073  -3.966  2.611   1.00 20.39 ? 82  THR A CG2 1 
ATOM   591  N N   . GLY A 1 116 ? 7.883   -6.066  3.786   1.00 19.69 ? 83  GLY A N   1 
ATOM   592  C CA  . GLY A 1 116 ? 6.563   -5.564  4.196   1.00 19.21 ? 83  GLY A CA  1 
ATOM   593  C C   . GLY A 1 116 ? 5.772   -6.426  5.167   1.00 18.91 ? 83  GLY A C   1 
ATOM   594  O O   . GLY A 1 116 ? 4.642   -6.081  5.521   1.00 18.74 ? 83  GLY A O   1 
ATOM   595  N N   . GLN A 1 117 ? 6.352   -7.540  5.615   1.00 19.12 ? 84  GLN A N   1 
ATOM   596  C CA  . GLN A 1 117 ? 5.609   -8.505  6.444   1.00 19.22 ? 84  GLN A CA  1 
ATOM   597  C C   . GLN A 1 117 ? 5.248   -7.937  7.820   1.00 19.14 ? 84  GLN A C   1 
ATOM   598  O O   . GLN A 1 117 ? 4.090   -7.984  8.232   1.00 19.18 ? 84  GLN A O   1 
ATOM   599  C CB  . GLN A 1 117 ? 6.346   -9.849  6.547   1.00 19.22 ? 84  GLN A CB  1 
ATOM   600  C CG  . GLN A 1 117 ? 6.307   -10.689 5.259   1.00 18.74 ? 84  GLN A CG  1 
ATOM   601  C CD  . GLN A 1 117 ? 7.032   -12.021 5.393   1.00 20.26 ? 84  GLN A CD  1 
ATOM   602  O OE1 . GLN A 1 117 ? 7.146   -12.564 6.489   1.00 23.91 ? 84  GLN A OE1 1 
ATOM   603  N NE2 . GLN A 1 117 ? 7.524   -12.552 4.276   1.00 21.23 ? 84  GLN A NE2 1 
ATOM   604  N N   . ARG A 1 118 ? 6.225   -7.363  8.514   1.00 19.22 ? 85  ARG A N   1 
ATOM   605  C CA  . ARG A 1 118 ? 5.970   -6.742  9.817   1.00 19.01 ? 85  ARG A CA  1 
ATOM   606  C C   . ARG A 1 118 ? 4.965   -5.596  9.691   1.00 18.33 ? 85  ARG A C   1 
ATOM   607  O O   . ARG A 1 118 ? 4.023   -5.489  10.488  1.00 18.07 ? 85  ARG A O   1 
ATOM   608  C CB  . ARG A 1 118 ? 7.281   -6.244  10.428  1.00 19.62 ? 85  ARG A CB  1 
ATOM   609  C CG  . ARG A 1 118 ? 7.118   -5.523  11.770  1.00 22.57 ? 85  ARG A CG  1 
ATOM   610  C CD  . ARG A 1 118 ? 8.465   -5.379  12.459  1.00 27.73 ? 85  ARG A CD  1 
ATOM   611  N NE  . ARG A 1 118 ? 8.392   -4.426  13.559  1.00 32.29 ? 85  ARG A NE  1 
ATOM   612  C CZ  . ARG A 1 118 ? 8.163   -4.752  14.827  1.00 35.26 ? 85  ARG A CZ  1 
ATOM   613  N NH1 . ARG A 1 118 ? 7.992   -6.029  15.173  1.00 36.21 ? 85  ARG A NH1 1 
ATOM   614  N NH2 . ARG A 1 118 ? 8.111   -3.795  15.753  1.00 35.74 ? 85  ARG A NH2 1 
ATOM   615  N N   . ALA A 1 119 ? 5.174   -4.753  8.677   1.00 17.59 ? 86  ALA A N   1 
ATOM   616  C CA  . ALA A 1 119 ? 4.270   -3.650  8.353   1.00 16.97 ? 86  ALA A CA  1 
ATOM   617  C C   . ALA A 1 119 ? 2.818   -4.106  8.142   1.00 16.61 ? 86  ALA A C   1 
ATOM   618  O O   . ALA A 1 119 ? 1.908   -3.516  8.720   1.00 16.44 ? 86  ALA A O   1 
ATOM   619  C CB  . ALA A 1 119 ? 4.786   -2.886  7.125   1.00 16.86 ? 86  ALA A CB  1 
ATOM   620  N N   . VAL A 1 120 ? 2.587   -5.144  7.328   1.00 16.52 ? 87  VAL A N   1 
ATOM   621  C CA  . VAL A 1 120 ? 1.194   -5.603  7.120   1.00 16.41 ? 87  VAL A CA  1 
ATOM   622  C C   . VAL A 1 120 ? 0.559   -6.202  8.382   1.00 16.13 ? 87  VAL A C   1 
ATOM   623  O O   . VAL A 1 120 ? -0.630  -6.019  8.626   1.00 15.22 ? 87  VAL A O   1 
ATOM   624  C CB  . VAL A 1 120 ? 0.980   -6.514  5.860   1.00 16.60 ? 87  VAL A CB  1 
ATOM   625  C CG1 . VAL A 1 120 ? 1.411   -5.793  4.580   1.00 16.32 ? 87  VAL A CG1 1 
ATOM   626  C CG2 . VAL A 1 120 ? 1.666   -7.869  5.994   1.00 17.37 ? 87  VAL A CG2 1 
ATOM   627  N N   . LEU A 1 121 ? 1.367   -6.893  9.187   1.00 16.54 ? 88  LEU A N   1 
ATOM   628  C CA  . LEU A 1 121 ? 0.919   -7.418  10.486  1.00 16.58 ? 88  LEU A CA  1 
ATOM   629  C C   . LEU A 1 121 ? 0.540   -6.302  11.456  1.00 16.53 ? 88  LEU A C   1 
ATOM   630  O O   . LEU A 1 121 ? -0.460  -6.415  12.170  1.00 16.58 ? 88  LEU A O   1 
ATOM   631  C CB  . LEU A 1 121 ? 1.976   -8.358  11.101  1.00 16.62 ? 88  LEU A CB  1 
ATOM   632  C CG  . LEU A 1 121 ? 2.218   -9.673  10.344  1.00 17.26 ? 88  LEU A CG  1 
ATOM   633  C CD1 . LEU A 1 121 ? 3.475   -10.393 10.843  1.00 17.97 ? 88  LEU A CD1 1 
ATOM   634  C CD2 . LEU A 1 121 ? 0.992   -10.607 10.422  1.00 17.72 ? 88  LEU A CD2 1 
ATOM   635  N N   . LYS A 1 122 ? 1.319   -5.219  11.461  1.00 16.64 ? 89  LYS A N   1 
ATOM   636  C CA  . LYS A 1 122 ? 1.021   -4.052  12.305  1.00 16.90 ? 89  LYS A CA  1 
ATOM   637  C C   . LYS A 1 122 ? -0.204  -3.290  11.786  1.00 16.43 ? 89  LYS A C   1 
ATOM   638  O O   . LYS A 1 122 ? -1.073  -2.907  12.564  1.00 16.40 ? 89  LYS A O   1 
ATOM   639  C CB  . LYS A 1 122 ? 2.235   -3.113  12.412  1.00 17.25 ? 89  LYS A CB  1 
ATOM   640  C CG  . LYS A 1 122 ? 3.445   -3.690  13.173  1.00 19.70 ? 89  LYS A CG  1 
ATOM   641  C CD  . LYS A 1 122 ? 3.166   -3.890  14.676  1.00 24.98 ? 89  LYS A CD  1 
ATOM   642  C CE  . LYS A 1 122 ? 3.261   -2.569  15.450  1.00 29.01 ? 89  LYS A CE  1 
ATOM   643  N NZ  . LYS A 1 122 ? 2.635   -2.611  16.821  1.00 31.13 ? 89  LYS A NZ  1 
ATOM   644  N N   . PHE A 1 123 ? -0.280  -3.083  10.467  1.00 15.98 ? 90  PHE A N   1 
ATOM   645  C CA  . PHE A 1 123 ? -1.459  -2.440  9.860   1.00 15.24 ? 90  PHE A CA  1 
ATOM   646  C C   . PHE A 1 123 ? -2.726  -3.210  10.246  1.00 15.28 ? 90  PHE A C   1 
ATOM   647  O O   . PHE A 1 123 ? -3.726  -2.609  10.638  1.00 15.37 ? 90  PHE A O   1 
ATOM   648  C CB  . PHE A 1 123 ? -1.323  -2.358  8.333   1.00 14.08 ? 90  PHE A CB  1 
ATOM   649  C CG  . PHE A 1 123 ? -2.506  -1.716  7.649   1.00 13.93 ? 90  PHE A CG  1 
ATOM   650  C CD1 . PHE A 1 123 ? -3.653  -2.457  7.362   1.00 12.19 ? 90  PHE A CD1 1 
ATOM   651  C CD2 . PHE A 1 123 ? -2.480  -0.367  7.293   1.00 12.78 ? 90  PHE A CD2 1 
ATOM   652  C CE1 . PHE A 1 123 ? -4.757  -1.863  6.736   1.00 11.64 ? 90  PHE A CE1 1 
ATOM   653  C CE2 . PHE A 1 123 ? -3.582  0.230   6.670   1.00 11.97 ? 90  PHE A CE2 1 
ATOM   654  C CZ  . PHE A 1 123 ? -4.718  -0.525  6.389   1.00 11.90 ? 90  PHE A CZ  1 
ATOM   655  N N   . ALA A 1 124 ? -2.671  -4.537  10.128  1.00 15.66 ? 91  ALA A N   1 
ATOM   656  C CA  . ALA A 1 124 ? -3.815  -5.409  10.425  1.00 16.26 ? 91  ALA A CA  1 
ATOM   657  C C   . ALA A 1 124 ? -4.227  -5.342  11.891  1.00 16.71 ? 91  ALA A C   1 
ATOM   658  O O   . ALA A 1 124 ? -5.418  -5.228  12.195  1.00 16.87 ? 91  ALA A O   1 
ATOM   659  C CB  . ALA A 1 124 ? -3.526  -6.851  10.018  1.00 16.20 ? 91  ALA A CB  1 
ATOM   660  N N   . ALA A 1 125 ? -3.243  -5.392  12.791  1.00 17.28 ? 92  ALA A N   1 
ATOM   661  C CA  . ALA A 1 125 ? -3.495  -5.226  14.232  1.00 17.54 ? 92  ALA A CA  1 
ATOM   662  C C   . ALA A 1 125 ? -4.178  -3.898  14.525  1.00 17.70 ? 92  ALA A C   1 
ATOM   663  O O   . ALA A 1 125 ? -5.121  -3.835  15.325  1.00 18.30 ? 92  ALA A O   1 
ATOM   664  C CB  . ALA A 1 125 ? -2.191  -5.338  15.030  1.00 18.02 ? 92  ALA A CB  1 
ATOM   665  N N   . ALA A 1 126 ? -3.716  -2.841  13.858  1.00 17.44 ? 93  ALA A N   1 
ATOM   666  C CA  . ALA A 1 126 ? -4.220  -1.495  14.109  1.00 17.04 ? 93  ALA A CA  1 
ATOM   667  C C   . ALA A 1 126 ? -5.615  -1.231  13.552  1.00 16.90 ? 93  ALA A C   1 
ATOM   668  O O   . ALA A 1 126 ? -6.373  -0.457  14.125  1.00 17.18 ? 93  ALA A O   1 
ATOM   669  C CB  . ALA A 1 126 ? -3.237  -0.468  13.583  1.00 17.31 ? 93  ALA A CB  1 
ATOM   670  N N   . THR A 1 127 ? -5.953  -1.866  12.431  1.00 17.10 ? 94  THR A N   1 
ATOM   671  C CA  . THR A 1 127 ? -7.164  -1.512  11.683  1.00 16.15 ? 94  THR A CA  1 
ATOM   672  C C   . THR A 1 127 ? -8.243  -2.593  11.657  1.00 16.42 ? 94  THR A C   1 
ATOM   673  O O   . THR A 1 127 ? -9.397  -2.295  11.353  1.00 16.08 ? 94  THR A O   1 
ATOM   674  C CB  . THR A 1 127 ? -6.839  -1.155  10.214  1.00 16.57 ? 94  THR A CB  1 
ATOM   675  O OG1 . THR A 1 127 ? -6.396  -2.331  9.520   1.00 13.78 ? 94  THR A OG1 1 
ATOM   676  C CG2 . THR A 1 127 ? -5.782  -0.051  10.136  1.00 16.60 ? 94  THR A CG2 1 
ATOM   677  N N   . GLY A 1 128 ? -7.864  -3.835  11.954  1.00 16.45 ? 95  GLY A N   1 
ATOM   678  C CA  . GLY A 1 128 ? -8.808  -4.956  11.939  1.00 16.54 ? 95  GLY A CA  1 
ATOM   679  C C   . GLY A 1 128 ? -8.852  -5.699  10.609  1.00 16.63 ? 95  GLY A C   1 
ATOM   680  O O   . GLY A 1 128 ? -9.683  -6.594  10.417  1.00 15.88 ? 95  GLY A O   1 
ATOM   681  N N   . ALA A 1 129 ? -7.961  -5.315  9.692   1.00 16.52 ? 96  ALA A N   1 
ATOM   682  C CA  . ALA A 1 129 ? -7.791  -6.003  8.400   1.00 16.51 ? 96  ALA A CA  1 
ATOM   683  C C   . ALA A 1 129 ? -7.167  -7.396  8.584   1.00 16.61 ? 96  ALA A C   1 
ATOM   684  O O   . ALA A 1 129 ? -6.571  -7.686  9.625   1.00 16.51 ? 96  ALA A O   1 
ATOM   685  C CB  . ALA A 1 129 ? -6.923  -5.156  7.456   1.00 16.15 ? 96  ALA A CB  1 
ATOM   686  N N   . THR A 1 130 ? -7.286  -8.243  7.562   1.00 16.63 ? 97  THR A N   1 
ATOM   687  C CA  . THR A 1 130 ? -6.756  -9.610  7.620   1.00 16.89 ? 97  THR A CA  1 
ATOM   688  C C   . THR A 1 130 ? -5.431  -9.679  6.869   1.00 17.23 ? 97  THR A C   1 
ATOM   689  O O   . THR A 1 130 ? -5.395  -9.408  5.664   1.00 16.72 ? 97  THR A O   1 
ATOM   690  C CB  . THR A 1 130 ? -7.777  -10.638 7.042   1.00 16.99 ? 97  THR A CB  1 
ATOM   691  O OG1 . THR A 1 130 ? -9.016  -10.514 7.742   1.00 16.34 ? 97  THR A OG1 1 
ATOM   692  C CG2 . THR A 1 130 ? -7.282  -12.080 7.168   1.00 17.17 ? 97  THR A CG2 1 
ATOM   693  N N   . PRO A 1 131 ? -4.331  -10.021 7.580   1.00 17.48 ? 98  PRO A N   1 
ATOM   694  C CA  . PRO A 1 131 ? -3.036  -10.015 6.906   1.00 18.07 ? 98  PRO A CA  1 
ATOM   695  C C   . PRO A 1 131 ? -2.688  -11.357 6.274   1.00 18.84 ? 98  PRO A C   1 
ATOM   696  O O   . PRO A 1 131 ? -3.047  -12.406 6.816   1.00 19.39 ? 98  PRO A O   1 
ATOM   697  C CB  . PRO A 1 131 ? -2.061  -9.711  8.050   1.00 17.93 ? 98  PRO A CB  1 
ATOM   698  C CG  . PRO A 1 131 ? -2.704  -10.401 9.273   1.00 17.47 ? 98  PRO A CG  1 
ATOM   699  C CD  . PRO A 1 131 ? -4.213  -10.409 9.009   1.00 17.44 ? 98  PRO A CD  1 
ATOM   700  N N   . ILE A 1 132 ? -1.997  -11.318 5.138   1.00 19.33 ? 99  ILE A N   1 
ATOM   701  C CA  . ILE A 1 132 ? -1.281  -12.487 4.632   1.00 20.13 ? 99  ILE A CA  1 
ATOM   702  C C   . ILE A 1 132 ? 0.177   -12.097 4.416   1.00 20.49 ? 99  ILE A C   1 
ATOM   703  O O   . ILE A 1 132 ? 0.535   -11.504 3.393   1.00 20.77 ? 99  ILE A O   1 
ATOM   704  C CB  . ILE A 1 132 ? -1.878  -13.070 3.322   1.00 19.98 ? 99  ILE A CB  1 
ATOM   705  C CG1 . ILE A 1 132 ? -3.385  -13.324 3.463   1.00 20.16 ? 99  ILE A CG1 1 
ATOM   706  C CG2 . ILE A 1 132 ? -1.143  -14.354 2.941   1.00 19.93 ? 99  ILE A CG2 1 
ATOM   707  C CD1 . ILE A 1 132 ? -4.035  -13.966 2.221   1.00 20.73 ? 99  ILE A CD1 1 
ATOM   708  N N   . ALA A 1 133 ? 1.007   -12.417 5.404   1.00 21.03 ? 100 ALA A N   1 
ATOM   709  C CA  . ALA A 1 133 ? 2.433   -12.108 5.367   1.00 21.52 ? 100 ALA A CA  1 
ATOM   710  C C   . ALA A 1 133 ? 3.185   -13.367 4.971   1.00 21.87 ? 100 ALA A C   1 
ATOM   711  O O   . ALA A 1 133 ? 2.991   -14.427 5.569   1.00 22.33 ? 100 ALA A O   1 
ATOM   712  C CB  . ALA A 1 133 ? 2.899   -11.610 6.745   1.00 21.66 ? 100 ALA A CB  1 
ATOM   713  N N   . GLY A 1 134 ? 4.036   -13.256 3.962   1.00 22.06 ? 101 GLY A N   1 
ATOM   714  C CA  . GLY A 1 134 ? 4.809   -14.396 3.498   1.00 22.75 ? 101 GLY A CA  1 
ATOM   715  C C   . GLY A 1 134 ? 4.101   -15.099 2.354   1.00 23.17 ? 101 GLY A C   1 
ATOM   716  O O   . GLY A 1 134 ? 3.508   -14.447 1.490   1.00 23.08 ? 101 GLY A O   1 
ATOM   717  N N   . ARG A 1 135 ? 4.148   -16.430 2.355   1.00 23.36 ? 102 ARG A N   1 
ATOM   718  C CA  . ARG A 1 135 ? 3.663   -17.207 1.214   1.00 23.65 ? 102 ARG A CA  1 
ATOM   719  C C   . ARG A 1 135 ? 2.161   -17.091 1.015   1.00 22.55 ? 102 ARG A C   1 
ATOM   720  O O   . ARG A 1 135 ? 1.383   -17.221 1.950   1.00 22.97 ? 102 ARG A O   1 
ATOM   721  C CB  . ARG A 1 135 ? 4.069   -18.676 1.312   1.00 24.30 ? 102 ARG A CB  1 
ATOM   722  C CG  . ARG A 1 135 ? 4.066   -19.366 -0.057  1.00 28.61 ? 102 ARG A CG  1 
ATOM   723  C CD  . ARG A 1 135 ? 4.025   -20.888 0.051   1.00 34.75 ? 102 ARG A CD  1 
ATOM   724  N NE  . ARG A 1 135 ? 3.903   -21.505 -1.273  1.00 38.72 ? 102 ARG A NE  1 
ATOM   725  C CZ  . ARG A 1 135 ? 2.880   -22.260 -1.664  1.00 40.77 ? 102 ARG A CZ  1 
ATOM   726  N NH1 . ARG A 1 135 ? 1.874   -22.520 -0.830  1.00 41.94 ? 102 ARG A NH1 1 
ATOM   727  N NH2 . ARG A 1 135 ? 2.871   -22.766 -2.893  1.00 41.67 ? 102 ARG A NH2 1 
ATOM   728  N N   . PHE A 1 136 ? 1.776   -16.818 -0.224  1.00 21.91 ? 103 PHE A N   1 
ATOM   729  C CA  . PHE A 1 136 ? 0.386   -16.830 -0.639  1.00 21.02 ? 103 PHE A CA  1 
ATOM   730  C C   . PHE A 1 136 ? 0.233   -18.091 -1.481  1.00 20.92 ? 103 PHE A C   1 
ATOM   731  O O   . PHE A 1 136 ? 0.843   -18.220 -2.540  1.00 21.10 ? 103 PHE A O   1 
ATOM   732  C CB  . PHE A 1 136 ? 0.061   -15.565 -1.445  1.00 20.27 ? 103 PHE A CB  1 
ATOM   733  C CG  . PHE A 1 136 ? -1.360  -15.507 -1.975  1.00 19.33 ? 103 PHE A CG  1 
ATOM   734  C CD1 . PHE A 1 136 ? -1.672  -16.015 -3.233  1.00 16.81 ? 103 PHE A CD1 1 
ATOM   735  C CD2 . PHE A 1 136 ? -2.373  -14.926 -1.223  1.00 16.95 ? 103 PHE A CD2 1 
ATOM   736  C CE1 . PHE A 1 136 ? -2.972  -15.951 -3.727  1.00 17.76 ? 103 PHE A CE1 1 
ATOM   737  C CE2 . PHE A 1 136 ? -3.677  -14.866 -1.706  1.00 16.85 ? 103 PHE A CE2 1 
ATOM   738  C CZ  . PHE A 1 136 ? -3.977  -15.366 -2.963  1.00 17.92 ? 103 PHE A CZ  1 
ATOM   739  N N   . THR A 1 137 ? -0.555  -19.032 -0.981  1.00 20.78 ? 104 THR A N   1 
ATOM   740  C CA  . THR A 1 137 ? -0.788  -20.293 -1.679  1.00 20.99 ? 104 THR A CA  1 
ATOM   741  C C   . THR A 1 137 ? -1.667  -20.038 -2.900  1.00 20.26 ? 104 THR A C   1 
ATOM   742  O O   . THR A 1 137 ? -2.760  -19.505 -2.759  1.00 20.01 ? 104 THR A O   1 
ATOM   743  C CB  . THR A 1 137 ? -1.462  -21.324 -0.741  1.00 21.13 ? 104 THR A CB  1 
ATOM   744  O OG1 . THR A 1 137 ? -0.639  -21.502 0.414   1.00 22.17 ? 104 THR A OG1 1 
ATOM   745  C CG2 . THR A 1 137 ? -1.651  -22.677 -1.446  1.00 21.50 ? 104 THR A CG2 1 
ATOM   746  N N   . PRO A 1 138 ? -1.184  -20.404 -4.102  1.00 20.23 ? 105 PRO A N   1 
ATOM   747  C CA  . PRO A 1 138 ? -1.996  -20.216 -5.309  1.00 20.11 ? 105 PRO A CA  1 
ATOM   748  C C   . PRO A 1 138 ? -3.355  -20.907 -5.164  1.00 19.98 ? 105 PRO A C   1 
ATOM   749  O O   . PRO A 1 138 ? -3.418  -22.039 -4.700  1.00 19.40 ? 105 PRO A O   1 
ATOM   750  C CB  . PRO A 1 138 ? -1.151  -20.872 -6.409  1.00 20.09 ? 105 PRO A CB  1 
ATOM   751  C CG  . PRO A 1 138 ? 0.272   -20.767 -5.892  1.00 20.99 ? 105 PRO A CG  1 
ATOM   752  C CD  . PRO A 1 138 ? 0.136   -20.991 -4.407  1.00 20.28 ? 105 PRO A CD  1 
ATOM   753  N N   . GLY A 1 139 ? -4.427  -20.210 -5.532  1.00 20.11 ? 106 GLY A N   1 
ATOM   754  C CA  . GLY A 1 139 ? -5.783  -20.728 -5.371  1.00 20.18 ? 106 GLY A CA  1 
ATOM   755  C C   . GLY A 1 139 ? -6.501  -20.198 -4.137  1.00 20.79 ? 106 GLY A C   1 
ATOM   756  O O   . GLY A 1 139 ? -7.700  -20.430 -3.967  1.00 20.27 ? 106 GLY A O   1 
ATOM   757  N N   . THR A 1 140 ? -5.782  -19.495 -3.262  1.00 20.95 ? 107 THR A N   1 
ATOM   758  C CA  . THR A 1 140 ? -6.414  -18.887 -2.074  1.00 21.71 ? 107 THR A CA  1 
ATOM   759  C C   . THR A 1 140 ? -7.662  -18.074 -2.459  1.00 22.30 ? 107 THR A C   1 
ATOM   760  O O   . THR A 1 140 ? -8.706  -18.179 -1.809  1.00 22.21 ? 107 THR A O   1 
ATOM   761  C CB  . THR A 1 140 ? -5.407  -18.030 -1.254  1.00 21.44 ? 107 THR A CB  1 
ATOM   762  O OG1 . THR A 1 140 ? -4.315  -18.850 -0.833  1.00 20.19 ? 107 THR A OG1 1 
ATOM   763  C CG2 . THR A 1 140 ? -6.064  -17.417 -0.012  1.00 22.08 ? 107 THR A CG2 1 
ATOM   764  N N   . PHE A 1 141 ? -7.564  -17.289 -3.527  1.00 23.05 ? 108 PHE A N   1 
ATOM   765  C CA  . PHE A 1 141 ? -8.713  -16.519 -3.990  1.00 24.26 ? 108 PHE A CA  1 
ATOM   766  C C   . PHE A 1 141 ? -9.557  -17.257 -5.033  1.00 25.77 ? 108 PHE A C   1 
ATOM   767  O O   . PHE A 1 141 ? -10.781 -17.178 -4.987  1.00 26.72 ? 108 PHE A O   1 
ATOM   768  C CB  . PHE A 1 141 ? -8.307  -15.126 -4.501  1.00 23.27 ? 108 PHE A CB  1 
ATOM   769  C CG  . PHE A 1 141 ? -7.696  -14.232 -3.448  1.00 21.92 ? 108 PHE A CG  1 
ATOM   770  C CD1 . PHE A 1 141 ? -7.962  -14.423 -2.088  1.00 20.32 ? 108 PHE A CD1 1 
ATOM   771  C CD2 . PHE A 1 141 ? -6.880  -13.168 -3.825  1.00 20.32 ? 108 PHE A CD2 1 
ATOM   772  C CE1 . PHE A 1 141 ? -7.406  -13.585 -1.122  1.00 20.38 ? 108 PHE A CE1 1 
ATOM   773  C CE2 . PHE A 1 141 ? -6.318  -12.323 -2.871  1.00 20.89 ? 108 PHE A CE2 1 
ATOM   774  C CZ  . PHE A 1 141 ? -6.577  -12.531 -1.514  1.00 21.86 ? 108 PHE A CZ  1 
ATOM   775  N N   . THR A 1 142 ? -8.919  -17.963 -5.970  1.00 27.37 ? 109 THR A N   1 
ATOM   776  C CA  . THR A 1 142 ? -9.660  -18.615 -7.074  1.00 29.00 ? 109 THR A CA  1 
ATOM   777  C C   . THR A 1 142 ? -10.335 -19.953 -6.720  1.00 30.80 ? 109 THR A C   1 
ATOM   778  O O   . THR A 1 142 ? -11.345 -20.307 -7.335  1.00 30.75 ? 109 THR A O   1 
ATOM   779  C CB  . THR A 1 142 ? -8.797  -18.818 -8.345  1.00 28.59 ? 109 THR A CB  1 
ATOM   780  O OG1 . THR A 1 142 ? -7.661  -19.631 -8.034  1.00 27.91 ? 109 THR A OG1 1 
ATOM   781  C CG2 . THR A 1 142 ? -8.331  -17.483 -8.927  1.00 27.83 ? 109 THR A CG2 1 
ATOM   782  N N   . ASN A 1 143 ? -9.773  -20.707 -5.774  1.00 32.72 ? 110 ASN A N   1 
ATOM   783  C CA  . ASN A 1 143 ? -10.408 -21.950 -5.325  1.00 35.04 ? 110 ASN A CA  1 
ATOM   784  C C   . ASN A 1 143 ? -11.503 -21.613 -4.319  1.00 36.26 ? 110 ASN A C   1 
ATOM   785  O O   . ASN A 1 143 ? -11.270 -21.560 -3.115  1.00 37.04 ? 110 ASN A O   1 
ATOM   786  C CB  . ASN A 1 143 ? -9.395  -22.947 -4.728  1.00 35.00 ? 110 ASN A CB  1 
ATOM   787  C CG  . ASN A 1 143 ? -8.352  -23.412 -5.735  1.00 36.37 ? 110 ASN A CG  1 
ATOM   788  O OD1 . ASN A 1 143 ? -8.448  -23.118 -6.926  1.00 39.21 ? 110 ASN A OD1 1 
ATOM   789  N ND2 . ASN A 1 143 ? -7.343  -24.137 -5.258  1.00 37.09 ? 110 ASN A ND2 1 
ATOM   790  N N   . GLN A 1 144 ? -12.700 -21.355 -4.820  1.00 37.85 ? 111 GLN A N   1 
ATOM   791  C CA  . GLN A 1 144 ? -13.790 -20.935 -3.956  1.00 39.17 ? 111 GLN A CA  1 
ATOM   792  C C   . GLN A 1 144 ? -15.023 -21.769 -4.181  1.00 39.66 ? 111 GLN A C   1 
ATOM   793  O O   . GLN A 1 144 ? -15.547 -21.828 -5.296  1.00 40.08 ? 111 GLN A O   1 
ATOM   794  C CB  . GLN A 1 144 ? -14.125 -19.469 -4.197  1.00 39.43 ? 111 GLN A CB  1 
ATOM   795  C CG  . GLN A 1 144 ? -13.094 -18.508 -3.664  1.00 41.19 ? 111 GLN A CG  1 
ATOM   796  C CD  . GLN A 1 144 ? -13.285 -18.210 -2.197  1.00 42.97 ? 111 GLN A CD  1 
ATOM   797  O OE1 . GLN A 1 144 ? -12.843 -18.973 -1.335  1.00 44.16 ? 111 GLN A OE1 1 
ATOM   798  N NE2 . GLN A 1 144 ? -13.936 -17.091 -1.904  1.00 42.92 ? 111 GLN A NE2 1 
ATOM   799  N N   . ILE A 1 145 ? -15.485 -22.418 -3.117  1.00 40.45 ? 112 ILE A N   1 
ATOM   800  C CA  . ILE A 1 145 ? -16.768 -23.117 -3.166  1.00 40.90 ? 112 ILE A CA  1 
ATOM   801  C C   . ILE A 1 145 ? -17.915 -22.099 -3.310  1.00 40.31 ? 112 ILE A C   1 
ATOM   802  O O   . ILE A 1 145 ? -18.579 -22.048 -4.358  1.00 40.94 ? 112 ILE A O   1 
ATOM   803  C CB  . ILE A 1 145 ? -16.971 -24.115 -1.972  1.00 41.19 ? 112 ILE A CB  1 
ATOM   804  C CG1 . ILE A 1 145 ? -18.419 -24.636 -1.936  1.00 42.39 ? 112 ILE A CG1 1 
ATOM   805  C CG2 . ILE A 1 145 ? -16.545 -23.491 -0.627  1.00 42.03 ? 112 ILE A CG2 1 
ATOM   806  C CD1 . ILE A 1 145 ? -18.572 -26.058 -1.373  1.00 44.32 ? 112 ILE A CD1 1 
ATOM   807  N N   . GLN A 1 146 ? -18.112 -21.269 -2.287  1.00 39.04 ? 113 GLN A N   1 
ATOM   808  C CA  . GLN A 1 146 ? -19.264 -20.376 -2.235  1.00 37.44 ? 113 GLN A CA  1 
ATOM   809  C C   . GLN A 1 146 ? -19.194 -19.215 -3.218  1.00 36.10 ? 113 GLN A C   1 
ATOM   810  O O   . GLN A 1 146 ? -18.195 -18.503 -3.302  1.00 35.99 ? 113 GLN A O   1 
ATOM   811  C CB  . GLN A 1 146 ? -19.504 -19.859 -0.809  1.00 37.57 ? 113 GLN A CB  1 
ATOM   812  C CG  . GLN A 1 146 ? -20.455 -20.710 0.026   1.00 38.84 ? 113 GLN A CG  1 
ATOM   813  C CD  . GLN A 1 146 ? -21.797 -20.973 -0.671  1.00 40.54 ? 113 GLN A CD  1 
ATOM   814  O OE1 . GLN A 1 146 ? -22.323 -20.125 -1.419  1.00 40.05 ? 113 GLN A OE1 1 
ATOM   815  N NE2 . GLN A 1 146 ? -22.354 -22.156 -0.428  1.00 40.41 ? 113 GLN A NE2 1 
ATOM   816  N N   . ALA A 1 147 ? -20.280 -19.048 -3.965  1.00 34.49 ? 114 ALA A N   1 
ATOM   817  C CA  . ALA A 1 147 ? -20.501 -17.868 -4.785  1.00 32.47 ? 114 ALA A CA  1 
ATOM   818  C C   . ALA A 1 147 ? -20.902 -16.695 -3.892  1.00 30.86 ? 114 ALA A C   1 
ATOM   819  O O   . ALA A 1 147 ? -20.541 -15.546 -4.152  1.00 30.88 ? 114 ALA A O   1 
ATOM   820  C CB  . ALA A 1 147 ? -21.600 -18.153 -5.794  1.00 32.82 ? 114 ALA A CB  1 
ATOM   821  N N   . ALA A 1 148 ? -21.639 -17.008 -2.831  1.00 28.82 ? 115 ALA A N   1 
ATOM   822  C CA  . ALA A 1 148 ? -22.224 -16.007 -1.946  1.00 27.13 ? 115 ALA A CA  1 
ATOM   823  C C   . ALA A 1 148 ? -21.236 -15.500 -0.896  1.00 26.04 ? 115 ALA A C   1 
ATOM   824  O O   . ALA A 1 148 ? -20.437 -16.275 -0.358  1.00 25.65 ? 115 ALA A O   1 
ATOM   825  C CB  . ALA A 1 148 ? -23.482 -16.568 -1.272  1.00 26.60 ? 115 ALA A CB  1 
ATOM   826  N N   . PHE A 1 149 ? -21.312 -14.197 -0.617  1.00 24.64 ? 116 PHE A N   1 
ATOM   827  C CA  . PHE A 1 149 ? -20.532 -13.528 0.445   1.00 23.70 ? 116 PHE A CA  1 
ATOM   828  C C   . PHE A 1 149 ? -19.027 -13.737 0.325   1.00 23.01 ? 116 PHE A C   1 
ATOM   829  O O   . PHE A 1 149 ? -18.335 -14.033 1.310   1.00 22.28 ? 116 PHE A O   1 
ATOM   830  C CB  . PHE A 1 149 ? -21.062 -13.912 1.837   1.00 23.52 ? 116 PHE A CB  1 
ATOM   831  C CG  . PHE A 1 149 ? -22.542 -13.722 1.973   1.00 23.70 ? 116 PHE A CG  1 
ATOM   832  C CD1 . PHE A 1 149 ? -23.071 -12.465 2.215   1.00 23.21 ? 116 PHE A CD1 1 
ATOM   833  C CD2 . PHE A 1 149 ? -23.412 -14.795 1.815   1.00 23.49 ? 116 PHE A CD2 1 
ATOM   834  C CE1 . PHE A 1 149 ? -24.455 -12.284 2.316   1.00 24.36 ? 116 PHE A CE1 1 
ATOM   835  C CE2 . PHE A 1 149 ? -24.790 -14.616 1.910   1.00 23.46 ? 116 PHE A CE2 1 
ATOM   836  C CZ  . PHE A 1 149 ? -25.307 -13.361 2.164   1.00 23.00 ? 116 PHE A CZ  1 
ATOM   837  N N   . ARG A 1 150 ? -18.539 -13.559 -0.903  1.00 22.34 ? 117 ARG A N   1 
ATOM   838  C CA  . ARG A 1 150 ? -17.120 -13.698 -1.235  1.00 22.00 ? 117 ARG A CA  1 
ATOM   839  C C   . ARG A 1 150 ? -16.247 -12.763 -0.425  1.00 20.71 ? 117 ARG A C   1 
ATOM   840  O O   . ARG A 1 150 ? -16.538 -11.569 -0.298  1.00 20.31 ? 117 ARG A O   1 
ATOM   841  C CB  . ARG A 1 150 ? -16.873 -13.392 -2.713  1.00 22.45 ? 117 ARG A CB  1 
ATOM   842  C CG  . ARG A 1 150 ? -17.418 -14.411 -3.668  1.00 25.79 ? 117 ARG A CG  1 
ATOM   843  C CD  . ARG A 1 150 ? -16.736 -14.271 -5.015  1.00 30.55 ? 117 ARG A CD  1 
ATOM   844  N NE  . ARG A 1 150 ? -15.304 -14.502 -4.878  1.00 33.91 ? 117 ARG A NE  1 
ATOM   845  C CZ  . ARG A 1 150 ? -14.745 -15.705 -4.943  1.00 36.83 ? 117 ARG A CZ  1 
ATOM   846  N NH1 . ARG A 1 150 ? -15.506 -16.777 -5.156  1.00 37.27 ? 117 ARG A NH1 1 
ATOM   847  N NH2 . ARG A 1 150 ? -13.427 -15.836 -4.805  1.00 37.55 ? 117 ARG A NH2 1 
ATOM   848  N N   . GLU A 1 151 ? -15.159 -13.318 0.091   1.00 19.60 ? 118 GLU A N   1 
ATOM   849  C CA  . GLU A 1 151 ? -14.200 -12.567 0.880   1.00 19.05 ? 118 GLU A CA  1 
ATOM   850  C C   . GLU A 1 151 ? -12.808 -12.951 0.382   1.00 18.14 ? 118 GLU A C   1 
ATOM   851  O O   . GLU A 1 151 ? -12.605 -14.095 -0.063  1.00 18.28 ? 118 GLU A O   1 
ATOM   852  C CB  . GLU A 1 151 ? -14.368 -12.885 2.380   1.00 19.15 ? 118 GLU A CB  1 
ATOM   853  C CG  . GLU A 1 151 ? -15.727 -12.411 2.989   1.00 19.65 ? 118 GLU A CG  1 
ATOM   854  C CD  . GLU A 1 151 ? -16.034 -13.048 4.358   1.00 19.72 ? 118 GLU A CD  1 
ATOM   855  O OE1 . GLU A 1 151 ? -16.445 -14.224 4.380   1.00 19.44 ? 118 GLU A OE1 1 
ATOM   856  O OE2 . GLU A 1 151 ? -15.869 -12.372 5.411   1.00 20.24 ? 118 GLU A OE2 1 
ATOM   857  N N   . PRO A 1 152 ? -11.841 -12.006 0.437   1.00 17.03 ? 119 PRO A N   1 
ATOM   858  C CA  . PRO A 1 152 ? -11.978 -10.595 0.849   1.00 15.88 ? 119 PRO A CA  1 
ATOM   859  C C   . PRO A 1 152 ? -12.816 -9.748  -0.113  1.00 14.95 ? 119 PRO A C   1 
ATOM   860  O O   . PRO A 1 152 ? -13.111 -10.173 -1.233  1.00 14.00 ? 119 PRO A O   1 
ATOM   861  C CB  . PRO A 1 152 ? -10.528 -10.088 0.866   1.00 15.93 ? 119 PRO A CB  1 
ATOM   862  C CG  . PRO A 1 152 ? -9.799  -11.005 -0.037  1.00 16.67 ? 119 PRO A CG  1 
ATOM   863  C CD  . PRO A 1 152 ? -10.448 -12.345 0.104   1.00 16.16 ? 119 PRO A CD  1 
ATOM   864  N N   . ARG A 1 153 ? -13.200 -8.561  0.349   1.00 13.88 ? 120 ARG A N   1 
ATOM   865  C CA  . ARG A 1 153 ? -13.904 -7.595  -0.485  1.00 13.56 ? 120 ARG A CA  1 
ATOM   866  C C   . ARG A 1 153 ? -12.943 -6.549  -1.044  1.00 13.09 ? 120 ARG A C   1 
ATOM   867  O O   . ARG A 1 153 ? -13.266 -5.852  -1.999  1.00 12.69 ? 120 ARG A O   1 
ATOM   868  C CB  . ARG A 1 153 ? -15.015 -6.909  0.319   1.00 13.63 ? 120 ARG A CB  1 
ATOM   869  C CG  . ARG A 1 153 ? -16.131 -7.842  0.797   1.00 13.34 ? 120 ARG A CG  1 
ATOM   870  C CD  . ARG A 1 153 ? -17.190 -7.037  1.532   1.00 13.05 ? 120 ARG A CD  1 
ATOM   871  N NE  . ARG A 1 153 ? -17.877 -6.134  0.616   1.00 12.98 ? 120 ARG A NE  1 
ATOM   872  C CZ  . ARG A 1 153 ? -18.387 -4.955  0.953   1.00 14.33 ? 120 ARG A CZ  1 
ATOM   873  N NH1 . ARG A 1 153 ? -18.287 -4.504  2.199   1.00 13.41 ? 120 ARG A NH1 1 
ATOM   874  N NH2 . ARG A 1 153 ? -18.991 -4.214  0.032   1.00 16.37 ? 120 ARG A NH2 1 
ATOM   875  N N   . LEU A 1 154 ? -11.758 -6.445  -0.448  1.00 12.91 ? 121 LEU A N   1 
ATOM   876  C CA  . LEU A 1 154 ? -10.733 -5.511  -0.920  1.00 12.67 ? 121 LEU A CA  1 
ATOM   877  C C   . LEU A 1 154 ? -9.340  -6.070  -0.621  1.00 12.44 ? 121 LEU A C   1 
ATOM   878  O O   . LEU A 1 154 ? -9.093  -6.613  0.457   1.00 13.13 ? 121 LEU A O   1 
ATOM   879  C CB  . LEU A 1 154 ? -10.913 -4.127  -0.274  1.00 12.50 ? 121 LEU A CB  1 
ATOM   880  C CG  . LEU A 1 154 ? -9.975  -2.975  -0.681  1.00 12.69 ? 121 LEU A CG  1 
ATOM   881  C CD1 . LEU A 1 154 ? -10.164 -2.542  -2.148  1.00 10.73 ? 121 LEU A CD1 1 
ATOM   882  C CD2 . LEU A 1 154 ? -10.180 -1.790  0.245   1.00 12.47 ? 121 LEU A CD2 1 
ATOM   883  N N   . LEU A 1 155 ? -8.438  -5.925  -1.581  1.00 11.94 ? 122 LEU A N   1 
ATOM   884  C CA  . LEU A 1 155 ? -7.071  -6.388  -1.429  1.00 11.99 ? 122 LEU A CA  1 
ATOM   885  C C   . LEU A 1 155 ? -6.073  -5.230  -1.513  1.00 12.25 ? 122 LEU A C   1 
ATOM   886  O O   . LEU A 1 155 ? -6.146  -4.403  -2.424  1.00 11.86 ? 122 LEU A O   1 
ATOM   887  C CB  . LEU A 1 155 ? -6.766  -7.447  -2.490  1.00 12.12 ? 122 LEU A CB  1 
ATOM   888  C CG  . LEU A 1 155 ? -5.331  -7.967  -2.579  1.00 12.42 ? 122 LEU A CG  1 
ATOM   889  C CD1 . LEU A 1 155 ? -4.936  -8.692  -1.297  1.00 11.82 ? 122 LEU A CD1 1 
ATOM   890  C CD2 . LEU A 1 155 ? -5.138  -8.852  -3.821  1.00 11.45 ? 122 LEU A CD2 1 
ATOM   891  N N   . VAL A 1 156 ? -5.164  -5.158  -0.540  1.00 12.25 ? 123 VAL A N   1 
ATOM   892  C CA  . VAL A 1 156 ? -4.063  -4.188  -0.562  1.00 12.19 ? 123 VAL A CA  1 
ATOM   893  C C   . VAL A 1 156 ? -2.731  -4.953  -0.552  1.00 12.62 ? 123 VAL A C   1 
ATOM   894  O O   . VAL A 1 156 ? -2.473  -5.740  0.370   1.00 12.56 ? 123 VAL A O   1 
ATOM   895  C CB  . VAL A 1 156 ? -4.106  -3.215  0.660   1.00 12.02 ? 123 VAL A CB  1 
ATOM   896  C CG1 . VAL A 1 156 ? -3.199  -1.995  0.425   1.00 12.47 ? 123 VAL A CG1 1 
ATOM   897  C CG2 . VAL A 1 156 ? -5.530  -2.771  0.980   1.00 12.41 ? 123 VAL A CG2 1 
ATOM   898  N N   . VAL A 1 157 ? -1.885  -4.724  -1.559  1.00 12.49 ? 124 VAL A N   1 
ATOM   899  C CA  . VAL A 1 157 ? -0.581  -5.398  -1.620  1.00 13.04 ? 124 VAL A CA  1 
ATOM   900  C C   . VAL A 1 157 ? 0.608   -4.437  -1.573  1.00 13.18 ? 124 VAL A C   1 
ATOM   901  O O   . VAL A 1 157 ? 0.487   -3.245  -1.888  1.00 13.03 ? 124 VAL A O   1 
ATOM   902  C CB  . VAL A 1 157 ? -0.419  -6.365  -2.846  1.00 13.11 ? 124 VAL A CB  1 
ATOM   903  C CG1 . VAL A 1 157 ? -1.644  -7.267  -3.012  1.00 13.22 ? 124 VAL A CG1 1 
ATOM   904  C CG2 . VAL A 1 157 ? -0.141  -5.587  -4.134  1.00 13.32 ? 124 VAL A CG2 1 
ATOM   905  N N   . THR A 1 158 ? 1.760   -4.984  -1.201  1.00 13.04 ? 125 THR A N   1 
ATOM   906  C CA  . THR A 1 158 ? 2.973   -4.196  -1.023  1.00 13.94 ? 125 THR A CA  1 
ATOM   907  C C   . THR A 1 158 ? 3.751   -3.940  -2.321  1.00 13.92 ? 125 THR A C   1 
ATOM   908  O O   . THR A 1 158 ? 4.408   -2.913  -2.450  1.00 13.68 ? 125 THR A O   1 
ATOM   909  C CB  . THR A 1 158 ? 3.886   -4.853  0.050   1.00 13.78 ? 125 THR A CB  1 
ATOM   910  O OG1 . THR A 1 158 ? 3.191   -4.875  1.304   1.00 14.65 ? 125 THR A OG1 1 
ATOM   911  C CG2 . THR A 1 158 ? 5.196   -4.096  0.220   1.00 13.80 ? 125 THR A CG2 1 
ATOM   912  N N   . ASP A 1 159 ? 3.665   -4.861  -3.281  1.00 14.47 ? 126 ASP A N   1 
ATOM   913  C CA  . ASP A 1 159 ? 4.541   -4.833  -4.453  1.00 15.50 ? 126 ASP A CA  1 
ATOM   914  C C   . ASP A 1 159 ? 3.896   -5.669  -5.552  1.00 15.95 ? 126 ASP A C   1 
ATOM   915  O O   . ASP A 1 159 ? 3.854   -6.887  -5.444  1.00 16.18 ? 126 ASP A O   1 
ATOM   916  C CB  . ASP A 1 159 ? 5.923   -5.383  -4.040  1.00 15.94 ? 126 ASP A CB  1 
ATOM   917  C CG  . ASP A 1 159 ? 6.928   -5.494  -5.201  1.00 17.09 ? 126 ASP A CG  1 
ATOM   918  O OD1 . ASP A 1 159 ? 6.564   -5.374  -6.387  1.00 18.32 ? 126 ASP A OD1 1 
ATOM   919  O OD2 . ASP A 1 159 ? 8.120   -5.720  -4.895  1.00 20.13 ? 126 ASP A OD2 1 
ATOM   920  N N   . PRO A 1 160 ? 3.369   -5.020  -6.608  1.00 16.53 ? 127 PRO A N   1 
ATOM   921  C CA  . PRO A 1 160 ? 2.643   -5.762  -7.647  1.00 17.44 ? 127 PRO A CA  1 
ATOM   922  C C   . PRO A 1 160 ? 3.480   -6.817  -8.365  1.00 18.06 ? 127 PRO A C   1 
ATOM   923  O O   . PRO A 1 160 ? 2.920   -7.752  -8.935  1.00 18.50 ? 127 PRO A O   1 
ATOM   924  C CB  . PRO A 1 160 ? 2.233   -4.662  -8.639  1.00 17.51 ? 127 PRO A CB  1 
ATOM   925  C CG  . PRO A 1 160 ? 2.208   -3.429  -7.833  1.00 16.97 ? 127 PRO A CG  1 
ATOM   926  C CD  . PRO A 1 160 ? 3.382   -3.579  -6.906  1.00 16.66 ? 127 PRO A CD  1 
ATOM   927  N N   . ARG A 1 161 ? 4.799   -6.654  -8.334  1.00 18.56 ? 128 ARG A N   1 
ATOM   928  C CA  . ARG A 1 161 ? 5.735   -7.587  -8.959  1.00 19.89 ? 128 ARG A CA  1 
ATOM   929  C C   . ARG A 1 161 ? 5.899   -8.822  -8.053  1.00 19.04 ? 128 ARG A C   1 
ATOM   930  O O   . ARG A 1 161 ? 5.641   -9.938  -8.479  1.00 19.41 ? 128 ARG A O   1 
ATOM   931  C CB  . ARG A 1 161 ? 7.058   -6.845  -9.245  1.00 20.53 ? 128 ARG A CB  1 
ATOM   932  C CG  . ARG A 1 161 ? 8.220   -7.602  -9.930  1.00 25.60 ? 128 ARG A CG  1 
ATOM   933  C CD  . ARG A 1 161 ? 8.023   -7.913  -11.444 1.00 32.19 ? 128 ARG A CD  1 
ATOM   934  N NE  . ARG A 1 161 ? 7.974   -6.806  -12.432 1.00 35.42 ? 128 ARG A NE  1 
ATOM   935  C CZ  . ARG A 1 161 ? 8.468   -5.567  -12.310 1.00 35.84 ? 128 ARG A CZ  1 
ATOM   936  N NH1 . ARG A 1 161 ? 9.098   -5.164  -11.214 1.00 36.20 ? 128 ARG A NH1 1 
ATOM   937  N NH2 . ARG A 1 161 ? 8.324   -4.716  -13.321 1.00 35.45 ? 128 ARG A NH2 1 
ATOM   938  N N   . ALA A 1 162 ? 6.270   -8.617  -6.793  1.00 18.34 ? 129 ALA A N   1 
ATOM   939  C CA  . ALA A 1 162 ? 6.410   -9.723  -5.852  1.00 17.87 ? 129 ALA A CA  1 
ATOM   940  C C   . ALA A 1 162 ? 5.063   -10.366 -5.487  1.00 17.58 ? 129 ALA A C   1 
ATOM   941  O O   . ALA A 1 162 ? 4.980   -11.577 -5.289  1.00 17.01 ? 129 ALA A O   1 
ATOM   942  C CB  . ALA A 1 162 ? 7.136   -9.268  -4.604  1.00 17.76 ? 129 ALA A CB  1 
ATOM   943  N N   . ASP A 1 163 ? 4.017   -9.546  -5.406  1.00 17.26 ? 130 ASP A N   1 
ATOM   944  C CA  . ASP A 1 163 ? 2.684   -10.016 -5.027  1.00 17.27 ? 130 ASP A CA  1 
ATOM   945  C C   . ASP A 1 163 ? 1.766   -10.196 -6.237  1.00 17.11 ? 130 ASP A C   1 
ATOM   946  O O   . ASP A 1 163 ? 0.563   -9.976  -6.150  1.00 16.98 ? 130 ASP A O   1 
ATOM   947  C CB  . ASP A 1 163 ? 2.070   -9.052  -4.005  1.00 17.11 ? 130 ASP A CB  1 
ATOM   948  C CG  . ASP A 1 163 ? 2.909   -8.938  -2.737  1.00 18.13 ? 130 ASP A CG  1 
ATOM   949  O OD1 . ASP A 1 163 ? 3.302   -9.998  -2.199  1.00 19.35 ? 130 ASP A OD1 1 
ATOM   950  O OD2 . ASP A 1 163 ? 3.176   -7.799  -2.278  1.00 16.15 ? 130 ASP A OD2 1 
ATOM   951  N N   . HIS A 1 164 ? 2.337   -10.599 -7.367  1.00 17.53 ? 131 HIS A N   1 
ATOM   952  C CA  . HIS A 1 164 ? 1.560   -10.764 -8.596  1.00 17.79 ? 131 HIS A CA  1 
ATOM   953  C C   . HIS A 1 164 ? 0.457   -11.829 -8.467  1.00 17.27 ? 131 HIS A C   1 
ATOM   954  O O   . HIS A 1 164 ? -0.616  -11.688 -9.068  1.00 17.64 ? 131 HIS A O   1 
ATOM   955  C CB  . HIS A 1 164 ? 2.473   -11.082 -9.787  1.00 18.28 ? 131 HIS A CB  1 
ATOM   956  C CG  . HIS A 1 164 ? 2.997   -12.485 -9.787  1.00 20.47 ? 131 HIS A CG  1 
ATOM   957  N ND1 . HIS A 1 164 ? 4.173   -12.840 -9.159  1.00 23.28 ? 131 HIS A ND1 1 
ATOM   958  C CD2 . HIS A 1 164 ? 2.497   -13.624 -10.322 1.00 21.91 ? 131 HIS A CD2 1 
ATOM   959  C CE1 . HIS A 1 164 ? 4.375   -14.137 -9.306  1.00 24.09 ? 131 HIS A CE1 1 
ATOM   960  N NE2 . HIS A 1 164 ? 3.371   -14.637 -10.007 1.00 24.75 ? 131 HIS A NE2 1 
ATOM   961  N N   . GLN A 1 165 ? 0.714   -12.880 -7.688  1.00 16.63 ? 132 GLN A N   1 
ATOM   962  C CA  . GLN A 1 165 ? -0.228  -14.007 -7.597  1.00 16.25 ? 132 GLN A CA  1 
ATOM   963  C C   . GLN A 1 165 ? -1.592  -13.562 -7.049  1.00 15.72 ? 132 GLN A C   1 
ATOM   964  O O   . GLN A 1 165 ? -2.592  -13.738 -7.743  1.00 15.71 ? 132 GLN A O   1 
ATOM   965  C CB  . GLN A 1 165 ? 0.361   -15.201 -6.815  1.00 16.23 ? 132 GLN A CB  1 
ATOM   966  C CG  . GLN A 1 165 ? -0.570  -16.434 -6.716  1.00 17.08 ? 132 GLN A CG  1 
ATOM   967  C CD  . GLN A 1 165 ? -0.669  -17.215 -8.026  1.00 18.29 ? 132 GLN A CD  1 
ATOM   968  O OE1 . GLN A 1 165 ? 0.293   -17.283 -8.783  1.00 20.90 ? 132 GLN A OE1 1 
ATOM   969  N NE2 . GLN A 1 165 ? -1.833  -17.804 -8.291  1.00 16.50 ? 132 GLN A NE2 1 
ATOM   970  N N   . PRO A 1 166 ? -1.642  -12.991 -5.814  1.00 15.35 ? 133 PRO A N   1 
ATOM   971  C CA  . PRO A 1 166 ? -2.935  -12.482 -5.306  1.00 14.98 ? 133 PRO A CA  1 
ATOM   972  C C   . PRO A 1 166 ? -3.600  -11.449 -6.205  1.00 14.49 ? 133 PRO A C   1 
ATOM   973  O O   . PRO A 1 166 ? -4.814  -11.461 -6.319  1.00 14.95 ? 133 PRO A O   1 
ATOM   974  C CB  . PRO A 1 166 ? -2.580  -11.838 -3.952  1.00 15.05 ? 133 PRO A CB  1 
ATOM   975  C CG  . PRO A 1 166 ? -1.083  -11.746 -3.916  1.00 15.81 ? 133 PRO A CG  1 
ATOM   976  C CD  . PRO A 1 166 ? -0.563  -12.825 -4.817  1.00 15.11 ? 133 PRO A CD  1 
ATOM   977  N N   . LEU A 1 167 ? -2.819  -10.565 -6.827  1.00 13.95 ? 134 LEU A N   1 
ATOM   978  C CA  . LEU A 1 167 ? -3.369  -9.548  -7.712  1.00 14.15 ? 134 LEU A CA  1 
ATOM   979  C C   . LEU A 1 167 ? -3.989  -10.179 -8.949  1.00 14.18 ? 134 LEU A C   1 
ATOM   980  O O   . LEU A 1 167 ? -5.038  -9.750  -9.396  1.00 14.39 ? 134 LEU A O   1 
ATOM   981  C CB  . LEU A 1 167 ? -2.302  -8.520  -8.135  1.00 13.55 ? 134 LEU A CB  1 
ATOM   982  C CG  . LEU A 1 167 ? -1.817  -7.471  -7.121  1.00 14.02 ? 134 LEU A CG  1 
ATOM   983  C CD1 . LEU A 1 167 ? -0.735  -6.623  -7.746  1.00 12.56 ? 134 LEU A CD1 1 
ATOM   984  C CD2 . LEU A 1 167 ? -2.947  -6.566  -6.595  1.00 10.51 ? 134 LEU A CD2 1 
ATOM   985  N N   . THR A 1 168 ? -3.333  -11.193 -9.509  1.00 14.43 ? 135 THR A N   1 
ATOM   986  C CA  . THR A 1 168 ? -3.873  -11.843 -10.703 1.00 14.66 ? 135 THR A CA  1 
ATOM   987  C C   . THR A 1 168 ? -5.118  -12.643 -10.334 1.00 14.38 ? 135 THR A C   1 
ATOM   988  O O   . THR A 1 168 ? -6.111  -12.593 -11.045 1.00 14.05 ? 135 THR A O   1 
ATOM   989  C CB  . THR A 1 168 ? -2.824  -12.713 -11.423 1.00 14.59 ? 135 THR A CB  1 
ATOM   990  O OG1 . THR A 1 168 ? -1.638  -11.935 -11.630 1.00 16.11 ? 135 THR A OG1 1 
ATOM   991  C CG2 . THR A 1 168 ? -3.346  -13.177 -12.776 1.00 15.09 ? 135 THR A CG2 1 
ATOM   992  N N   . GLU A 1 169 ? -5.069  -13.351 -9.206  1.00 14.57 ? 136 GLU A N   1 
ATOM   993  C CA  . GLU A 1 169 ? -6.240  -14.082 -8.724  1.00 15.23 ? 136 GLU A CA  1 
ATOM   994  C C   . GLU A 1 169 ? -7.385  -13.110 -8.446  1.00 15.38 ? 136 GLU A C   1 
ATOM   995  O O   . GLU A 1 169 ? -8.532  -13.390 -8.794  1.00 15.49 ? 136 GLU A O   1 
ATOM   996  C CB  . GLU A 1 169 ? -5.910  -14.935 -7.487  1.00 15.29 ? 136 GLU A CB  1 
ATOM   997  C CG  . GLU A 1 169 ? -4.983  -16.118 -7.782  1.00 15.37 ? 136 GLU A CG  1 
ATOM   998  C CD  . GLU A 1 169 ? -4.952  -17.164 -6.671  1.00 16.31 ? 136 GLU A CD  1 
ATOM   999  O OE1 . GLU A 1 169 ? -5.940  -17.285 -5.912  1.00 17.82 ? 136 GLU A OE1 1 
ATOM   1000 O OE2 . GLU A 1 169 ? -3.931  -17.877 -6.561  1.00 17.72 ? 136 GLU A OE2 1 
ATOM   1001 N N   . ALA A 1 170 ? -7.063  -11.957 -7.854  1.00 15.34 ? 137 ALA A N   1 
ATOM   1002 C CA  . ALA A 1 170 ? -8.055  -10.906 -7.620  1.00 15.60 ? 137 ALA A CA  1 
ATOM   1003 C C   . ALA A 1 170 ? -8.789  -10.469 -8.895  1.00 15.98 ? 137 ALA A C   1 
ATOM   1004 O O   . ALA A 1 170 ? -10.012 -10.312 -8.876  1.00 15.69 ? 137 ALA A O   1 
ATOM   1005 C CB  . ALA A 1 170 ? -7.418  -9.697  -6.921  1.00 15.31 ? 137 ALA A CB  1 
ATOM   1006 N N   . SER A 1 171 ? -8.048  -10.273 -9.990  1.00 16.52 ? 138 SER A N   1 
ATOM   1007 C CA  . SER A 1 171 ? -8.662  -9.918  -11.273 1.00 17.51 ? 138 SER A CA  1 
ATOM   1008 C C   . SER A 1 171 ? -9.600  -11.010 -11.807 1.00 17.24 ? 138 SER A C   1 
ATOM   1009 O O   . SER A 1 171 ? -10.647 -10.703 -12.387 1.00 17.54 ? 138 SER A O   1 
ATOM   1010 C CB  . SER A 1 171 ? -7.611  -9.552  -12.325 1.00 17.67 ? 138 SER A CB  1 
ATOM   1011 O OG  . SER A 1 171 ? -6.837  -10.694 -12.696 1.00 21.35 ? 138 SER A OG  1 
ATOM   1012 N N   . TYR A 1 172 ? -9.228  -12.274 -11.612 1.00 16.98 ? 139 TYR A N   1 
ATOM   1013 C CA  . TYR A 1 172 ? -10.100 -13.406 -11.977 1.00 16.74 ? 139 TYR A CA  1 
ATOM   1014 C C   . TYR A 1 172 ? -11.447 -13.371 -11.256 1.00 16.51 ? 139 TYR A C   1 
ATOM   1015 O O   . TYR A 1 172 ? -12.467 -13.736 -11.834 1.00 16.11 ? 139 TYR A O   1 
ATOM   1016 C CB  . TYR A 1 172 ? -9.417  -14.746 -11.669 1.00 16.53 ? 139 TYR A CB  1 
ATOM   1017 C CG  . TYR A 1 172 ? -8.469  -15.265 -12.736 1.00 17.30 ? 139 TYR A CG  1 
ATOM   1018 C CD1 . TYR A 1 172 ? -7.649  -14.398 -13.462 1.00 17.48 ? 139 TYR A CD1 1 
ATOM   1019 C CD2 . TYR A 1 172 ? -8.358  -16.633 -12.986 1.00 17.20 ? 139 TYR A CD2 1 
ATOM   1020 C CE1 . TYR A 1 172 ? -6.770  -14.875 -14.425 1.00 16.89 ? 139 TYR A CE1 1 
ATOM   1021 C CE2 . TYR A 1 172 ? -7.479  -17.116 -13.950 1.00 17.81 ? 139 TYR A CE2 1 
ATOM   1022 C CZ  . TYR A 1 172 ? -6.688  -16.228 -14.663 1.00 16.73 ? 139 TYR A CZ  1 
ATOM   1023 O OH  . TYR A 1 172 ? -5.817  -16.682 -15.629 1.00 17.63 ? 139 TYR A OH  1 
ATOM   1024 N N   . VAL A 1 173 ? -11.443 -12.946 -9.990  1.00 16.30 ? 140 VAL A N   1 
ATOM   1025 C CA  . VAL A 1 173 ? -12.657 -12.999 -9.162  1.00 16.09 ? 140 VAL A CA  1 
ATOM   1026 C C   . VAL A 1 173 ? -13.311 -11.632 -8.908  1.00 16.16 ? 140 VAL A C   1 
ATOM   1027 O O   . VAL A 1 173 ? -14.177 -11.520 -8.042  1.00 16.68 ? 140 VAL A O   1 
ATOM   1028 C CB  . VAL A 1 173 ? -12.423 -13.777 -7.817  1.00 16.01 ? 140 VAL A CB  1 
ATOM   1029 C CG1 . VAL A 1 173 ? -11.941 -15.206 -8.105  1.00 15.94 ? 140 VAL A CG1 1 
ATOM   1030 C CG2 . VAL A 1 173 ? -11.424 -13.046 -6.900  1.00 15.06 ? 140 VAL A CG2 1 
ATOM   1031 N N   . ASN A 1 174 ? -12.906 -10.613 -9.672  1.00 16.20 ? 141 ASN A N   1 
ATOM   1032 C CA  . ASN A 1 174 ? -13.412 -9.238  -9.525  1.00 16.02 ? 141 ASN A CA  1 
ATOM   1033 C C   . ASN A 1 174 ? -13.228 -8.662  -8.102  1.00 15.32 ? 141 ASN A C   1 
ATOM   1034 O O   . ASN A 1 174 ? -14.101 -7.979  -7.563  1.00 14.62 ? 141 ASN A O   1 
ATOM   1035 C CB  . ASN A 1 174 ? -14.878 -9.125  -9.988  1.00 16.96 ? 141 ASN A CB  1 
ATOM   1036 C CG  . ASN A 1 174 ? -15.069 -9.531  -11.450 1.00 18.99 ? 141 ASN A CG  1 
ATOM   1037 O OD1 . ASN A 1 174 ? -14.188 -9.315  -12.291 1.00 23.22 ? 141 ASN A OD1 1 
ATOM   1038 N ND2 . ASN A 1 174 ? -16.221 -10.115 -11.755 1.00 20.88 ? 141 ASN A ND2 1 
ATOM   1039 N N   . LEU A 1 175 ? -12.078 -8.953  -7.505  1.00 14.42 ? 142 LEU A N   1 
ATOM   1040 C CA  . LEU A 1 175 ? -11.710 -8.377  -6.227  1.00 13.73 ? 142 LEU A CA  1 
ATOM   1041 C C   . LEU A 1 175 ? -10.930 -7.075  -6.506  1.00 13.67 ? 142 LEU A C   1 
ATOM   1042 O O   . LEU A 1 175 ? -9.889  -7.119  -7.160  1.00 13.48 ? 142 LEU A O   1 
ATOM   1043 C CB  . LEU A 1 175 ? -10.868 -9.385  -5.447  1.00 13.70 ? 142 LEU A CB  1 
ATOM   1044 C CG  . LEU A 1 175 ? -10.117 -8.943  -4.184  1.00 14.27 ? 142 LEU A CG  1 
ATOM   1045 C CD1 . LEU A 1 175 ? -11.087 -8.368  -3.149  1.00 12.20 ? 142 LEU A CD1 1 
ATOM   1046 C CD2 . LEU A 1 175 ? -9.325  -10.112 -3.629  1.00 13.05 ? 142 LEU A CD2 1 
ATOM   1047 N N   . PRO A 1 176 ? -11.444 -5.916  -6.038  1.00 13.35 ? 143 PRO A N   1 
ATOM   1048 C CA  . PRO A 1 176 ? -10.725 -4.648  -6.238  1.00 12.88 ? 143 PRO A CA  1 
ATOM   1049 C C   . PRO A 1 176 ? -9.407  -4.616  -5.469  1.00 12.44 ? 143 PRO A C   1 
ATOM   1050 O O   . PRO A 1 176 ? -9.304  -5.202  -4.385  1.00 11.78 ? 143 PRO A O   1 
ATOM   1051 C CB  . PRO A 1 176 ? -11.684 -3.590  -5.673  1.00 12.86 ? 143 PRO A CB  1 
ATOM   1052 C CG  . PRO A 1 176 ? -13.042 -4.290  -5.593  1.00 14.12 ? 143 PRO A CG  1 
ATOM   1053 C CD  . PRO A 1 176 ? -12.705 -5.720  -5.297  1.00 13.16 ? 143 PRO A CD  1 
ATOM   1054 N N   . THR A 1 177 ? -8.418  -3.916  -6.019  1.00 11.80 ? 144 THR A N   1 
ATOM   1055 C CA  . THR A 1 177 ? -7.068  -3.972  -5.470  1.00 11.90 ? 144 THR A CA  1 
ATOM   1056 C C   . THR A 1 177 ? -6.468  -2.592  -5.284  1.00 11.83 ? 144 THR A C   1 
ATOM   1057 O O   . THR A 1 177 ? -6.817  -1.636  -5.994  1.00 11.98 ? 144 THR A O   1 
ATOM   1058 C CB  . THR A 1 177 ? -6.113  -4.784  -6.370  1.00 11.69 ? 144 THR A CB  1 
ATOM   1059 O OG1 . THR A 1 177 ? -5.976  -4.110  -7.621  1.00 12.46 ? 144 THR A OG1 1 
ATOM   1060 C CG2 . THR A 1 177 ? -6.656  -6.181  -6.638  1.00 11.02 ? 144 THR A CG2 1 
ATOM   1061 N N   . ILE A 1 178 ? -5.549  -2.514  -4.329  1.00 11.39 ? 145 ILE A N   1 
ATOM   1062 C CA  . ILE A 1 178 ? -4.776  -1.313  -4.049  1.00 10.88 ? 145 ILE A CA  1 
ATOM   1063 C C   . ILE A 1 178 ? -3.353  -1.808  -3.899  1.00 10.75 ? 145 ILE A C   1 
ATOM   1064 O O   . ILE A 1 178 ? -3.128  -2.886  -3.345  1.00 10.35 ? 145 ILE A O   1 
ATOM   1065 C CB  . ILE A 1 178 ? -5.216  -0.628  -2.743  1.00 10.91 ? 145 ILE A CB  1 
ATOM   1066 C CG1 . ILE A 1 178 ? -6.715  -0.292  -2.792  1.00 11.37 ? 145 ILE A CG1 1 
ATOM   1067 C CG2 . ILE A 1 178 ? -4.355  0.631   -2.484  1.00 10.76 ? 145 ILE A CG2 1 
ATOM   1068 C CD1 . ILE A 1 178 ? -7.279  0.314   -1.527  1.00 10.82 ? 145 ILE A CD1 1 
ATOM   1069 N N   . ALA A 1 179 ? -2.395  -1.044  -4.409  1.00 10.33 ? 146 ALA A N   1 
ATOM   1070 C CA  . ALA A 1 179 ? -1.003  -1.454  -4.292  1.00 10.82 ? 146 ALA A CA  1 
ATOM   1071 C C   . ALA A 1 179 ? -0.108  -0.259  -4.138  1.00 10.83 ? 146 ALA A C   1 
ATOM   1072 O O   . ALA A 1 179 ? -0.362  0.792   -4.715  1.00 10.52 ? 146 ALA A O   1 
ATOM   1073 C CB  . ALA A 1 179 ? -0.564  -2.275  -5.509  1.00 9.81  ? 146 ALA A CB  1 
ATOM   1074 N N   . LEU A 1 180 ? 0.946   -0.453  -3.358  1.00 11.50 ? 147 LEU A N   1 
ATOM   1075 C CA  . LEU A 1 180 ? 2.083   0.442   -3.339  1.00 12.14 ? 147 LEU A CA  1 
ATOM   1076 C C   . LEU A 1 180 ? 2.844   0.208   -4.642  1.00 12.72 ? 147 LEU A C   1 
ATOM   1077 O O   . LEU A 1 180 ? 3.272   -0.914  -4.920  1.00 13.37 ? 147 LEU A O   1 
ATOM   1078 C CB  . LEU A 1 180 ? 2.985   0.115   -2.139  1.00 11.85 ? 147 LEU A CB  1 
ATOM   1079 C CG  . LEU A 1 180 ? 2.417   0.224   -0.716  1.00 11.25 ? 147 LEU A CG  1 
ATOM   1080 C CD1 . LEU A 1 180 ? 3.548   -0.024  0.297   1.00 10.36 ? 147 LEU A CD1 1 
ATOM   1081 C CD2 . LEU A 1 180 ? 1.731   1.579   -0.456  1.00 8.90  ? 147 LEU A CD2 1 
ATOM   1082 N N   . CYS A 1 181 ? 3.012   1.252   -5.445  1.00 13.23 ? 148 CYS A N   1 
ATOM   1083 C CA  . CYS A 1 181 ? 3.573   1.069   -6.779  1.00 13.63 ? 148 CYS A CA  1 
ATOM   1084 C C   . CYS A 1 181 ? 4.795   1.929   -7.011  1.00 14.01 ? 148 CYS A C   1 
ATOM   1085 O O   . CYS A 1 181 ? 4.738   3.160   -6.857  1.00 14.47 ? 148 CYS A O   1 
ATOM   1086 C CB  . CYS A 1 181 ? 2.532   1.379   -7.851  1.00 13.90 ? 148 CYS A CB  1 
ATOM   1087 S SG  . CYS A 1 181 ? 1.091   0.307   -7.846  1.00 15.20 ? 148 CYS A SG  1 
ATOM   1088 N N   . ASN A 1 182 ? 5.883   1.276   -7.406  1.00 13.72 ? 149 ASN A N   1 
ATOM   1089 C CA  . ASN A 1 182 ? 7.103   1.953   -7.799  1.00 14.61 ? 149 ASN A CA  1 
ATOM   1090 C C   . ASN A 1 182 ? 7.011   2.368   -9.273  1.00 15.10 ? 149 ASN A C   1 
ATOM   1091 O O   . ASN A 1 182 ? 6.047   2.011   -9.966  1.00 15.09 ? 149 ASN A O   1 
ATOM   1092 C CB  . ASN A 1 182 ? 8.316   1.042   -7.556  1.00 14.14 ? 149 ASN A CB  1 
ATOM   1093 C CG  . ASN A 1 182 ? 9.571   1.820   -7.169  1.00 14.45 ? 149 ASN A CG  1 
ATOM   1094 O OD1 . ASN A 1 182 ? 9.841   2.900   -7.700  1.00 13.11 ? 149 ASN A OD1 1 
ATOM   1095 N ND2 . ASN A 1 182 ? 10.349  1.262   -6.248  1.00 13.64 ? 149 ASN A ND2 1 
ATOM   1096 N N   . THR A 1 183 ? 8.005   3.107   -9.760  1.00 15.63 ? 150 THR A N   1 
ATOM   1097 C CA  . THR A 1 183 ? 7.946   3.624   -11.139 1.00 16.19 ? 150 THR A CA  1 
ATOM   1098 C C   . THR A 1 183 ? 7.899   2.526   -12.207 1.00 16.77 ? 150 THR A C   1 
ATOM   1099 O O   . THR A 1 183 ? 7.306   2.721   -13.261 1.00 16.52 ? 150 THR A O   1 
ATOM   1100 C CB  . THR A 1 183 ? 9.091   4.621   -11.445 1.00 16.08 ? 150 THR A CB  1 
ATOM   1101 O OG1 . THR A 1 183 ? 10.344  3.947   -11.345 1.00 15.47 ? 150 THR A OG1 1 
ATOM   1102 C CG2 . THR A 1 183 ? 9.059   5.785   -10.464 1.00 15.62 ? 150 THR A CG2 1 
ATOM   1103 N N   . ASP A 1 184 ? 8.507   1.376   -11.926 1.00 18.02 ? 151 ASP A N   1 
ATOM   1104 C CA  . ASP A 1 184 ? 8.496   0.253   -12.868 1.00 19.86 ? 151 ASP A CA  1 
ATOM   1105 C C   . ASP A 1 184 ? 7.499   -0.848  -12.481 1.00 20.16 ? 151 ASP A C   1 
ATOM   1106 O O   . ASP A 1 184 ? 7.570   -1.960  -13.013 1.00 20.49 ? 151 ASP A O   1 
ATOM   1107 C CB  . ASP A 1 184 ? 9.889   -0.357  -12.990 1.00 20.37 ? 151 ASP A CB  1 
ATOM   1108 C CG  . ASP A 1 184 ? 10.347  -1.015  -11.704 1.00 23.82 ? 151 ASP A CG  1 
ATOM   1109 O OD1 . ASP A 1 184 ? 11.295  -1.828  -11.755 1.00 28.62 ? 151 ASP A OD1 1 
ATOM   1110 O OD2 . ASP A 1 184 ? 9.779   -0.712  -10.631 1.00 26.46 ? 151 ASP A OD2 1 
ATOM   1111 N N   . SER A 1 185 ? 6.590   -0.553  -11.550 1.00 20.27 ? 152 SER A N   1 
ATOM   1112 C CA  . SER A 1 185 ? 5.563   -1.518  -11.161 1.00 20.25 ? 152 SER A CA  1 
ATOM   1113 C C   . SER A 1 185 ? 4.595   -1.702  -12.306 1.00 20.27 ? 152 SER A C   1 
ATOM   1114 O O   . SER A 1 185 ? 4.214   -0.732  -12.951 1.00 20.79 ? 152 SER A O   1 
ATOM   1115 C CB  . SER A 1 185 ? 4.798   -1.053  -9.919  1.00 19.72 ? 152 SER A CB  1 
ATOM   1116 O OG  . SER A 1 185 ? 5.557   -1.265  -8.743  1.00 19.82 ? 152 SER A OG  1 
ATOM   1117 N N   . PRO A 1 186 ? 4.201   -2.953  -12.576 1.00 20.43 ? 153 PRO A N   1 
ATOM   1118 C CA  . PRO A 1 186 ? 3.086   -3.170  -13.494 1.00 20.43 ? 153 PRO A CA  1 
ATOM   1119 C C   . PRO A 1 186 ? 1.749   -2.821  -12.826 1.00 20.39 ? 153 PRO A C   1 
ATOM   1120 O O   . PRO A 1 186 ? 1.469   -3.292  -11.712 1.00 21.05 ? 153 PRO A O   1 
ATOM   1121 C CB  . PRO A 1 186 ? 3.182   -4.672  -13.798 1.00 20.40 ? 153 PRO A CB  1 
ATOM   1122 C CG  . PRO A 1 186 ? 3.819   -5.264  -12.571 1.00 20.67 ? 153 PRO A CG  1 
ATOM   1123 C CD  . PRO A 1 186 ? 4.773   -4.217  -12.065 1.00 20.39 ? 153 PRO A CD  1 
ATOM   1124 N N   . LEU A 1 187 ? 0.938   -2.004  -13.492 1.00 20.14 ? 154 LEU A N   1 
ATOM   1125 C CA  . LEU A 1 187 ? -0.352  -1.583  -12.943 1.00 19.85 ? 154 LEU A CA  1 
ATOM   1126 C C   . LEU A 1 187 ? -1.534  -2.354  -13.520 1.00 19.64 ? 154 LEU A C   1 
ATOM   1127 O O   . LEU A 1 187 ? -2.689  -2.014  -13.256 1.00 19.51 ? 154 LEU A O   1 
ATOM   1128 C CB  . LEU A 1 187 ? -0.578  -0.073  -13.132 1.00 20.00 ? 154 LEU A CB  1 
ATOM   1129 C CG  . LEU A 1 187 ? 0.347   0.967   -12.478 1.00 20.00 ? 154 LEU A CG  1 
ATOM   1130 C CD1 . LEU A 1 187 ? -0.307  2.351   -12.453 1.00 20.23 ? 154 LEU A CD1 1 
ATOM   1131 C CD2 . LEU A 1 187 ? 0.710   0.560   -11.080 1.00 20.63 ? 154 LEU A CD2 1 
ATOM   1132 N N   . ARG A 1 188 ? -1.239  -3.388  -14.305 1.00 19.31 ? 155 ARG A N   1 
ATOM   1133 C CA  . ARG A 1 188 ? -2.269  -4.192  -14.968 1.00 19.10 ? 155 ARG A CA  1 
ATOM   1134 C C   . ARG A 1 188 ? -3.390  -4.651  -14.017 1.00 18.43 ? 155 ARG A C   1 
ATOM   1135 O O   . ARG A 1 188 ? -4.576  -4.556  -14.346 1.00 18.46 ? 155 ARG A O   1 
ATOM   1136 C CB  . ARG A 1 188 ? -1.627  -5.400  -15.656 1.00 19.13 ? 155 ARG A CB  1 
ATOM   1137 C CG  . ARG A 1 188 ? -2.617  -6.310  -16.364 1.00 20.94 ? 155 ARG A CG  1 
ATOM   1138 C CD  . ARG A 1 188 ? -1.918  -7.187  -17.380 1.00 23.25 ? 155 ARG A CD  1 
ATOM   1139 N NE  . ARG A 1 188 ? -1.403  -6.370  -18.479 1.00 24.51 ? 155 ARG A NE  1 
ATOM   1140 C CZ  . ARG A 1 188 ? -0.422  -6.729  -19.296 1.00 24.75 ? 155 ARG A CZ  1 
ATOM   1141 N NH1 . ARG A 1 188 ? 0.170   -7.907  -19.157 1.00 24.34 ? 155 ARG A NH1 1 
ATOM   1142 N NH2 . ARG A 1 188 ? -0.024  -5.891  -20.245 1.00 26.26 ? 155 ARG A NH2 1 
ATOM   1143 N N   . TYR A 1 189 ? -3.004  -5.135  -12.840 1.00 17.53 ? 156 TYR A N   1 
ATOM   1144 C CA  . TYR A 1 189 ? -3.958  -5.717  -11.897 1.00 16.61 ? 156 TYR A CA  1 
ATOM   1145 C C   . TYR A 1 189 ? -4.256  -4.803  -10.716 1.00 16.01 ? 156 TYR A C   1 
ATOM   1146 O O   . TYR A 1 189 ? -4.916  -5.214  -9.752  1.00 16.26 ? 156 TYR A O   1 
ATOM   1147 C CB  . TYR A 1 189 ? -3.445  -7.076  -11.420 1.00 16.18 ? 156 TYR A CB  1 
ATOM   1148 C CG  . TYR A 1 189 ? -3.190  -8.045  -12.550 1.00 16.71 ? 156 TYR A CG  1 
ATOM   1149 C CD1 . TYR A 1 189 ? -4.234  -8.488  -13.365 1.00 16.04 ? 156 TYR A CD1 1 
ATOM   1150 C CD2 . TYR A 1 189 ? -1.899  -8.504  -12.822 1.00 17.97 ? 156 TYR A CD2 1 
ATOM   1151 C CE1 . TYR A 1 189 ? -4.001  -9.374  -14.406 1.00 15.54 ? 156 TYR A CE1 1 
ATOM   1152 C CE2 . TYR A 1 189 ? -1.657  -9.390  -13.868 1.00 17.46 ? 156 TYR A CE2 1 
ATOM   1153 C CZ  . TYR A 1 189 ? -2.715  -9.823  -14.653 1.00 16.51 ? 156 TYR A CZ  1 
ATOM   1154 O OH  . TYR A 1 189 ? -2.482  -10.712 -15.681 1.00 16.78 ? 156 TYR A OH  1 
ATOM   1155 N N   . VAL A 1 190 ? -3.780  -3.565  -10.801 1.00 15.13 ? 157 VAL A N   1 
ATOM   1156 C CA  . VAL A 1 190 ? -3.925  -2.580  -9.723  1.00 14.65 ? 157 VAL A CA  1 
ATOM   1157 C C   . VAL A 1 190 ? -5.051  -1.602  -10.080 1.00 15.12 ? 157 VAL A C   1 
ATOM   1158 O O   . VAL A 1 190 ? -5.012  -0.987  -11.148 1.00 15.03 ? 157 VAL A O   1 
ATOM   1159 C CB  . VAL A 1 190 ? -2.593  -1.791  -9.498  1.00 14.38 ? 157 VAL A CB  1 
ATOM   1160 C CG1 . VAL A 1 190 ? -2.766  -0.720  -8.412  1.00 13.35 ? 157 VAL A CG1 1 
ATOM   1161 C CG2 . VAL A 1 190 ? -1.452  -2.742  -9.147  1.00 13.02 ? 157 VAL A CG2 1 
ATOM   1162 N N   . ASP A 1 191 ? -6.044  -1.467  -9.198  1.00 14.98 ? 158 ASP A N   1 
ATOM   1163 C CA  . ASP A 1 191 ? -7.135  -0.493  -9.381  1.00 15.20 ? 158 ASP A CA  1 
ATOM   1164 C C   . ASP A 1 191 ? -6.795  0.890   -8.794  1.00 14.80 ? 158 ASP A C   1 
ATOM   1165 O O   . ASP A 1 191 ? -7.025  1.917   -9.437  1.00 14.61 ? 158 ASP A O   1 
ATOM   1166 C CB  . ASP A 1 191 ? -8.448  -1.021  -8.791  1.00 15.55 ? 158 ASP A CB  1 
ATOM   1167 C CG  . ASP A 1 191 ? -8.951  -2.281  -9.501  1.00 17.86 ? 158 ASP A CG  1 
ATOM   1168 O OD1 . ASP A 1 191 ? -9.142  -2.261  -10.750 1.00 19.64 ? 158 ASP A OD1 1 
ATOM   1169 O OD2 . ASP A 1 191 ? -9.175  -3.290  -8.806  1.00 19.57 ? 158 ASP A OD2 1 
ATOM   1170 N N   . ILE A 1 192 ? -6.253  0.912   -7.576  1.00 14.03 ? 159 ILE A N   1 
ATOM   1171 C CA  . ILE A 1 192 ? -5.757  2.153   -6.987  1.00 13.44 ? 159 ILE A CA  1 
ATOM   1172 C C   . ILE A 1 192 ? -4.264  2.003   -6.735  1.00 13.22 ? 159 ILE A C   1 
ATOM   1173 O O   . ILE A 1 192 ? -3.853  1.203   -5.887  1.00 13.31 ? 159 ILE A O   1 
ATOM   1174 C CB  . ILE A 1 192 ? -6.465  2.526   -5.654  1.00 13.68 ? 159 ILE A CB  1 
ATOM   1175 C CG1 . ILE A 1 192 ? -7.961  2.796   -5.871  1.00 13.23 ? 159 ILE A CG1 1 
ATOM   1176 C CG2 . ILE A 1 192 ? -5.780  3.745   -5.011  1.00 13.59 ? 159 ILE A CG2 1 
ATOM   1177 C CD1 . ILE A 1 192 ? -8.757  2.886   -4.566  1.00 13.42 ? 159 ILE A CD1 1 
ATOM   1178 N N   . ALA A 1 193 ? -3.466  2.759   -7.487  1.00 12.31 ? 160 ALA A N   1 
ATOM   1179 C CA  . ALA A 1 193 ? -2.010  2.764   -7.346  1.00 12.17 ? 160 ALA A CA  1 
ATOM   1180 C C   . ALA A 1 193 ? -1.575  3.875   -6.399  1.00 11.95 ? 160 ALA A C   1 
ATOM   1181 O O   . ALA A 1 193 ? -1.953  5.030   -6.585  1.00 12.47 ? 160 ALA A O   1 
ATOM   1182 C CB  . ALA A 1 193 ? -1.359  2.960   -8.707  1.00 11.78 ? 160 ALA A CB  1 
ATOM   1183 N N   . ILE A 1 194 ? -0.791  3.526   -5.384  1.00 11.65 ? 161 ILE A N   1 
ATOM   1184 C CA  . ILE A 1 194 ? -0.184  4.513   -4.507  1.00 11.81 ? 161 ILE A CA  1 
ATOM   1185 C C   . ILE A 1 194 ? 1.293   4.631   -4.924  1.00 11.88 ? 161 ILE A C   1 
ATOM   1186 O O   . ILE A 1 194 ? 2.084   3.730   -4.651  1.00 11.99 ? 161 ILE A O   1 
ATOM   1187 C CB  . ILE A 1 194 ? -0.310  4.122   -3.002  1.00 11.82 ? 161 ILE A CB  1 
ATOM   1188 C CG1 . ILE A 1 194 ? -1.773  3.805   -2.644  1.00 11.66 ? 161 ILE A CG1 1 
ATOM   1189 C CG2 . ILE A 1 194 ? 0.224   5.247   -2.125  1.00 11.73 ? 161 ILE A CG2 1 
ATOM   1190 C CD1 . ILE A 1 194 ? -1.952  3.144   -1.280  1.00 11.70 ? 161 ILE A CD1 1 
ATOM   1191 N N   . PRO A 1 195 ? 1.659   5.723   -5.625  1.00 12.15 ? 162 PRO A N   1 
ATOM   1192 C CA  . PRO A 1 195 ? 3.034   5.797   -6.127  1.00 11.93 ? 162 PRO A CA  1 
ATOM   1193 C C   . PRO A 1 195 ? 4.019   6.053   -4.991  1.00 11.97 ? 162 PRO A C   1 
ATOM   1194 O O   . PRO A 1 195 ? 3.801   6.949   -4.181  1.00 12.36 ? 162 PRO A O   1 
ATOM   1195 C CB  . PRO A 1 195 ? 2.986   6.970   -7.106  1.00 11.86 ? 162 PRO A CB  1 
ATOM   1196 C CG  . PRO A 1 195 ? 1.859   7.833   -6.622  1.00 11.85 ? 162 PRO A CG  1 
ATOM   1197 C CD  . PRO A 1 195 ? 0.856   6.904   -6.011  1.00 12.07 ? 162 PRO A CD  1 
ATOM   1198 N N   . CYS A 1 196 ? 5.067   5.238   -4.903  1.00 11.93 ? 163 CYS A N   1 
ATOM   1199 C CA  . CYS A 1 196 ? 6.056   5.378   -3.842  1.00 12.82 ? 163 CYS A CA  1 
ATOM   1200 C C   . CYS A 1 196 ? 7.249   4.454   -4.082  1.00 12.98 ? 163 CYS A C   1 
ATOM   1201 O O   . CYS A 1 196 ? 7.188   3.549   -4.922  1.00 12.89 ? 163 CYS A O   1 
ATOM   1202 C CB  . CYS A 1 196 ? 5.428   5.045   -2.474  1.00 12.78 ? 163 CYS A CB  1 
ATOM   1203 S SG  . CYS A 1 196 ? 4.809   3.353   -2.411  1.00 14.17 ? 163 CYS A SG  1 
ATOM   1204 N N   . ASN A 1 197 ? 8.330   4.695   -3.340  1.00 13.14 ? 164 ASN A N   1 
ATOM   1205 C CA  . ASN A 1 197 ? 9.395   3.713   -3.187  1.00 13.46 ? 164 ASN A CA  1 
ATOM   1206 C C   . ASN A 1 197 ? 8.809   2.543   -2.381  1.00 14.05 ? 164 ASN A C   1 
ATOM   1207 O O   . ASN A 1 197 ? 8.591   2.658   -1.170  1.00 14.40 ? 164 ASN A O   1 
ATOM   1208 C CB  . ASN A 1 197 ? 10.585  4.348   -2.458  1.00 13.04 ? 164 ASN A CB  1 
ATOM   1209 C CG  . ASN A 1 197 ? 11.737  3.374   -2.208  1.00 14.04 ? 164 ASN A CG  1 
ATOM   1210 O OD1 . ASN A 1 197 ? 11.650  2.184   -2.505  1.00 14.30 ? 164 ASN A OD1 1 
ATOM   1211 N ND2 . ASN A 1 197 ? 12.829  3.892   -1.646  1.00 14.79 ? 164 ASN A ND2 1 
ATOM   1212 N N   . ASN A 1 198 ? 8.519   1.443   -3.066  1.00 14.39 ? 165 ASN A N   1 
ATOM   1213 C CA  . ASN A 1 198 ? 8.006   0.248   -2.416  1.00 15.09 ? 165 ASN A CA  1 
ATOM   1214 C C   . ASN A 1 198 ? 9.092   -0.833  -2.305  1.00 15.72 ? 165 ASN A C   1 
ATOM   1215 O O   . ASN A 1 198 ? 8.782   -2.003  -2.098  1.00 15.64 ? 165 ASN A O   1 
ATOM   1216 C CB  . ASN A 1 198 ? 6.759   -0.291  -3.143  1.00 14.52 ? 165 ASN A CB  1 
ATOM   1217 C CG  . ASN A 1 198 ? 7.084   -0.934  -4.489  1.00 15.18 ? 165 ASN A CG  1 
ATOM   1218 O OD1 . ASN A 1 198 ? 8.220   -0.883  -4.958  1.00 16.15 ? 165 ASN A OD1 1 
ATOM   1219 N ND2 . ASN A 1 198 ? 6.081   -1.547  -5.113  1.00 15.07 ? 165 ASN A ND2 1 
ATOM   1220 N N   . LYS A 1 199 ? 10.352  -0.420  -2.442  1.00 16.53 ? 166 LYS A N   1 
ATOM   1221 C CA  . LYS A 1 199 ? 11.499  -1.311  -2.334  1.00 17.46 ? 166 LYS A CA  1 
ATOM   1222 C C   . LYS A 1 199 ? 12.217  -1.179  -0.974  1.00 17.28 ? 166 LYS A C   1 
ATOM   1223 O O   . LYS A 1 199 ? 12.431  -2.177  -0.267  1.00 17.36 ? 166 LYS A O   1 
ATOM   1224 C CB  . LYS A 1 199 ? 12.471  -1.036  -3.485  1.00 17.92 ? 166 LYS A CB  1 
ATOM   1225 C CG  . LYS A 1 199 ? 13.671  -1.981  -3.515  1.00 22.28 ? 166 LYS A CG  1 
ATOM   1226 C CD  . LYS A 1 199 ? 14.754  -1.488  -4.468  1.00 27.89 ? 166 LYS A CD  1 
ATOM   1227 C CE  . LYS A 1 199 ? 16.009  -2.359  -4.366  1.00 32.15 ? 166 LYS A CE  1 
ATOM   1228 N NZ  . LYS A 1 199 ? 15.725  -3.789  -4.712  1.00 34.36 ? 166 LYS A NZ  1 
ATOM   1229 N N   . GLY A 1 200 ? 12.579  0.049   -0.612  1.00 16.65 ? 167 GLY A N   1 
ATOM   1230 C CA  . GLY A 1 200 ? 13.308  0.300   0.628   1.00 16.33 ? 167 GLY A CA  1 
ATOM   1231 C C   . GLY A 1 200 ? 12.486  -0.030  1.860   1.00 16.16 ? 167 GLY A C   1 
ATOM   1232 O O   . GLY A 1 200 ? 11.290  0.267   1.920   1.00 15.45 ? 167 GLY A O   1 
ATOM   1233 N N   . ALA A 1 201 ? 13.139  -0.641  2.848   1.00 16.11 ? 168 ALA A N   1 
ATOM   1234 C CA  . ALA A 1 201 ? 12.474  -1.036  4.096   1.00 16.21 ? 168 ALA A CA  1 
ATOM   1235 C C   . ALA A 1 201 ? 11.797  0.116   4.834   1.00 16.26 ? 168 ALA A C   1 
ATOM   1236 O O   . ALA A 1 201 ? 10.651  -0.025  5.287   1.00 15.71 ? 168 ALA A O   1 
ATOM   1237 C CB  . ALA A 1 201 ? 13.460  -1.758  5.027   1.00 16.55 ? 168 ALA A CB  1 
ATOM   1238 N N   . HIS A 1 202 ? 12.495  1.247   4.955   1.00 16.17 ? 169 HIS A N   1 
ATOM   1239 C CA  . HIS A 1 202 ? 11.953  2.411   5.666   1.00 16.85 ? 169 HIS A CA  1 
ATOM   1240 C C   . HIS A 1 202 ? 10.715  2.975   4.978   1.00 15.90 ? 169 HIS A C   1 
ATOM   1241 O O   . HIS A 1 202 ? 9.717   3.272   5.632   1.00 15.58 ? 169 HIS A O   1 
ATOM   1242 C CB  . HIS A 1 202 ? 13.006  3.509   5.806   1.00 17.71 ? 169 HIS A CB  1 
ATOM   1243 C CG  . HIS A 1 202 ? 13.990  3.267   6.906   1.00 22.65 ? 169 HIS A CG  1 
ATOM   1244 N ND1 . HIS A 1 202 ? 14.431  4.271   7.738   1.00 27.16 ? 169 HIS A ND1 1 
ATOM   1245 C CD2 . HIS A 1 202 ? 14.617  2.134   7.315   1.00 26.58 ? 169 HIS A CD2 1 
ATOM   1246 C CE1 . HIS A 1 202 ? 15.291  3.769   8.612   1.00 29.01 ? 169 HIS A CE1 1 
ATOM   1247 N NE2 . HIS A 1 202 ? 15.421  2.477   8.374   1.00 28.17 ? 169 HIS A NE2 1 
ATOM   1248 N N   . SER A 1 203 ? 10.793  3.112   3.659   1.00 15.22 ? 170 SER A N   1 
ATOM   1249 C CA  . SER A 1 203 ? 9.670   3.611   2.871   1.00 14.84 ? 170 SER A CA  1 
ATOM   1250 C C   . SER A 1 203 ? 8.475   2.668   2.910   1.00 14.11 ? 170 SER A C   1 
ATOM   1251 O O   . SER A 1 203 ? 7.347   3.117   3.083   1.00 13.80 ? 170 SER A O   1 
ATOM   1252 C CB  . SER A 1 203 ? 10.099  3.884   1.425   1.00 14.93 ? 170 SER A CB  1 
ATOM   1253 O OG  . SER A 1 203 ? 9.038   4.469   0.684   1.00 15.59 ? 170 SER A OG  1 
ATOM   1254 N N   . VAL A 1 204 ? 8.710   1.367   2.748   1.00 13.85 ? 171 VAL A N   1 
ATOM   1255 C CA  . VAL A 1 204 ? 7.604   0.400   2.825   1.00 13.76 ? 171 VAL A CA  1 
ATOM   1256 C C   . VAL A 1 204 ? 6.919   0.484   4.190   1.00 13.47 ? 171 VAL A C   1 
ATOM   1257 O O   . VAL A 1 204 ? 5.688   0.534   4.270   1.00 12.96 ? 171 VAL A O   1 
ATOM   1258 C CB  . VAL A 1 204 ? 8.049   -1.047  2.514   1.00 13.85 ? 171 VAL A CB  1 
ATOM   1259 C CG1 . VAL A 1 204 ? 6.963   -2.064  2.902   1.00 14.25 ? 171 VAL A CG1 1 
ATOM   1260 C CG2 . VAL A 1 204 ? 8.398   -1.188  1.046   1.00 14.68 ? 171 VAL A CG2 1 
ATOM   1261 N N   . GLY A 1 205 ? 7.717   0.517   5.256   1.00 13.23 ? 172 GLY A N   1 
ATOM   1262 C CA  . GLY A 1 205 ? 7.169   0.601   6.613   1.00 12.84 ? 172 GLY A CA  1 
ATOM   1263 C C   . GLY A 1 205 ? 6.377   1.879   6.836   1.00 12.41 ? 172 GLY A C   1 
ATOM   1264 O O   . GLY A 1 205 ? 5.272   1.847   7.383   1.00 12.30 ? 172 GLY A O   1 
ATOM   1265 N N   . LEU A 1 206 ? 6.944   3.001   6.396   1.00 12.28 ? 173 LEU A N   1 
ATOM   1266 C CA  . LEU A 1 206 ? 6.296   4.305   6.518   1.00 12.57 ? 173 LEU A CA  1 
ATOM   1267 C C   . LEU A 1 206 ? 4.962   4.374   5.758   1.00 12.51 ? 173 LEU A C   1 
ATOM   1268 O O   . LEU A 1 206 ? 3.997   4.947   6.261   1.00 12.51 ? 173 LEU A O   1 
ATOM   1269 C CB  . LEU A 1 206 ? 7.222   5.419   6.018   1.00 12.60 ? 173 LEU A CB  1 
ATOM   1270 C CG  . LEU A 1 206 ? 6.621   6.834   6.001   1.00 13.20 ? 173 LEU A CG  1 
ATOM   1271 C CD1 . LEU A 1 206 ? 6.387   7.341   7.437   1.00 13.32 ? 173 LEU A CD1 1 
ATOM   1272 C CD2 . LEU A 1 206 ? 7.520   7.800   5.203   1.00 12.98 ? 173 LEU A CD2 1 
ATOM   1273 N N   . MET A 1 207 ? 4.923   3.799   4.552   1.00 12.09 ? 174 MET A N   1 
ATOM   1274 C CA  . MET A 1 207 ? 3.713   3.822   3.726   1.00 12.04 ? 174 MET A CA  1 
ATOM   1275 C C   . MET A 1 207 ? 2.547   3.103   4.420   1.00 11.92 ? 174 MET A C   1 
ATOM   1276 O O   . MET A 1 207 ? 1.440   3.648   4.534   1.00 11.46 ? 174 MET A O   1 
ATOM   1277 C CB  . MET A 1 207 ? 3.991   3.221   2.337   1.00 12.14 ? 174 MET A CB  1 
ATOM   1278 C CG  . MET A 1 207 ? 4.836   4.126   1.415   1.00 12.64 ? 174 MET A CG  1 
ATOM   1279 S SD  . MET A 1 207 ? 4.183   5.803   1.165   1.00 14.64 ? 174 MET A SD  1 
ATOM   1280 C CE  . MET A 1 207 ? 2.631   5.480   0.333   1.00 11.36 ? 174 MET A CE  1 
ATOM   1281 N N   . TRP A 1 208 ? 2.811   1.892   4.905   1.00 11.77 ? 175 TRP A N   1 
ATOM   1282 C CA  . TRP A 1 208 ? 1.816   1.125   5.665   1.00 12.25 ? 175 TRP A CA  1 
ATOM   1283 C C   . TRP A 1 208 ? 1.394   1.828   6.957   1.00 12.72 ? 175 TRP A C   1 
ATOM   1284 O O   . TRP A 1 208 ? 0.219   1.848   7.304   1.00 13.43 ? 175 TRP A O   1 
ATOM   1285 C CB  . TRP A 1 208 ? 2.342   -0.287  5.948   1.00 11.84 ? 175 TRP A CB  1 
ATOM   1286 C CG  . TRP A 1 208 ? 2.194   -1.223  4.780   1.00 11.04 ? 175 TRP A CG  1 
ATOM   1287 C CD1 . TRP A 1 208 ? 3.189   -1.720  3.992   1.00 10.37 ? 175 TRP A CD1 1 
ATOM   1288 C CD2 . TRP A 1 208 ? 0.974   -1.776  4.286   1.00 10.86 ? 175 TRP A CD2 1 
ATOM   1289 N NE1 . TRP A 1 208 ? 2.664   -2.556  3.031   1.00 10.22 ? 175 TRP A NE1 1 
ATOM   1290 C CE2 . TRP A 1 208 ? 1.304   -2.602  3.187   1.00 11.13 ? 175 TRP A CE2 1 
ATOM   1291 C CE3 . TRP A 1 208 ? -0.373  -1.646  4.658   1.00 11.70 ? 175 TRP A CE3 1 
ATOM   1292 C CZ2 . TRP A 1 208 ? 0.331   -3.307  2.455   1.00 11.28 ? 175 TRP A CZ2 1 
ATOM   1293 C CZ3 . TRP A 1 208 ? -1.335  -2.352  3.939   1.00 11.00 ? 175 TRP A CZ3 1 
ATOM   1294 C CH2 . TRP A 1 208 ? -0.973  -3.174  2.850   1.00 10.81 ? 175 TRP A CH2 1 
ATOM   1295 N N   . TRP A 1 209 ? 2.357   2.421   7.657   1.00 14.18 ? 176 TRP A N   1 
ATOM   1296 C CA  . TRP A 1 209 ? 2.068   3.229   8.855   1.00 15.01 ? 176 TRP A CA  1 
ATOM   1297 C C   . TRP A 1 209 ? 1.173   4.428   8.524   1.00 15.19 ? 176 TRP A C   1 
ATOM   1298 O O   . TRP A 1 209 ? 0.181   4.690   9.213   1.00 14.62 ? 176 TRP A O   1 
ATOM   1299 C CB  . TRP A 1 209 ? 3.383   3.675   9.515   1.00 15.46 ? 176 TRP A CB  1 
ATOM   1300 C CG  . TRP A 1 209 ? 3.232   4.603   10.693  1.00 16.00 ? 176 TRP A CG  1 
ATOM   1301 C CD1 . TRP A 1 209 ? 3.148   4.250   12.012  1.00 16.50 ? 176 TRP A CD1 1 
ATOM   1302 C CD2 . TRP A 1 209 ? 3.180   6.037   10.656  1.00 16.93 ? 176 TRP A CD2 1 
ATOM   1303 N NE1 . TRP A 1 209 ? 3.030   5.376   12.798  1.00 15.81 ? 176 TRP A NE1 1 
ATOM   1304 C CE2 . TRP A 1 209 ? 3.051   6.486   11.996  1.00 16.70 ? 176 TRP A CE2 1 
ATOM   1305 C CE3 . TRP A 1 209 ? 3.238   6.988   9.624   1.00 16.65 ? 176 TRP A CE3 1 
ATOM   1306 C CZ2 . TRP A 1 209 ? 2.968   7.846   12.329  1.00 16.55 ? 176 TRP A CZ2 1 
ATOM   1307 C CZ3 . TRP A 1 209 ? 3.156   8.351   9.957   1.00 16.20 ? 176 TRP A CZ3 1 
ATOM   1308 C CH2 . TRP A 1 209 ? 3.019   8.760   11.301  1.00 16.91 ? 176 TRP A CH2 1 
ATOM   1309 N N   . MET A 1 210 ? 1.510   5.140   7.452   1.00 15.81 ? 177 MET A N   1 
ATOM   1310 C CA  . MET A 1 210 ? 0.711   6.285   7.030   1.00 17.49 ? 177 MET A CA  1 
ATOM   1311 C C   . MET A 1 210 ? -0.704  5.907   6.556   1.00 16.10 ? 177 MET A C   1 
ATOM   1312 O O   . MET A 1 210 ? -1.663  6.633   6.822   1.00 15.57 ? 177 MET A O   1 
ATOM   1313 C CB  . MET A 1 210 ? 1.442   7.076   5.958   1.00 17.22 ? 177 MET A CB  1 
ATOM   1314 C CG  . MET A 1 210 ? 1.256   8.565   6.130   1.00 20.70 ? 177 MET A CG  1 
ATOM   1315 S SD  . MET A 1 210 ? 2.282   9.511   5.012   1.00 23.32 ? 177 MET A SD  1 
ATOM   1316 C CE  . MET A 1 210 ? 3.831   9.634   5.898   1.00 22.71 ? 177 MET A CE  1 
ATOM   1317 N N   . LEU A 1 211 ? -0.825  4.779   5.858   1.00 15.61 ? 178 LEU A N   1 
ATOM   1318 C CA  . LEU A 1 211 ? -2.136  4.256   5.438   1.00 15.70 ? 178 LEU A CA  1 
ATOM   1319 C C   . LEU A 1 211 ? -2.986  3.978   6.671   1.00 15.13 ? 178 LEU A C   1 
ATOM   1320 O O   . LEU A 1 211 ? -4.136  4.403   6.735   1.00 15.06 ? 178 LEU A O   1 
ATOM   1321 C CB  . LEU A 1 211 ? -1.992  2.952   4.642   1.00 15.28 ? 178 LEU A CB  1 
ATOM   1322 C CG  . LEU A 1 211 ? -2.788  2.699   3.350   1.00 17.96 ? 178 LEU A CG  1 
ATOM   1323 C CD1 . LEU A 1 211 ? -3.136  1.211   3.154   1.00 16.40 ? 178 LEU A CD1 1 
ATOM   1324 C CD2 . LEU A 1 211 ? -4.006  3.603   3.142   1.00 16.28 ? 178 LEU A CD2 1 
ATOM   1325 N N   . ALA A 1 212 ? -2.407  3.258   7.634   1.00 15.27 ? 179 ALA A N   1 
ATOM   1326 C CA  . ALA A 1 212 ? -3.060  2.957   8.924   1.00 15.62 ? 179 ALA A CA  1 
ATOM   1327 C C   . ALA A 1 212 ? -3.519  4.210   9.651   1.00 15.60 ? 179 ALA A C   1 
ATOM   1328 O O   . ALA A 1 212 ? -4.661  4.292   10.096  1.00 15.41 ? 179 ALA A O   1 
ATOM   1329 C CB  . ALA A 1 212 ? -2.123  2.132   9.835   1.00 15.30 ? 179 ALA A CB  1 
ATOM   1330 N N   . ARG A 1 213 ? -2.619  5.183   9.776   1.00 15.89 ? 180 ARG A N   1 
ATOM   1331 C CA  . ARG A 1 213 ? -2.948  6.444   10.440  1.00 16.06 ? 180 ARG A CA  1 
ATOM   1332 C C   . ARG A 1 213 ? -4.157  7.120   9.785   1.00 16.03 ? 180 ARG A C   1 
ATOM   1333 O O   . ARG A 1 213 ? -5.055  7.607   10.477  1.00 16.70 ? 180 ARG A O   1 
ATOM   1334 C CB  . ARG A 1 213 ? -1.733  7.386   10.425  1.00 15.82 ? 180 ARG A CB  1 
ATOM   1335 C CG  . ARG A 1 213 ? -1.886  8.642   11.291  1.00 16.02 ? 180 ARG A CG  1 
ATOM   1336 C CD  . ARG A 1 213 ? -0.713  9.604   11.064  1.00 16.34 ? 180 ARG A CD  1 
ATOM   1337 N NE  . ARG A 1 213 ? -0.739  10.142  9.710   1.00 17.74 ? 180 ARG A NE  1 
ATOM   1338 C CZ  . ARG A 1 213 ? 0.178   10.956  9.188   1.00 19.33 ? 180 ARG A CZ  1 
ATOM   1339 N NH1 . ARG A 1 213 ? 1.224   11.350  9.898   1.00 20.75 ? 180 ARG A NH1 1 
ATOM   1340 N NH2 . ARG A 1 213 ? 0.039   11.382  7.944   1.00 18.55 ? 180 ARG A NH2 1 
ATOM   1341 N N   . GLU A 1 214 ? -4.184  7.146   8.454   1.00 16.22 ? 181 GLU A N   1 
ATOM   1342 C CA  . GLU A 1 214 ? -5.278  7.803   7.731   1.00 16.42 ? 181 GLU A CA  1 
ATOM   1343 C C   . GLU A 1 214 ? -6.587  7.027   7.811   1.00 15.79 ? 181 GLU A C   1 
ATOM   1344 O O   . GLU A 1 214 ? -7.656  7.628   7.827   1.00 15.47 ? 181 GLU A O   1 
ATOM   1345 C CB  . GLU A 1 214 ? -4.907  8.085   6.270   1.00 16.06 ? 181 GLU A CB  1 
ATOM   1346 C CG  . GLU A 1 214 ? -3.761  9.097   6.109   1.00 18.94 ? 181 GLU A CG  1 
ATOM   1347 C CD  . GLU A 1 214 ? -3.972  10.377  6.920   1.00 19.21 ? 181 GLU A CD  1 
ATOM   1348 O OE1 . GLU A 1 214 ? -5.055  10.994  6.824   1.00 20.17 ? 181 GLU A OE1 1 
ATOM   1349 O OE2 . GLU A 1 214 ? -3.049  10.766  7.647   1.00 21.45 ? 181 GLU A OE2 1 
ATOM   1350 N N   . VAL A 1 215 ? -6.497  5.702   7.846   1.00 15.79 ? 182 VAL A N   1 
ATOM   1351 C CA  . VAL A 1 215 ? -7.685  4.856   8.041   1.00 16.14 ? 182 VAL A CA  1 
ATOM   1352 C C   . VAL A 1 215 ? -8.290  5.140   9.425   1.00 16.36 ? 182 VAL A C   1 
ATOM   1353 O O   . VAL A 1 215 ? -9.480  5.407   9.542   1.00 15.79 ? 182 VAL A O   1 
ATOM   1354 C CB  . VAL A 1 215 ? -7.355  3.357   7.838   1.00 15.92 ? 182 VAL A CB  1 
ATOM   1355 C CG1 . VAL A 1 215 ? -8.406  2.464   8.480   1.00 15.96 ? 182 VAL A CG1 1 
ATOM   1356 C CG2 . VAL A 1 215 ? -7.214  3.044   6.344   1.00 15.45 ? 182 VAL A CG2 1 
ATOM   1357 N N   . LEU A 1 216 ? -7.447  5.116   10.456  1.00 17.45 ? 183 LEU A N   1 
ATOM   1358 C CA  . LEU A 1 216 ? -7.865  5.421   11.828  1.00 18.72 ? 183 LEU A CA  1 
ATOM   1359 C C   . LEU A 1 216 ? -8.387  6.847   11.999  1.00 19.57 ? 183 LEU A C   1 
ATOM   1360 O O   . LEU A 1 216 ? -9.323  7.071   12.766  1.00 19.91 ? 183 LEU A O   1 
ATOM   1361 C CB  . LEU A 1 216 ? -6.725  5.144   12.818  1.00 18.77 ? 183 LEU A CB  1 
ATOM   1362 C CG  . LEU A 1 216 ? -6.324  3.671   12.999  1.00 19.13 ? 183 LEU A CG  1 
ATOM   1363 C CD1 . LEU A 1 216 ? -5.199  3.521   14.012  1.00 19.24 ? 183 LEU A CD1 1 
ATOM   1364 C CD2 . LEU A 1 216 ? -7.529  2.815   13.397  1.00 19.53 ? 183 LEU A CD2 1 
ATOM   1365 N N   . ARG A 1 217 ? -7.788  7.803   11.288  1.00 20.46 ? 184 ARG A N   1 
ATOM   1366 C CA  . ARG A 1 217 ? -8.281  9.182   11.305  1.00 21.87 ? 184 ARG A CA  1 
ATOM   1367 C C   . ARG A 1 217 ? -9.658  9.318   10.648  1.00 22.27 ? 184 ARG A C   1 
ATOM   1368 O O   . ARG A 1 217 ? -10.519 10.037  11.148  1.00 22.55 ? 184 ARG A O   1 
ATOM   1369 C CB  . ARG A 1 217 ? -7.287  10.141  10.643  1.00 22.17 ? 184 ARG A CB  1 
ATOM   1370 C CG  . ARG A 1 217 ? -6.157  10.584  11.556  1.00 23.41 ? 184 ARG A CG  1 
ATOM   1371 C CD  . ARG A 1 217 ? -5.154  11.430  10.789  1.00 24.84 ? 184 ARG A CD  1 
ATOM   1372 N NE  . ARG A 1 217 ? -4.153  12.037  11.664  1.00 25.91 ? 184 ARG A NE  1 
ATOM   1373 C CZ  . ARG A 1 217 ? -3.075  12.694  11.237  1.00 26.72 ? 184 ARG A CZ  1 
ATOM   1374 N NH1 . ARG A 1 217 ? -2.834  12.825  9.932   1.00 26.23 ? 184 ARG A NH1 1 
ATOM   1375 N NH2 . ARG A 1 217 ? -2.232  13.210  12.121  1.00 27.28 ? 184 ARG A NH2 1 
ATOM   1376 N N   . MET A 1 218 ? -9.864  8.636   9.529   1.00 22.58 ? 185 MET A N   1 
ATOM   1377 C CA  . MET A 1 218 ? -11.148 8.707   8.832   1.00 23.39 ? 185 MET A CA  1 
ATOM   1378 C C   . MET A 1 218 ? -12.271 8.057   9.631   1.00 23.73 ? 185 MET A C   1 
ATOM   1379 O O   . MET A 1 218 ? -13.410 8.520   9.596   1.00 23.80 ? 185 MET A O   1 
ATOM   1380 C CB  . MET A 1 218 ? -11.045 8.081   7.452   1.00 23.04 ? 185 MET A CB  1 
ATOM   1381 C CG  . MET A 1 218 ? -10.196 8.889   6.509   1.00 23.87 ? 185 MET A CG  1 
ATOM   1382 S SD  . MET A 1 218 ? -10.210 8.204   4.856   1.00 24.00 ? 185 MET A SD  1 
ATOM   1383 C CE  . MET A 1 218 ? -9.184  9.434   4.029   1.00 21.88 ? 185 MET A CE  1 
ATOM   1384 N N   . ARG A 1 219 ? -11.928 6.998   10.359  1.00 24.08 ? 186 ARG A N   1 
ATOM   1385 C CA  . ARG A 1 219 ? -12.859 6.323   11.261  1.00 24.89 ? 186 ARG A CA  1 
ATOM   1386 C C   . ARG A 1 219 ? -13.182 7.131   12.523  1.00 25.86 ? 186 ARG A C   1 
ATOM   1387 O O   . ARG A 1 219 ? -14.167 6.847   13.203  1.00 26.04 ? 186 ARG A O   1 
ATOM   1388 C CB  . ARG A 1 219 ? -12.298 4.955   11.664  1.00 24.38 ? 186 ARG A CB  1 
ATOM   1389 C CG  . ARG A 1 219 ? -12.359 3.912   10.552  1.00 23.01 ? 186 ARG A CG  1 
ATOM   1390 C CD  . ARG A 1 219 ? -11.886 2.570   11.056  1.00 20.46 ? 186 ARG A CD  1 
ATOM   1391 N NE  . ARG A 1 219 ? -11.846 1.554   10.004  1.00 18.17 ? 186 ARG A NE  1 
ATOM   1392 C CZ  . ARG A 1 219 ? -11.124 0.440   10.077  1.00 16.12 ? 186 ARG A CZ  1 
ATOM   1393 N NH1 . ARG A 1 219 ? -10.367 0.208   11.141  1.00 16.18 ? 186 ARG A NH1 1 
ATOM   1394 N NH2 . ARG A 1 219 ? -11.148 -0.439  9.080   1.00 14.84 ? 186 ARG A NH2 1 
ATOM   1395 N N   . GLY A 1 220 ? -12.349 8.127   12.830  1.00 26.86 ? 187 GLY A N   1 
ATOM   1396 C CA  . GLY A 1 220 ? -12.496 8.929   14.049  1.00 27.94 ? 187 GLY A CA  1 
ATOM   1397 C C   . GLY A 1 220 ? -11.915 8.216   15.253  1.00 28.96 ? 187 GLY A C   1 
ATOM   1398 O O   . GLY A 1 220 ? -12.199 8.585   16.390  1.00 29.21 ? 187 GLY A O   1 
ATOM   1399 N N   . THR A 1 221 ? -11.105 7.188   14.994  1.00 29.60 ? 188 THR A N   1 
ATOM   1400 C CA  . THR A 1 221 ? -10.482 6.377   16.038  1.00 30.52 ? 188 THR A CA  1 
ATOM   1401 C C   . THR A 1 221 ? -9.336  7.142   16.718  1.00 31.51 ? 188 THR A C   1 
ATOM   1402 O O   . THR A 1 221 ? -9.119  7.002   17.927  1.00 31.50 ? 188 THR A O   1 
ATOM   1403 C CB  . THR A 1 221 ? -9.954  5.035   15.461  1.00 30.33 ? 188 THR A CB  1 
ATOM   1404 O OG1 . THR A 1 221 ? -11.020 4.339   14.801  1.00 30.04 ? 188 THR A OG1 1 
ATOM   1405 C CG2 . THR A 1 221 ? -9.376  4.144   16.557  1.00 30.14 ? 188 THR A CG2 1 
ATOM   1406 N N   . ILE A 1 222 ? -8.602  7.928   15.932  1.00 32.43 ? 189 ILE A N   1 
ATOM   1407 C CA  . ILE A 1 222 ? -7.548  8.794   16.454  1.00 33.49 ? 189 ILE A CA  1 
ATOM   1408 C C   . ILE A 1 222 ? -7.762  10.223  15.974  1.00 34.86 ? 189 ILE A C   1 
ATOM   1409 O O   . ILE A 1 222 ? -8.568  10.472  15.073  1.00 34.59 ? 189 ILE A O   1 
ATOM   1410 C CB  . ILE A 1 222 ? -6.118  8.309   16.076  1.00 33.46 ? 189 ILE A CB  1 
ATOM   1411 C CG1 . ILE A 1 222 ? -5.895  8.338   14.552  1.00 32.97 ? 189 ILE A CG1 1 
ATOM   1412 C CG2 . ILE A 1 222 ? -5.827  6.929   16.687  1.00 33.15 ? 189 ILE A CG2 1 
ATOM   1413 C CD1 . ILE A 1 222 ? -4.440  8.101   14.127  1.00 32.91 ? 189 ILE A CD1 1 
ATOM   1414 N N   . SER A 1 223 ? -7.025  11.152  16.577  1.00 36.82 ? 190 SER A N   1 
ATOM   1415 C CA  . SER A 1 223 ? -7.150  12.574  16.275  1.00 38.95 ? 190 SER A CA  1 
ATOM   1416 C C   . SER A 1 223 ? -6.649  12.935  14.881  1.00 40.45 ? 190 SER A C   1 
ATOM   1417 O O   . SER A 1 223 ? -5.559  12.528  14.465  1.00 40.62 ? 190 SER A O   1 
ATOM   1418 C CB  . SER A 1 223 ? -6.413  13.412  17.324  1.00 38.90 ? 190 SER A CB  1 
ATOM   1419 O OG  . SER A 1 223 ? -6.329  14.773  16.922  1.00 39.21 ? 190 SER A OG  1 
ATOM   1420 N N   . ARG A 1 224 ? -7.460  13.727  14.187  1.00 42.48 ? 191 ARG A N   1 
ATOM   1421 C CA  . ARG A 1 224 ? -7.180  14.195  12.836  1.00 44.67 ? 191 ARG A CA  1 
ATOM   1422 C C   . ARG A 1 224 ? -6.195  15.370  12.850  1.00 45.53 ? 191 ARG A C   1 
ATOM   1423 O O   . ARG A 1 224 ? -5.649  15.745  11.805  1.00 45.85 ? 191 ARG A O   1 
ATOM   1424 C CB  . ARG A 1 224 ? -8.498  14.621  12.175  1.00 44.47 ? 191 ARG A CB  1 
ATOM   1425 C CG  . ARG A 1 224 ? -8.644  14.219  10.720  1.00 45.82 ? 191 ARG A CG  1 
ATOM   1426 C CD  . ARG A 1 224 ? -10.099 14.315  10.241  1.00 46.35 ? 191 ARG A CD  1 
ATOM   1427 N NE  . ARG A 1 224 ? -11.028 13.551  11.080  1.00 49.29 ? 191 ARG A NE  1 
ATOM   1428 C CZ  . ARG A 1 224 ? -12.062 12.846  10.619  1.00 50.67 ? 191 ARG A CZ  1 
ATOM   1429 N NH1 . ARG A 1 224 ? -12.308 12.779  9.312   1.00 51.52 ? 191 ARG A NH1 1 
ATOM   1430 N NH2 . ARG A 1 224 ? -12.847 12.186  11.467  1.00 50.81 ? 191 ARG A NH2 1 
ATOM   1431 N N   . GLU A 1 225 ? -5.966  15.938  14.035  1.00 46.69 ? 192 GLU A N   1 
ATOM   1432 C CA  . GLU A 1 225 ? -5.161  17.155  14.178  1.00 47.72 ? 192 GLU A CA  1 
ATOM   1433 C C   . GLU A 1 225 ? -3.731  16.918  14.688  1.00 47.86 ? 192 GLU A C   1 
ATOM   1434 O O   . GLU A 1 225 ? -2.765  17.301  14.015  1.00 48.29 ? 192 GLU A O   1 
ATOM   1435 C CB  . GLU A 1 225 ? -5.887  18.191  15.051  1.00 48.03 ? 192 GLU A CB  1 
ATOM   1436 C CG  . GLU A 1 225 ? -6.977  18.994  14.320  1.00 49.87 ? 192 GLU A CG  1 
ATOM   1437 C CD  . GLU A 1 225 ? -8.347  18.307  14.309  1.00 52.44 ? 192 GLU A CD  1 
ATOM   1438 O OE1 . GLU A 1 225 ? -8.642  17.524  15.242  1.00 53.57 ? 192 GLU A OE1 1 
ATOM   1439 O OE2 . GLU A 1 225 ? -9.138  18.564  13.369  1.00 53.06 ? 192 GLU A OE2 1 
ATOM   1440 N N   . HIS A 1 226 ? -3.594  16.297  15.862  1.00 47.86 ? 193 HIS A N   1 
ATOM   1441 C CA  . HIS A 1 226 ? -2.268  16.062  16.456  1.00 47.71 ? 193 HIS A CA  1 
ATOM   1442 C C   . HIS A 1 226 ? -1.621  14.734  16.007  1.00 47.02 ? 193 HIS A C   1 
ATOM   1443 O O   . HIS A 1 226 ? -2.329  13.809  15.602  1.00 47.00 ? 193 HIS A O   1 
ATOM   1444 C CB  . HIS A 1 226 ? -2.293  16.221  17.992  1.00 48.12 ? 193 HIS A CB  1 
ATOM   1445 C CG  . HIS A 1 226 ? -2.921  15.076  18.730  1.00 49.84 ? 193 HIS A CG  1 
ATOM   1446 N ND1 . HIS A 1 226 ? -2.281  13.868  18.923  1.00 50.71 ? 193 HIS A ND1 1 
ATOM   1447 C CD2 . HIS A 1 226 ? -4.116  14.972  19.364  1.00 51.34 ? 193 HIS A CD2 1 
ATOM   1448 C CE1 . HIS A 1 226 ? -3.065  13.060  19.615  1.00 51.33 ? 193 HIS A CE1 1 
ATOM   1449 N NE2 . HIS A 1 226 ? -4.184  13.706  19.898  1.00 51.44 ? 193 HIS A NE2 1 
ATOM   1450 N N   . PRO A 1 227 ? -0.270  14.658  16.043  1.00 46.32 ? 194 PRO A N   1 
ATOM   1451 C CA  . PRO A 1 227 ? 0.484   13.452  15.666  1.00 45.48 ? 194 PRO A CA  1 
ATOM   1452 C C   . PRO A 1 227 ? 0.052   12.171  16.388  1.00 44.60 ? 194 PRO A C   1 
ATOM   1453 O O   . PRO A 1 227 ? -0.314  12.209  17.565  1.00 44.50 ? 194 PRO A O   1 
ATOM   1454 C CB  . PRO A 1 227 ? 1.925   13.810  16.051  1.00 45.58 ? 194 PRO A CB  1 
ATOM   1455 C CG  . PRO A 1 227 ? 1.980   15.290  15.926  1.00 45.97 ? 194 PRO A CG  1 
ATOM   1456 C CD  . PRO A 1 227 ? 0.638   15.765  16.412  1.00 46.24 ? 194 PRO A CD  1 
ATOM   1457 N N   . TRP A 1 228 ? 0.112   11.054  15.663  1.00 43.45 ? 195 TRP A N   1 
ATOM   1458 C CA  . TRP A 1 228 ? -0.244  9.728   16.169  1.00 42.31 ? 195 TRP A CA  1 
ATOM   1459 C C   . TRP A 1 228 ? 0.848   9.208   17.106  1.00 42.41 ? 195 TRP A C   1 
ATOM   1460 O O   . TRP A 1 228 ? 2.037   9.390   16.830  1.00 42.47 ? 195 TRP A O   1 
ATOM   1461 C CB  . TRP A 1 228 ? -0.442  8.773   14.979  1.00 41.00 ? 195 TRP A CB  1 
ATOM   1462 C CG  . TRP A 1 228 ? -1.005  7.404   15.291  1.00 39.63 ? 195 TRP A CG  1 
ATOM   1463 C CD1 . TRP A 1 228 ? -1.766  7.042   16.370  1.00 38.30 ? 195 TRP A CD1 1 
ATOM   1464 C CD2 . TRP A 1 228 ? -0.896  6.228   14.468  1.00 38.37 ? 195 TRP A CD2 1 
ATOM   1465 N NE1 . TRP A 1 228 ? -2.110  5.709   16.284  1.00 37.59 ? 195 TRP A NE1 1 
ATOM   1466 C CE2 . TRP A 1 228 ? -1.591  5.188   15.128  1.00 37.86 ? 195 TRP A CE2 1 
ATOM   1467 C CE3 . TRP A 1 228 ? -0.264  5.952   13.246  1.00 37.31 ? 195 TRP A CE3 1 
ATOM   1468 C CZ2 . TRP A 1 228 ? -1.673  3.892   14.606  1.00 38.33 ? 195 TRP A CZ2 1 
ATOM   1469 C CZ3 . TRP A 1 228 ? -0.345  4.662   12.727  1.00 37.92 ? 195 TRP A CZ3 1 
ATOM   1470 C CH2 . TRP A 1 228 ? -1.045  3.649   13.408  1.00 38.68 ? 195 TRP A CH2 1 
ATOM   1471 N N   . GLU A 1 229 ? 0.433   8.563   18.201  1.00 42.39 ? 196 GLU A N   1 
ATOM   1472 C CA  . GLU A 1 229 ? 1.358   8.040   19.220  1.00 42.52 ? 196 GLU A CA  1 
ATOM   1473 C C   . GLU A 1 229 ? 2.263   6.896   18.736  1.00 41.81 ? 196 GLU A C   1 
ATOM   1474 O O   . GLU A 1 229 ? 3.418   6.802   19.156  1.00 41.83 ? 196 GLU A O   1 
ATOM   1475 C CB  . GLU A 1 229 ? 0.614   7.639   20.511  1.00 42.96 ? 196 GLU A CB  1 
ATOM   1476 C CG  . GLU A 1 229 ? -0.408  6.495   20.384  1.00 45.06 ? 196 GLU A CG  1 
ATOM   1477 C CD  . GLU A 1 229 ? -1.850  6.977   20.204  1.00 48.38 ? 196 GLU A CD  1 
ATOM   1478 O OE1 . GLU A 1 229 ? -2.750  6.109   20.061  1.00 48.70 ? 196 GLU A OE1 1 
ATOM   1479 O OE2 . GLU A 1 229 ? -2.091  8.212   20.208  1.00 49.21 ? 196 GLU A OE2 1 
ATOM   1480 N N   . VAL A 1 230 ? 1.732   6.038   17.864  1.00 40.95 ? 197 VAL A N   1 
ATOM   1481 C CA  . VAL A 1 230 ? 2.503   4.966   17.226  1.00 39.65 ? 197 VAL A CA  1 
ATOM   1482 C C   . VAL A 1 230 ? 3.533   5.574   16.273  1.00 39.23 ? 197 VAL A C   1 
ATOM   1483 O O   . VAL A 1 230 ? 3.201   6.427   15.450  1.00 39.00 ? 197 VAL A O   1 
ATOM   1484 C CB  . VAL A 1 230 ? 1.577   3.976   16.468  1.00 39.77 ? 197 VAL A CB  1 
ATOM   1485 C CG1 . VAL A 1 230 ? 2.383   2.874   15.784  1.00 38.80 ? 197 VAL A CG1 1 
ATOM   1486 C CG2 . VAL A 1 230 ? 0.543   3.374   17.418  1.00 39.19 ? 197 VAL A CG2 1 
ATOM   1487 N N   . MET A 1 231 ? 4.785   5.146   16.415  1.00 38.54 ? 198 MET A N   1 
ATOM   1488 C CA  . MET A 1 231 ? 5.880   5.629   15.581  1.00 38.40 ? 198 MET A CA  1 
ATOM   1489 C C   . MET A 1 231 ? 6.102   4.716   14.380  1.00 36.39 ? 198 MET A C   1 
ATOM   1490 O O   . MET A 1 231 ? 5.917   3.505   14.487  1.00 36.01 ? 198 MET A O   1 
ATOM   1491 C CB  . MET A 1 231 ? 7.168   5.734   16.395  1.00 38.38 ? 198 MET A CB  1 
ATOM   1492 C CG  . MET A 1 231 ? 7.184   6.888   17.398  1.00 40.14 ? 198 MET A CG  1 
ATOM   1493 S SD  . MET A 1 231 ? 8.842   7.190   18.058  1.00 42.42 ? 198 MET A SD  1 
ATOM   1494 C CE  . MET A 1 231 ? 9.185   5.645   18.921  1.00 42.50 ? 198 MET A CE  1 
ATOM   1495 N N   . PRO A 1 232 ? 6.489   5.298   13.229  1.00 35.05 ? 199 PRO A N   1 
ATOM   1496 C CA  . PRO A 1 232 ? 6.770   4.533   12.011  1.00 34.15 ? 199 PRO A CA  1 
ATOM   1497 C C   . PRO A 1 232 ? 7.717   3.340   12.186  1.00 33.43 ? 199 PRO A C   1 
ATOM   1498 O O   . PRO A 1 232 ? 7.516   2.315   11.535  1.00 32.59 ? 199 PRO A O   1 
ATOM   1499 C CB  . PRO A 1 232 ? 7.388   5.578   11.081  1.00 34.00 ? 199 PRO A CB  1 
ATOM   1500 C CG  . PRO A 1 232 ? 6.782   6.857   11.517  1.00 34.02 ? 199 PRO A CG  1 
ATOM   1501 C CD  . PRO A 1 232 ? 6.642   6.748   13.005  1.00 34.71 ? 199 PRO A CD  1 
ATOM   1502 N N   . ASP A 1 233 ? 8.720   3.466   13.060  1.00 33.05 ? 200 ASP A N   1 
ATOM   1503 C CA  . ASP A 1 233 ? 9.746   2.423   13.218  1.00 33.00 ? 200 ASP A CA  1 
ATOM   1504 C C   . ASP A 1 233 ? 9.214   1.064   13.691  1.00 32.34 ? 200 ASP A C   1 
ATOM   1505 O O   . ASP A 1 233 ? 9.870   0.038   13.502  1.00 32.20 ? 200 ASP A O   1 
ATOM   1506 C CB  . ASP A 1 233 ? 10.927  2.902   14.086  1.00 33.58 ? 200 ASP A CB  1 
ATOM   1507 C CG  . ASP A 1 233 ? 10.490  3.443   15.437  1.00 35.31 ? 200 ASP A CG  1 
ATOM   1508 O OD1 . ASP A 1 233 ? 9.877   2.694   16.229  1.00 35.91 ? 200 ASP A OD1 1 
ATOM   1509 O OD2 . ASP A 1 233 ? 10.777  4.629   15.714  1.00 39.15 ? 200 ASP A OD2 1 
ATOM   1510 N N   . LEU A 1 234 ? 8.023   1.059   14.285  1.00 31.76 ? 201 LEU A N   1 
ATOM   1511 C CA  . LEU A 1 234 ? 7.338   -0.182  14.649  1.00 31.48 ? 201 LEU A CA  1 
ATOM   1512 C C   . LEU A 1 234 ? 6.953   -1.015  13.415  1.00 30.91 ? 201 LEU A C   1 
ATOM   1513 O O   . LEU A 1 234 ? 6.810   -2.236  13.508  1.00 30.70 ? 201 LEU A O   1 
ATOM   1514 C CB  . LEU A 1 234 ? 6.102   0.124   15.511  1.00 31.75 ? 201 LEU A CB  1 
ATOM   1515 C CG  . LEU A 1 234 ? 6.233   0.269   17.044  1.00 32.85 ? 201 LEU A CG  1 
ATOM   1516 C CD1 . LEU A 1 234 ? 7.490   1.017   17.501  1.00 32.72 ? 201 LEU A CD1 1 
ATOM   1517 C CD2 . LEU A 1 234 ? 4.993   0.935   17.641  1.00 32.43 ? 201 LEU A CD2 1 
ATOM   1518 N N   . TYR A 1 235 ? 6.816   -0.351  12.265  1.00 30.05 ? 202 TYR A N   1 
ATOM   1519 C CA  . TYR A 1 235 ? 6.418   -0.997  11.003  1.00 29.49 ? 202 TYR A CA  1 
ATOM   1520 C C   . TYR A 1 235 ? 7.606   -1.460  10.154  1.00 30.13 ? 202 TYR A C   1 
ATOM   1521 O O   . TYR A 1 235 ? 7.422   -2.193  9.175   1.00 29.54 ? 202 TYR A O   1 
ATOM   1522 C CB  . TYR A 1 235 ? 5.535   -0.046  10.179  1.00 28.22 ? 202 TYR A CB  1 
ATOM   1523 C CG  . TYR A 1 235 ? 4.110   0.094   10.677  1.00 26.92 ? 202 TYR A CG  1 
ATOM   1524 C CD1 . TYR A 1 235 ? 3.835   0.563   11.965  1.00 25.32 ? 202 TYR A CD1 1 
ATOM   1525 C CD2 . TYR A 1 235 ? 3.030   -0.232  9.850   1.00 25.05 ? 202 TYR A CD2 1 
ATOM   1526 C CE1 . TYR A 1 235 ? 2.530   0.685   12.421  1.00 24.07 ? 202 TYR A CE1 1 
ATOM   1527 C CE2 . TYR A 1 235 ? 1.719   -0.110  10.297  1.00 24.44 ? 202 TYR A CE2 1 
ATOM   1528 C CZ  . TYR A 1 235 ? 1.477   0.352   11.579  1.00 25.23 ? 202 TYR A CZ  1 
ATOM   1529 O OH  . TYR A 1 235 ? 0.184   0.480   12.020  1.00 25.61 ? 202 TYR A OH  1 
ATOM   1530 N N   . PHE A 1 236 ? 8.816   -1.038  10.532  1.00 31.44 ? 203 PHE A N   1 
ATOM   1531 C CA  . PHE A 1 236 ? 10.018  -1.292  9.725   1.00 32.86 ? 203 PHE A CA  1 
ATOM   1532 C C   . PHE A 1 236 ? 10.546  -2.713  9.892   1.00 33.95 ? 203 PHE A C   1 
ATOM   1533 O O   . PHE A 1 236 ? 10.663  -3.213  11.006  1.00 33.95 ? 203 PHE A O   1 
ATOM   1534 C CB  . PHE A 1 236 ? 11.168  -0.320  10.056  1.00 32.85 ? 203 PHE A CB  1 
ATOM   1535 C CG  . PHE A 1 236 ? 10.874  1.143   9.784   1.00 32.91 ? 203 PHE A CG  1 
ATOM   1536 C CD1 . PHE A 1 236 ? 9.705   1.556   9.150   1.00 32.54 ? 203 PHE A CD1 1 
ATOM   1537 C CD2 . PHE A 1 236 ? 11.809  2.113   10.158  1.00 33.68 ? 203 PHE A CD2 1 
ATOM   1538 C CE1 . PHE A 1 236 ? 9.461   2.905   8.914   1.00 33.44 ? 203 PHE A CE1 1 
ATOM   1539 C CE2 . PHE A 1 236 ? 11.577  3.470   9.921   1.00 33.50 ? 203 PHE A CE2 1 
ATOM   1540 C CZ  . PHE A 1 236 ? 10.406  3.867   9.298   1.00 33.27 ? 203 PHE A CZ  1 
ATOM   1541 N N   . TYR A 1 237 ? 10.874  -3.341  8.769   1.00 35.61 ? 204 TYR A N   1 
ATOM   1542 C CA  . TYR A 1 237 ? 11.649  -4.573  8.762   1.00 37.66 ? 204 TYR A CA  1 
ATOM   1543 C C   . TYR A 1 237 ? 13.131  -4.253  8.970   1.00 39.10 ? 204 TYR A C   1 
ATOM   1544 O O   . TYR A 1 237 ? 13.678  -3.348  8.329   1.00 39.75 ? 204 TYR A O   1 
ATOM   1545 C CB  . TYR A 1 237 ? 11.456  -5.321  7.441   1.00 37.78 ? 204 TYR A CB  1 
ATOM   1546 C CG  . TYR A 1 237 ? 12.452  -6.438  7.218   1.00 38.05 ? 204 TYR A CG  1 
ATOM   1547 C CD1 . TYR A 1 237 ? 12.384  -7.619  7.957   1.00 37.71 ? 204 TYR A CD1 1 
ATOM   1548 C CD2 . TYR A 1 237 ? 13.465  -6.313  6.264   1.00 38.58 ? 204 TYR A CD2 1 
ATOM   1549 C CE1 . TYR A 1 237 ? 13.300  -8.645  7.757   1.00 38.55 ? 204 TYR A CE1 1 
ATOM   1550 C CE2 . TYR A 1 237 ? 14.386  -7.332  6.055   1.00 38.88 ? 204 TYR A CE2 1 
ATOM   1551 C CZ  . TYR A 1 237 ? 14.296  -8.493  6.804   1.00 38.55 ? 204 TYR A CZ  1 
ATOM   1552 O OH  . TYR A 1 237 ? 15.205  -9.503  6.604   1.00 39.37 ? 204 TYR A OH  1 
ATOM   1553 N N   . ARG A 1 238 ? 13.775  -5.004  9.858   1.00 40.49 ? 205 ARG A N   1 
ATOM   1554 C CA  . ARG A 1 238 ? 15.199  -4.803  10.172  1.00 41.81 ? 205 ARG A CA  1 
ATOM   1555 C C   . ARG A 1 238 ? 16.113  -5.481  9.148   1.00 41.76 ? 205 ARG A C   1 
ATOM   1556 O O   . ARG A 1 238 ? 16.297  -6.700  9.177   1.00 41.99 ? 205 ARG A O   1 
ATOM   1557 C CB  . ARG A 1 238 ? 15.520  -5.310  11.585  1.00 42.19 ? 205 ARG A CB  1 
ATOM   1558 C CG  . ARG A 1 238 ? 14.611  -4.754  12.691  1.00 44.58 ? 205 ARG A CG  1 
ATOM   1559 C CD  . ARG A 1 238 ? 13.267  -5.496  12.775  1.00 47.56 ? 205 ARG A CD  1 
ATOM   1560 N NE  . ARG A 1 238 ? 12.528  -5.124  13.980  1.00 50.81 ? 205 ARG A NE  1 
ATOM   1561 C CZ  . ARG A 1 238 ? 12.354  -5.919  15.035  1.00 52.61 ? 205 ARG A CZ  1 
ATOM   1562 N NH1 . ARG A 1 238 ? 12.853  -7.152  15.037  1.00 53.73 ? 205 ARG A NH1 1 
ATOM   1563 N NH2 . ARG A 1 238 ? 11.670  -5.483  16.089  1.00 52.85 ? 205 ARG A NH2 1 
HETATM 1564 O O   . HOH B 2 .   ? 7.479   16.566  -14.699 1.00 12.95 ? 221 HOH A O   1 
HETATM 1565 O O   . HOH B 2 .   ? 5.728   -7.999  -1.018  1.00 13.51 ? 222 HOH A O   1 
HETATM 1566 O O   . HOH B 2 .   ? 1.788   -12.258 -1.955  1.00 15.39 ? 223 HOH A O   1 
HETATM 1567 O O   . HOH B 2 .   ? 3.106   -13.415 -6.000  1.00 17.85 ? 224 HOH A O   1 
HETATM 1568 O O   . HOH B 2 .   ? -0.430  -5.404  -11.592 1.00 17.55 ? 225 HOH A O   1 
HETATM 1569 O O   . HOH B 2 .   ? -12.672 -1.186  6.714   1.00 14.33 ? 226 HOH A O   1 
HETATM 1570 O O   . HOH B 2 .   ? 0.868   7.924   -17.141 1.00 19.23 ? 227 HOH A O   1 
HETATM 1571 O O   . HOH B 2 .   ? 10.036  -2.371  6.390   1.00 17.56 ? 228 HOH A O   1 
HETATM 1572 O O   . HOH B 2 .   ? 12.670  2.598   -5.474  1.00 14.98 ? 229 HOH A O   1 
HETATM 1573 O O   . HOH B 2 .   ? -10.665 1.561   13.849  1.00 27.19 ? 230 HOH A O   1 
HETATM 1574 O O   . HOH B 2 .   ? 7.859   -4.434  7.480   1.00 18.24 ? 231 HOH A O   1 
HETATM 1575 O O   . HOH B 2 .   ? 13.389  0.495   -12.361 1.00 22.79 ? 232 HOH A O   1 
HETATM 1576 O O   . HOH B 2 .   ? 1.712   11.653  12.877  1.00 21.29 ? 233 HOH A O   1 
HETATM 1577 O O   . HOH B 2 .   ? -2.697  -18.202 1.237   1.00 21.72 ? 234 HOH A O   1 
HETATM 1578 O O   . HOH B 2 .   ? -14.322 1.544   8.313   1.00 17.04 ? 235 HOH A O   1 
HETATM 1579 O O   . HOH B 2 .   ? 4.587   15.505  -11.509 1.00 13.05 ? 236 HOH A O   1 
HETATM 1580 O O   . HOH B 2 .   ? -10.061 -2.821  7.613   1.00 17.22 ? 237 HOH A O   1 
HETATM 1581 O O   . HOH B 2 .   ? 2.210   14.301  -10.905 1.00 23.87 ? 238 HOH A O   1 
HETATM 1582 O O   . HOH B 2 .   ? -15.005 5.904   2.948   1.00 18.49 ? 239 HOH A O   1 
HETATM 1583 O O   . HOH B 2 .   ? 13.440  3.191   2.244   1.00 18.40 ? 240 HOH A O   1 
HETATM 1584 O O   . HOH B 2 .   ? 1.558   -12.846 0.808   1.00 15.68 ? 241 HOH A O   1 
HETATM 1585 O O   . HOH B 2 .   ? -20.111 -13.020 -3.510  1.00 28.01 ? 242 HOH A O   1 
HETATM 1586 O O   . HOH B 2 .   ? 13.038  6.648   8.011   1.00 31.74 ? 243 HOH A O   1 
HETATM 1587 O O   . HOH B 2 .   ? -14.041 -7.737  12.060  1.00 19.71 ? 244 HOH A O   1 
HETATM 1588 O O   . HOH B 2 .   ? -6.882  -6.959  -10.337 1.00 22.20 ? 245 HOH A O   1 
HETATM 1589 O O   . HOH B 2 .   ? -14.139 0.388   -0.985  1.00 14.18 ? 246 HOH A O   1 
HETATM 1590 O O   . HOH B 2 .   ? -7.229  11.946  -2.695  1.00 19.91 ? 247 HOH A O   1 
HETATM 1591 O O   . HOH B 2 .   ? 13.949  14.418  6.791   1.00 21.08 ? 248 HOH A O   1 
HETATM 1592 O O   . HOH B 2 .   ? -1.623  -8.751  12.888  1.00 24.01 ? 249 HOH A O   1 
HETATM 1593 O O   . HOH B 2 .   ? -10.273 -10.508 4.146   1.00 22.65 ? 250 HOH A O   1 
HETATM 1594 O O   . HOH B 2 .   ? -11.919 -14.463 -3.196  1.00 26.67 ? 251 HOH A O   1 
HETATM 1595 O O   . HOH B 2 .   ? -11.370 -7.108  12.343  1.00 18.80 ? 252 HOH A O   1 
HETATM 1596 O O   . HOH B 2 .   ? 7.119   20.880  3.438   1.00 24.37 ? 253 HOH A O   1 
HETATM 1597 O O   . HOH B 2 .   ? -9.311  -6.365  -9.545  1.00 18.01 ? 254 HOH A O   1 
HETATM 1598 O O   . HOH B 2 .   ? 8.756   19.855  5.089   1.00 23.38 ? 255 HOH A O   1 
HETATM 1599 O O   . HOH B 2 .   ? 9.099   -7.796  8.143   1.00 32.86 ? 256 HOH A O   1 
HETATM 1600 O O   . HOH B 2 .   ? 15.231  2.446   -1.302  1.00 32.39 ? 257 HOH A O   1 
HETATM 1601 O O   . HOH B 2 .   ? 1.052   -7.679  -10.937 1.00 19.57 ? 258 HOH A O   1 
HETATM 1602 O O   . HOH B 2 .   ? -16.488 -12.857 -8.511  1.00 39.49 ? 259 HOH A O   1 
HETATM 1603 O O   . HOH B 2 .   ? 3.939   22.302  -4.529  1.00 34.91 ? 260 HOH A O   1 
HETATM 1604 O O   . HOH B 2 .   ? 6.988   -3.427  -7.879  1.00 21.65 ? 261 HOH A O   1 
HETATM 1605 O O   . HOH B 2 .   ? 5.147   0.798   -20.069 1.00 27.60 ? 262 HOH A O   1 
HETATM 1606 O O   . HOH B 2 .   ? -11.632 6.118   -2.491  1.00 23.14 ? 263 HOH A O   1 
HETATM 1607 O O   . HOH B 2 .   ? -15.171 -0.654  8.995   1.00 24.33 ? 264 HOH A O   1 
HETATM 1608 O O   . HOH B 2 .   ? -3.800  12.084  -7.358  1.00 29.36 ? 265 HOH A O   1 
HETATM 1609 O O   . HOH B 2 .   ? 11.479  -12.009 1.104   1.00 36.00 ? 266 HOH A O   1 
HETATM 1610 O O   . HOH B 2 .   ? -14.550 -11.045 -4.747  1.00 25.34 ? 267 HOH A O   1 
HETATM 1611 O O   . HOH B 2 .   ? -6.115  10.470  19.177  1.00 28.56 ? 268 HOH A O   1 
HETATM 1612 O O   . HOH B 2 .   ? 10.706  8.383   7.844   1.00 23.14 ? 269 HOH A O   1 
HETATM 1613 O O   . HOH B 2 .   ? -14.094 5.255   -1.517  1.00 22.34 ? 270 HOH A O   1 
HETATM 1614 O O   . HOH B 2 .   ? -6.589  5.829   -8.651  1.00 29.05 ? 271 HOH A O   1 
HETATM 1615 O O   . HOH B 2 .   ? -9.302  -0.402  -12.689 1.00 29.91 ? 272 HOH A O   1 
HETATM 1616 O O   . HOH B 2 .   ? 13.528  14.528  9.665   1.00 29.30 ? 273 HOH A O   1 
HETATM 1617 O O   . HOH B 2 .   ? -14.879 -16.133 0.265   1.00 30.94 ? 274 HOH A O   1 
HETATM 1618 O O   . HOH B 2 .   ? 1.580   -16.605 4.704   1.00 29.49 ? 275 HOH A O   1 
HETATM 1619 O O   . HOH B 2 .   ? 13.350  1.054   -7.570  1.00 40.07 ? 276 HOH A O   1 
HETATM 1620 O O   . HOH B 2 .   ? 23.510  7.814   -7.554  1.00 39.37 ? 277 HOH A O   1 
HETATM 1621 O O   . HOH B 2 .   ? -12.884 -12.154 -3.243  1.00 21.48 ? 278 HOH A O   1 
HETATM 1622 O O   . HOH B 2 .   ? 0.938   -18.351 -10.978 1.00 25.15 ? 279 HOH A O   1 
HETATM 1623 O O   . HOH B 2 .   ? 2.256   -8.672  -13.201 1.00 24.30 ? 280 HOH A O   1 
HETATM 1624 O O   . HOH B 2 .   ? -13.405 -1.108  -2.981  1.00 23.47 ? 281 HOH A O   1 
HETATM 1625 O O   . HOH B 2 .   ? -18.591 -10.562 -9.354  1.00 35.61 ? 282 HOH A O   1 
HETATM 1626 O O   . HOH B 2 .   ? -7.896  -1.757  7.069   1.00 32.24 ? 283 HOH A O   1 
HETATM 1627 O O   . HOH B 2 .   ? -17.800 1.699   6.734   1.00 29.67 ? 284 HOH A O   1 
HETATM 1628 O O   . HOH B 2 .   ? 0.009   0.478   14.863  1.00 34.67 ? 285 HOH A O   1 
HETATM 1629 O O   . HOH B 2 .   ? -0.976  -19.098 2.709   1.00 44.03 ? 286 HOH A O   1 
HETATM 1630 O O   . HOH B 2 .   ? 1.037   10.590  -18.317 1.00 26.11 ? 287 HOH A O   1 
HETATM 1631 O O   . HOH B 2 .   ? 4.933   -8.712  -12.706 1.00 29.69 ? 288 HOH A O   1 
HETATM 1632 O O   . HOH B 2 .   ? 3.919   -16.102 -2.099  1.00 34.60 ? 289 HOH A O   1 
HETATM 1633 O O   . HOH B 2 .   ? -7.212  -5.931  14.869  1.00 28.59 ? 290 HOH A O   1 
HETATM 1634 O O   . HOH B 2 .   ? -3.435  11.203  15.910  1.00 41.21 ? 291 HOH A O   1 
HETATM 1635 O O   . HOH B 2 .   ? 0.686   -0.586  -16.487 1.00 33.62 ? 292 HOH A O   1 
HETATM 1636 O O   . HOH B 2 .   ? -11.480 0.172   -3.894  1.00 32.90 ? 293 HOH A O   1 
HETATM 1637 O O   . HOH B 2 .   ? -19.274 -1.107  9.952   1.00 33.82 ? 294 HOH A O   1 
HETATM 1638 O O   . HOH B 2 .   ? -12.885 8.764   -3.011  1.00 35.83 ? 295 HOH A O   1 
HETATM 1639 O O   . HOH B 2 .   ? 8.882   14.321  10.650  1.00 31.97 ? 296 HOH A O   1 
HETATM 1640 O O   . HOH B 2 .   ? -20.770 -1.847  0.688   1.00 29.75 ? 297 HOH A O   1 
HETATM 1641 O O   . HOH B 2 .   ? -2.439  0.803   16.966  1.00 41.52 ? 298 HOH A O   1 
HETATM 1642 O O   . HOH B 2 .   ? 6.396   -2.056  -15.858 1.00 33.20 ? 299 HOH A O   1 
HETATM 1643 O O   . HOH B 2 .   ? -1.735  13.258  -15.526 1.00 31.97 ? 300 HOH A O   1 
HETATM 1644 O O   . HOH B 2 .   ? 11.272  13.163  10.003  1.00 36.23 ? 301 HOH A O   1 
HETATM 1645 O O   . HOH B 2 .   ? -17.924 -7.076  -2.249  1.00 29.01 ? 302 HOH A O   1 
HETATM 1646 O O   . HOH B 2 .   ? 15.026  2.122   -4.249  1.00 39.85 ? 303 HOH A O   1 
HETATM 1647 O O   . HOH B 2 .   ? 2.230   -17.471 -4.423  1.00 33.73 ? 304 HOH A O   1 
HETATM 1648 O O   . HOH B 2 .   ? 2.346   21.660  7.626   1.00 35.65 ? 305 HOH A O   1 
HETATM 1649 O O   . HOH B 2 .   ? -11.382 0.701   -7.312  1.00 36.34 ? 306 HOH A O   1 
HETATM 1650 O O   . HOH B 2 .   ? -0.019  -13.860 7.641   1.00 28.38 ? 307 HOH A O   1 
HETATM 1651 O O   . HOH B 2 .   ? 14.122  -5.097  2.881   1.00 37.53 ? 308 HOH A O   1 
HETATM 1652 O O   . HOH B 2 .   ? 8.614   -0.641  -16.319 1.00 33.22 ? 309 HOH A O   1 
HETATM 1653 O O   . HOH B 2 .   ? 4.377   13.282  10.352  1.00 33.45 ? 310 HOH A O   1 
HETATM 1654 O O   . HOH B 2 .   ? -14.689 2.814   -2.384  1.00 29.31 ? 311 HOH A O   1 
HETATM 1655 O O   . HOH B 2 .   ? -0.431  14.372  8.893   1.00 34.59 ? 312 HOH A O   1 
HETATM 1656 O O   . HOH B 2 .   ? -12.713 2.664   -4.833  1.00 35.15 ? 313 HOH A O   1 
HETATM 1657 O O   . HOH B 2 .   ? -2.045  -24.243 -4.800  1.00 31.53 ? 314 HOH A O   1 
HETATM 1658 O O   . HOH B 2 .   ? 16.233  -1.053  2.564   1.00 29.76 ? 315 HOH A O   1 
HETATM 1659 O O   . HOH B 2 .   ? -4.713  -14.546 7.070   1.00 31.22 ? 316 HOH A O   1 
HETATM 1660 O O   . HOH B 2 .   ? 0.057   -11.431 -15.942 1.00 40.58 ? 317 HOH A O   1 
HETATM 1661 O O   . HOH B 2 .   ? -16.908 -0.235  -0.974  1.00 30.50 ? 318 HOH A O   1 
HETATM 1662 O O   . HOH B 2 .   ? 5.834   -10.540 -11.252 1.00 36.36 ? 319 HOH A O   1 
HETATM 1663 O O   . HOH B 2 .   ? -3.476  11.902  -9.887  1.00 34.78 ? 320 HOH A O   1 
HETATM 1664 O O   . HOH B 2 .   ? 9.839   6.233   13.986  1.00 38.11 ? 321 HOH A O   1 
HETATM 1665 O O   . HOH B 2 .   ? -5.779  0.839   16.564  1.00 33.78 ? 322 HOH A O   1 
HETATM 1666 O O   . HOH B 2 .   ? 15.427  1.608   4.065   1.00 28.23 ? 323 HOH A O   1 
HETATM 1667 O O   . HOH B 2 .   ? -19.510 1.800   3.212   1.00 37.47 ? 324 HOH A O   1 
HETATM 1668 O O   . HOH B 2 .   ? 11.133  10.357  -19.051 1.00 38.40 ? 325 HOH A O   1 
HETATM 1669 O O   . HOH B 2 .   ? -15.556 -6.901  -3.448  1.00 40.63 ? 326 HOH A O   1 
HETATM 1670 O O   . HOH B 2 .   ? 14.562  -0.862  8.714   1.00 38.02 ? 327 HOH A O   1 
HETATM 1671 O O   . HOH B 2 .   ? 0.331   14.922  5.003   1.00 33.82 ? 328 HOH A O   1 
HETATM 1672 O O   . HOH B 2 .   ? 5.895   11.308  -22.820 1.00 44.22 ? 329 HOH A O   1 
HETATM 1673 O O   . HOH B 2 .   ? -19.160 4.753   2.714   1.00 34.53 ? 330 HOH A O   1 
HETATM 1674 O O   . HOH B 2 .   ? -9.198  -0.964  14.915  1.00 39.09 ? 331 HOH A O   1 
HETATM 1675 O O   . HOH B 2 .   ? 8.323   -12.367 -2.465  1.00 36.87 ? 332 HOH A O   1 
HETATM 1676 O O   . HOH B 2 .   ? -5.909  -2.357  -13.623 1.00 31.58 ? 333 HOH A O   1 
HETATM 1677 O O   . HOH B 2 .   ? -2.664  15.477  7.386   1.00 31.40 ? 334 HOH A O   1 
HETATM 1678 O O   . HOH B 2 .   ? 11.899  -2.657  -14.554 1.00 35.80 ? 335 HOH A O   1 
HETATM 1679 O O   . HOH B 2 .   ? 9.993   -2.661  -6.300  1.00 40.33 ? 336 HOH A O   1 
HETATM 1680 O O   . HOH B 2 .   ? -4.797  13.640  7.348   1.00 40.55 ? 337 HOH A O   1 
HETATM 1681 O O   . HOH B 2 .   ? 2.570   -14.327 -3.478  1.00 26.44 ? 338 HOH A O   1 
HETATM 1682 O O   . HOH B 2 .   ? -4.616  8.872   -11.067 1.00 35.99 ? 339 HOH A O   1 
HETATM 1683 O O   . HOH B 2 .   ? -4.288  -8.928  13.493  1.00 29.82 ? 340 HOH A O   1 
HETATM 1684 O O   . HOH B 2 .   ? 7.998   4.744   -20.046 1.00 39.61 ? 341 HOH A O   1 
HETATM 1685 O O   . HOH B 2 .   ? 11.326  3.112   -18.895 1.00 33.04 ? 342 HOH A O   1 
HETATM 1686 O O   . HOH B 2 .   ? -11.366 -12.844 4.373   1.00 40.58 ? 343 HOH A O   1 
HETATM 1687 O O   . HOH B 2 .   ? -22.094 1.309   3.831   1.00 36.69 ? 344 HOH A O   1 
HETATM 1688 O O   . HOH B 2 .   ? 11.580  0.991   -10.131 1.00 40.73 ? 345 HOH A O   1 
HETATM 1689 O O   . HOH B 2 .   ? 14.708  -3.698  0.601   1.00 38.38 ? 346 HOH A O   1 
HETATM 1690 O O   . HOH B 2 .   ? -0.215  14.165  -13.451 1.00 32.20 ? 347 HOH A O   1 
HETATM 1691 O O   . HOH B 2 .   ? -11.741 5.211   -5.019  1.00 43.04 ? 348 HOH A O   1 
HETATM 1692 O O   . HOH B 2 .   ? 5.256   -17.688 5.183   1.00 42.06 ? 349 HOH A O   1 
HETATM 1693 O O   . HOH B 2 .   ? 9.186   -2.864  -9.236  1.00 33.40 ? 350 HOH A O   1 
HETATM 1694 O O   . HOH B 2 .   ? -4.031  2.275   -11.568 1.00 34.81 ? 351 HOH A O   1 
HETATM 1695 O O   . HOH B 2 .   ? 11.525  10.592  9.952   1.00 27.36 ? 352 HOH A O   1 
HETATM 1696 O O   . HOH B 2 .   ? 6.198   6.422   -20.327 1.00 40.20 ? 353 HOH A O   1 
HETATM 1697 O O   . HOH B 2 .   ? 2.008   -7.452  -15.755 1.00 32.45 ? 354 HOH A O   1 
HETATM 1698 O O   . HOH B 2 .   ? 4.023   11.141  14.218  1.00 42.68 ? 355 HOH A O   1 
HETATM 1699 O O   . HOH B 2 .   ? -14.171 7.855   4.588   1.00 44.68 ? 356 HOH A O   1 
HETATM 1700 O O   . HOH B 2 .   ? 16.567  9.086   1.141   1.00 43.73 ? 357 HOH A O   1 
HETATM 1701 O O   . HOH B 2 .   ? -4.724  4.110   -9.740  1.00 35.57 ? 358 HOH A O   1 
HETATM 1702 O O   . HOH B 2 .   ? 2.087   -11.258 -13.652 1.00 30.94 ? 359 HOH A O   1 
HETATM 1703 O O   . HOH B 2 .   ? -15.998 4.393   12.133  1.00 38.58 ? 360 HOH A O   1 
HETATM 1704 O O   . HOH B 2 .   ? 14.935  10.513  10.680  1.00 35.54 ? 361 HOH A O   1 
HETATM 1705 O O   . HOH B 2 .   ? 6.863   -13.411 -5.077  1.00 43.45 ? 362 HOH A O   1 
HETATM 1706 O O   . HOH B 2 .   ? 18.973  10.257  -17.167 1.00 37.28 ? 363 HOH A O   1 
HETATM 1707 O O   . HOH B 2 .   ? 22.703  12.001  -10.806 1.00 44.71 ? 364 HOH A O   1 
HETATM 1708 O O   . HOH B 2 .   ? -3.456  4.074   18.363  1.00 49.21 ? 365 HOH A O   1 
HETATM 1709 O O   . HOH B 2 .   ? 6.400   -16.056 -1.352  1.00 40.59 ? 366 HOH A O   1 
HETATM 1710 O O   . HOH B 2 .   ? -17.476 -19.191 -5.996  0.50 23.73 ? 367 HOH A O   1 
# 
